data_1XCV
# 
_entry.id   1XCV 
# 
_audit_conform.dict_name       mmcif_pdbx.dic 
_audit_conform.dict_version    5.376 
_audit_conform.dict_location   http://mmcif.pdb.org/dictionaries/ascii/mmcif_pdbx.dic 
# 
loop_
_database_2.database_id 
_database_2.database_code 
_database_2.pdbx_database_accession 
_database_2.pdbx_DOI 
PDB   1XCV         pdb_00001xcv 10.2210/pdb1xcv/pdb 
RCSB  RCSB030215   ?            ?                   
WWPDB D_1000030215 ?            ?                   
# 
loop_
_pdbx_database_related.db_name 
_pdbx_database_related.db_id 
_pdbx_database_related.details 
_pdbx_database_related.content_type 
PDB 1P92 'Crystal Structure Of (H79A)Dtxr'                               unspecified 
PDB 2TDX 'Diphtheria Tox Repressor (C102D Mutant) Complexed With Nickel' unspecified 
# 
_pdbx_database_status.status_code                     REL 
_pdbx_database_status.entry_id                        1XCV 
_pdbx_database_status.recvd_initial_deposition_date   2004-09-03 
_pdbx_database_status.deposit_site                    RCSB 
_pdbx_database_status.process_site                    RCSB 
_pdbx_database_status.status_code_sf                  ? 
_pdbx_database_status.status_code_mr                  ? 
_pdbx_database_status.SG_entry                        ? 
_pdbx_database_status.pdb_format_compatible           Y 
_pdbx_database_status.status_code_cs                  ? 
_pdbx_database_status.status_code_nmr_data            ? 
_pdbx_database_status.methods_development_category    ? 
# 
loop_
_audit_author.name 
_audit_author.pdbx_ordinal 
;D'aquino, J.A.
;
1 
'Ringe, D.'      2 
# 
_citation.id                        primary 
_citation.title                     'Mechanism of metal ion activation of the diphtheria toxin repressor DtxR.' 
_citation.journal_abbrev            Proc.Natl.Acad.Sci.USA 
_citation.journal_volume            102 
_citation.page_first                18408 
_citation.page_last                 18413 
_citation.year                      2005 
_citation.journal_id_ASTM           PNASA6 
_citation.country                   US 
_citation.journal_id_ISSN           0027-8424 
_citation.journal_id_CSD            0040 
_citation.book_publisher            ? 
_citation.pdbx_database_id_PubMed   16352732 
_citation.pdbx_database_id_DOI      10.1073/pnas.0500908102 
# 
loop_
_citation_author.citation_id 
_citation_author.name 
_citation_author.ordinal 
_citation_author.identifier_ORCID 
primary 
;D'Aquino, J.A.
;
1 ? 
primary 'Tetenbaum-Novatt, J.' 2 ? 
primary 'White, A.'            3 ? 
primary 'Berkovitch, F.'       4 ? 
primary 'Ringe, D.'            5 ? 
# 
_cell.entry_id           1XCV 
_cell.length_a           63.082 
_cell.length_b           63.082 
_cell.length_c           105.987 
_cell.angle_alpha        90.00 
_cell.angle_beta         90.00 
_cell.angle_gamma        120.00 
_cell.Z_PDB              6 
_cell.pdbx_unique_axis   ? 
_cell.length_a_esd       ? 
_cell.length_b_esd       ? 
_cell.length_c_esd       ? 
_cell.angle_alpha_esd    ? 
_cell.angle_beta_esd     ? 
_cell.angle_gamma_esd    ? 
# 
_symmetry.entry_id                         1XCV 
_symmetry.space_group_name_H-M             'P 31 2 1' 
_symmetry.pdbx_full_space_group_name_H-M   ? 
_symmetry.cell_setting                     ? 
_symmetry.Int_Tables_number                152 
_symmetry.space_group_name_Hall            ? 
# 
loop_
_entity.id 
_entity.type 
_entity.src_method 
_entity.pdbx_description 
_entity.formula_weight 
_entity.pdbx_number_of_molecules 
_entity.pdbx_ec 
_entity.pdbx_mutation 
_entity.pdbx_fragment 
_entity.details 
1 polymer     man 'Diphtheria toxin repressor mutant' 15708.965 1  ? 'H79A, C102D' ? ? 
2 non-polymer syn 'NICKEL (II) ION'                   58.693    1  ? ?             ? ? 
3 water       nat water                               18.015    74 ? ?             ? ? 
# 
_entity_name_com.entity_id   1 
_entity_name_com.name        '(H79AC102D)DTXR, Iron-dependent diphtheria tox regulatory element, Tox regulatory factor' 
# 
_entity_poly.entity_id                      1 
_entity_poly.type                           'polypeptide(L)' 
_entity_poly.nstd_linkage                   no 
_entity_poly.nstd_monomer                   no 
_entity_poly.pdbx_seq_one_letter_code       
;MKDLVDTTEMYLRTIYELEEEGVTPLRARIAERLEQSGPTVSQTVARMERDGLVVVASDRSLQMTPTGRTLATAVMRKAR
LAERLLTDIIGLDINKVHDEADRWEHVMSDEVERRLVKVLKDVSRSPFGNPIPGLDELG
;
_entity_poly.pdbx_seq_one_letter_code_can   
;MKDLVDTTEMYLRTIYELEEEGVTPLRARIAERLEQSGPTVSQTVARMERDGLVVVASDRSLQMTPTGRTLATAVMRKAR
LAERLLTDIIGLDINKVHDEADRWEHVMSDEVERRLVKVLKDVSRSPFGNPIPGLDELG
;
_entity_poly.pdbx_strand_id                 A 
_entity_poly.pdbx_target_identifier         ? 
# 
loop_
_entity_poly_seq.entity_id 
_entity_poly_seq.num 
_entity_poly_seq.mon_id 
_entity_poly_seq.hetero 
1 1   MET n 
1 2   LYS n 
1 3   ASP n 
1 4   LEU n 
1 5   VAL n 
1 6   ASP n 
1 7   THR n 
1 8   THR n 
1 9   GLU n 
1 10  MET n 
1 11  TYR n 
1 12  LEU n 
1 13  ARG n 
1 14  THR n 
1 15  ILE n 
1 16  TYR n 
1 17  GLU n 
1 18  LEU n 
1 19  GLU n 
1 20  GLU n 
1 21  GLU n 
1 22  GLY n 
1 23  VAL n 
1 24  THR n 
1 25  PRO n 
1 26  LEU n 
1 27  ARG n 
1 28  ALA n 
1 29  ARG n 
1 30  ILE n 
1 31  ALA n 
1 32  GLU n 
1 33  ARG n 
1 34  LEU n 
1 35  GLU n 
1 36  GLN n 
1 37  SER n 
1 38  GLY n 
1 39  PRO n 
1 40  THR n 
1 41  VAL n 
1 42  SER n 
1 43  GLN n 
1 44  THR n 
1 45  VAL n 
1 46  ALA n 
1 47  ARG n 
1 48  MET n 
1 49  GLU n 
1 50  ARG n 
1 51  ASP n 
1 52  GLY n 
1 53  LEU n 
1 54  VAL n 
1 55  VAL n 
1 56  VAL n 
1 57  ALA n 
1 58  SER n 
1 59  ASP n 
1 60  ARG n 
1 61  SER n 
1 62  LEU n 
1 63  GLN n 
1 64  MET n 
1 65  THR n 
1 66  PRO n 
1 67  THR n 
1 68  GLY n 
1 69  ARG n 
1 70  THR n 
1 71  LEU n 
1 72  ALA n 
1 73  THR n 
1 74  ALA n 
1 75  VAL n 
1 76  MET n 
1 77  ARG n 
1 78  LYS n 
1 79  ALA n 
1 80  ARG n 
1 81  LEU n 
1 82  ALA n 
1 83  GLU n 
1 84  ARG n 
1 85  LEU n 
1 86  LEU n 
1 87  THR n 
1 88  ASP n 
1 89  ILE n 
1 90  ILE n 
1 91  GLY n 
1 92  LEU n 
1 93  ASP n 
1 94  ILE n 
1 95  ASN n 
1 96  LYS n 
1 97  VAL n 
1 98  HIS n 
1 99  ASP n 
1 100 GLU n 
1 101 ALA n 
1 102 ASP n 
1 103 ARG n 
1 104 TRP n 
1 105 GLU n 
1 106 HIS n 
1 107 VAL n 
1 108 MET n 
1 109 SER n 
1 110 ASP n 
1 111 GLU n 
1 112 VAL n 
1 113 GLU n 
1 114 ARG n 
1 115 ARG n 
1 116 LEU n 
1 117 VAL n 
1 118 LYS n 
1 119 VAL n 
1 120 LEU n 
1 121 LYS n 
1 122 ASP n 
1 123 VAL n 
1 124 SER n 
1 125 ARG n 
1 126 SER n 
1 127 PRO n 
1 128 PHE n 
1 129 GLY n 
1 130 ASN n 
1 131 PRO n 
1 132 ILE n 
1 133 PRO n 
1 134 GLY n 
1 135 LEU n 
1 136 ASP n 
1 137 GLU n 
1 138 LEU n 
1 139 GLY n 
# 
_entity_src_gen.entity_id                          1 
_entity_src_gen.pdbx_src_id                        1 
_entity_src_gen.pdbx_alt_source_flag               sample 
_entity_src_gen.pdbx_seq_type                      ? 
_entity_src_gen.pdbx_beg_seq_num                   ? 
_entity_src_gen.pdbx_end_seq_num                   ? 
_entity_src_gen.gene_src_common_name               ? 
_entity_src_gen.gene_src_genus                     Corynebacterium 
_entity_src_gen.pdbx_gene_src_gene                 dtxR 
_entity_src_gen.gene_src_species                   ? 
_entity_src_gen.gene_src_strain                    ? 
_entity_src_gen.gene_src_tissue                    ? 
_entity_src_gen.gene_src_tissue_fraction           ? 
_entity_src_gen.gene_src_details                   ? 
_entity_src_gen.pdbx_gene_src_fragment             ? 
_entity_src_gen.pdbx_gene_src_scientific_name      'Corynebacterium diphtheriae' 
_entity_src_gen.pdbx_gene_src_ncbi_taxonomy_id     1717 
_entity_src_gen.pdbx_gene_src_variant              ? 
_entity_src_gen.pdbx_gene_src_cell_line            ? 
_entity_src_gen.pdbx_gene_src_atcc                 ? 
_entity_src_gen.pdbx_gene_src_organ                ? 
_entity_src_gen.pdbx_gene_src_organelle            ? 
_entity_src_gen.pdbx_gene_src_cell                 ? 
_entity_src_gen.pdbx_gene_src_cellular_location    ? 
_entity_src_gen.host_org_common_name               ? 
_entity_src_gen.pdbx_host_org_scientific_name      'Escherichia coli' 
_entity_src_gen.pdbx_host_org_ncbi_taxonomy_id     562 
_entity_src_gen.host_org_genus                     Escherichia 
_entity_src_gen.pdbx_host_org_gene                 ? 
_entity_src_gen.pdbx_host_org_organ                ? 
_entity_src_gen.host_org_species                   ? 
_entity_src_gen.pdbx_host_org_tissue               ? 
_entity_src_gen.pdbx_host_org_tissue_fraction      ? 
_entity_src_gen.pdbx_host_org_strain               ? 
_entity_src_gen.pdbx_host_org_variant              ? 
_entity_src_gen.pdbx_host_org_cell_line            ? 
_entity_src_gen.pdbx_host_org_atcc                 ? 
_entity_src_gen.pdbx_host_org_culture_collection   ? 
_entity_src_gen.pdbx_host_org_cell                 ? 
_entity_src_gen.pdbx_host_org_organelle            ? 
_entity_src_gen.pdbx_host_org_cellular_location    ? 
_entity_src_gen.pdbx_host_org_vector_type          ? 
_entity_src_gen.pdbx_host_org_vector               ? 
_entity_src_gen.host_org_details                   ? 
_entity_src_gen.expression_system_id               ? 
_entity_src_gen.plasmid_name                       ? 
_entity_src_gen.plasmid_details                    ? 
_entity_src_gen.pdbx_description                   ? 
# 
_struct_ref.id                         1 
_struct_ref.db_name                    UNP 
_struct_ref.db_code                    DTXR_CORDI 
_struct_ref.pdbx_db_accession          P33120 
_struct_ref.entity_id                  1 
_struct_ref.pdbx_seq_one_letter_code   
;MKDLVDTTEMYLRTIYELEEEGVTPLRARIAERLEQSGPTVSQTVARMERDGLVVVASDRSLQMTPTGRTLATAVMRKHR
LAERLLTDIIGLDINKVHDEACRWEHVMSDEVERRLVKVLKDVSRSPFGNPIPGLDELG
;
_struct_ref.pdbx_align_begin           1 
_struct_ref.pdbx_db_isoform            ? 
# 
_struct_ref_seq.align_id                      1 
_struct_ref_seq.ref_id                        1 
_struct_ref_seq.pdbx_PDB_id_code              1XCV 
_struct_ref_seq.pdbx_strand_id                A 
_struct_ref_seq.seq_align_beg                 1 
_struct_ref_seq.pdbx_seq_align_beg_ins_code   ? 
_struct_ref_seq.seq_align_end                 139 
_struct_ref_seq.pdbx_seq_align_end_ins_code   ? 
_struct_ref_seq.pdbx_db_accession             P33120 
_struct_ref_seq.db_align_beg                  1 
_struct_ref_seq.pdbx_db_align_beg_ins_code    ? 
_struct_ref_seq.db_align_end                  139 
_struct_ref_seq.pdbx_db_align_end_ins_code    ? 
_struct_ref_seq.pdbx_auth_seq_align_beg       1 
_struct_ref_seq.pdbx_auth_seq_align_end       139 
# 
loop_
_struct_ref_seq_dif.align_id 
_struct_ref_seq_dif.pdbx_pdb_id_code 
_struct_ref_seq_dif.mon_id 
_struct_ref_seq_dif.pdbx_pdb_strand_id 
_struct_ref_seq_dif.seq_num 
_struct_ref_seq_dif.pdbx_pdb_ins_code 
_struct_ref_seq_dif.pdbx_seq_db_name 
_struct_ref_seq_dif.pdbx_seq_db_accession_code 
_struct_ref_seq_dif.db_mon_id 
_struct_ref_seq_dif.pdbx_seq_db_seq_num 
_struct_ref_seq_dif.details 
_struct_ref_seq_dif.pdbx_auth_seq_num 
_struct_ref_seq_dif.pdbx_ordinal 
1 1XCV ALA A 79  ? UNP P33120 HIS 79  'engineered mutation' 79  1 
1 1XCV ASP A 102 ? UNP P33120 CYS 102 'engineered mutation' 102 2 
# 
loop_
_chem_comp.id 
_chem_comp.type 
_chem_comp.mon_nstd_flag 
_chem_comp.name 
_chem_comp.pdbx_synonyms 
_chem_comp.formula 
_chem_comp.formula_weight 
ALA 'L-peptide linking' y ALANINE           ? 'C3 H7 N O2'     89.093  
ARG 'L-peptide linking' y ARGININE          ? 'C6 H15 N4 O2 1' 175.209 
ASN 'L-peptide linking' y ASPARAGINE        ? 'C4 H8 N2 O3'    132.118 
ASP 'L-peptide linking' y 'ASPARTIC ACID'   ? 'C4 H7 N O4'     133.103 
CYS 'L-peptide linking' y CYSTEINE          ? 'C3 H7 N O2 S'   121.158 
GLN 'L-peptide linking' y GLUTAMINE         ? 'C5 H10 N2 O3'   146.144 
GLU 'L-peptide linking' y 'GLUTAMIC ACID'   ? 'C5 H9 N O4'     147.129 
GLY 'peptide linking'   y GLYCINE           ? 'C2 H5 N O2'     75.067  
HIS 'L-peptide linking' y HISTIDINE         ? 'C6 H10 N3 O2 1' 156.162 
HOH non-polymer         . WATER             ? 'H2 O'           18.015  
ILE 'L-peptide linking' y ISOLEUCINE        ? 'C6 H13 N O2'    131.173 
LEU 'L-peptide linking' y LEUCINE           ? 'C6 H13 N O2'    131.173 
LYS 'L-peptide linking' y LYSINE            ? 'C6 H15 N2 O2 1' 147.195 
MET 'L-peptide linking' y METHIONINE        ? 'C5 H11 N O2 S'  149.211 
NI  non-polymer         . 'NICKEL (II) ION' ? 'Ni 2'           58.693  
PHE 'L-peptide linking' y PHENYLALANINE     ? 'C9 H11 N O2'    165.189 
PRO 'L-peptide linking' y PROLINE           ? 'C5 H9 N O2'     115.130 
SER 'L-peptide linking' y SERINE            ? 'C3 H7 N O3'     105.093 
THR 'L-peptide linking' y THREONINE         ? 'C4 H9 N O3'     119.119 
TRP 'L-peptide linking' y TRYPTOPHAN        ? 'C11 H12 N2 O2'  204.225 
TYR 'L-peptide linking' y TYROSINE          ? 'C9 H11 N O3'    181.189 
VAL 'L-peptide linking' y VALINE            ? 'C5 H11 N O2'    117.146 
# 
_exptl.entry_id          1XCV 
_exptl.method            'X-RAY DIFFRACTION' 
_exptl.crystals_number   1 
# 
_exptl_crystal.id                    1 
_exptl_crystal.density_meas          ? 
_exptl_crystal.density_Matthews      3.88 
_exptl_crystal.density_percent_sol   68.26 
_exptl_crystal.description           ? 
_exptl_crystal.F_000                 ? 
_exptl_crystal.preparation           ? 
# 
_exptl_crystal_grow.crystal_id      1 
_exptl_crystal_grow.method          'VAPOR DIFFUSION, HANGING DROP' 
_exptl_crystal_grow.temp            298 
_exptl_crystal_grow.temp_details    ? 
_exptl_crystal_grow.pH              7.5 
_exptl_crystal_grow.pdbx_details    'ammonium sulfate, PEG 400, pH 7.5, VAPOR DIFFUSION, HANGING DROP, temperature 298K' 
_exptl_crystal_grow.pdbx_pH_range   . 
# 
_diffrn.id                     1 
_diffrn.ambient_temp           180 
_diffrn.ambient_temp_details   ? 
_diffrn.crystal_id             1 
# 
_diffrn_detector.diffrn_id              1 
_diffrn_detector.detector               CCD 
_diffrn_detector.type                   BRANDEIS 
_diffrn_detector.pdbx_collection_date   2001-04-20 
_diffrn_detector.details                'double-crystal monochromator Si(111), beam focused by a toroidal mirror' 
# 
_diffrn_radiation.diffrn_id                        1 
_diffrn_radiation.wavelength_id                    1 
_diffrn_radiation.pdbx_monochromatic_or_laue_m_l   M 
_diffrn_radiation.monochromator                    ? 
_diffrn_radiation.pdbx_diffrn_protocol             'SINGLE WAVELENGTH' 
_diffrn_radiation.pdbx_scattering_type             x-ray 
# 
_diffrn_radiation_wavelength.id           1 
_diffrn_radiation_wavelength.wavelength   1.0409 
_diffrn_radiation_wavelength.wt           1.0 
# 
_diffrn_source.diffrn_id                   1 
_diffrn_source.source                      SYNCHROTRON 
_diffrn_source.type                        'NSLS BEAMLINE X12C' 
_diffrn_source.pdbx_synchrotron_site       NSLS 
_diffrn_source.pdbx_synchrotron_beamline   X12C 
_diffrn_source.pdbx_wavelength             ? 
_diffrn_source.pdbx_wavelength_list        1.0409 
# 
_reflns.entry_id                     1XCV 
_reflns.observed_criterion_sigma_I   0.0 
_reflns.observed_criterion_sigma_F   ? 
_reflns.d_resolution_low             26.46 
_reflns.d_resolution_high            2.10 
_reflns.number_obs                   13359 
_reflns.number_all                   13359 
_reflns.percent_possible_obs         90.36 
_reflns.pdbx_Rmerge_I_obs            0.049 
_reflns.pdbx_Rsym_value              ? 
_reflns.pdbx_netI_over_sigmaI        10.7 
_reflns.B_iso_Wilson_estimate        15.2 
_reflns.pdbx_redundancy              5.05 
_reflns.R_free_details               ? 
_reflns.limit_h_max                  ? 
_reflns.limit_h_min                  ? 
_reflns.limit_k_max                  ? 
_reflns.limit_k_min                  ? 
_reflns.limit_l_max                  ? 
_reflns.limit_l_min                  ? 
_reflns.observed_criterion_F_max     ? 
_reflns.observed_criterion_F_min     ? 
_reflns.pdbx_chi_squared             ? 
_reflns.pdbx_scaling_rejects         ? 
_reflns.pdbx_ordinal                 1 
_reflns.pdbx_diffrn_id               1 
# 
_reflns_shell.d_res_high             2.10 
_reflns_shell.d_res_low              2.17 
_reflns_shell.percent_possible_all   96.31 
_reflns_shell.Rmerge_I_obs           0.21 
_reflns_shell.pdbx_Rsym_value        ? 
_reflns_shell.meanI_over_sigI_obs    2.9 
_reflns_shell.pdbx_redundancy        3.45 
_reflns_shell.percent_possible_obs   ? 
_reflns_shell.number_unique_all      1410 
_reflns_shell.number_measured_all    ? 
_reflns_shell.number_measured_obs    ? 
_reflns_shell.number_unique_obs      ? 
_reflns_shell.pdbx_chi_squared       ? 
_reflns_shell.pdbx_ordinal           1 
_reflns_shell.pdbx_diffrn_id         1 
# 
_refine.entry_id                                 1XCV 
_refine.ls_number_reflns_obs                     12993 
_refine.ls_number_reflns_all                     13359 
_refine.pdbx_ls_sigma_I                          ? 
_refine.pdbx_ls_sigma_F                          0.0 
_refine.pdbx_data_cutoff_high_absF               210049.96 
_refine.pdbx_data_cutoff_low_absF                0.000000 
_refine.pdbx_data_cutoff_high_rms_absF           ? 
_refine.ls_d_res_low                             7.95 
_refine.ls_d_res_high                            2.10 
_refine.ls_percent_reflns_obs                    88.7 
_refine.ls_R_factor_obs                          0.279 
_refine.ls_R_factor_all                          ? 
_refine.ls_R_factor_R_work                       0.279 
_refine.ls_R_factor_R_free                       0.3 
_refine.ls_R_factor_R_free_error                 0.008 
_refine.ls_R_factor_R_free_error_details         ? 
_refine.ls_percent_reflns_R_free                 10.2 
_refine.ls_number_reflns_R_free                  1326 
_refine.ls_number_parameters                     ? 
_refine.ls_number_restraints                     ? 
_refine.occupancy_min                            ? 
_refine.occupancy_max                            ? 
_refine.correlation_coeff_Fo_to_Fc               ? 
_refine.correlation_coeff_Fo_to_Fc_free          ? 
_refine.B_iso_mean                               35.7 
_refine.aniso_B[1][1]                            2.81 
_refine.aniso_B[2][2]                            2.81 
_refine.aniso_B[3][3]                            -5.63 
_refine.aniso_B[1][2]                            1.90 
_refine.aniso_B[1][3]                            0.00 
_refine.aniso_B[2][3]                            0.00 
_refine.solvent_model_details                    'FLAT MODEL' 
_refine.solvent_model_param_ksol                 0.571685 
_refine.solvent_model_param_bsol                 81.7789 
_refine.pdbx_solvent_vdw_probe_radii             ? 
_refine.pdbx_solvent_ion_probe_radii             ? 
_refine.pdbx_solvent_shrinkage_radii             ? 
_refine.pdbx_ls_cross_valid_method               THROUGHOUT 
_refine.details                                  ? 
_refine.pdbx_starting_model                      'PDB entry 2TDX' 
_refine.pdbx_method_to_determine_struct          'MOLECULAR REPLACEMENT' 
_refine.pdbx_isotropic_thermal_model             RESTRAINED 
_refine.pdbx_stereochemistry_target_values       'Engh & Huber' 
_refine.pdbx_stereochem_target_val_spec_case     ? 
_refine.pdbx_R_Free_selection_details            RANDOM 
_refine.pdbx_overall_ESU_R                       ? 
_refine.pdbx_overall_ESU_R_Free                  ? 
_refine.overall_SU_ML                            ? 
_refine.overall_SU_B                             ? 
_refine.ls_redundancy_reflns_obs                 ? 
_refine.B_iso_min                                ? 
_refine.B_iso_max                                ? 
_refine.overall_SU_R_Cruickshank_DPI             ? 
_refine.overall_SU_R_free                        ? 
_refine.ls_wR_factor_R_free                      ? 
_refine.ls_wR_factor_R_work                      ? 
_refine.overall_FOM_free_R_set                   ? 
_refine.overall_FOM_work_R_set                   ? 
_refine.pdbx_refine_id                           'X-RAY DIFFRACTION' 
_refine.pdbx_overall_phase_error                 ? 
_refine.pdbx_diffrn_id                           1 
_refine.pdbx_TLS_residual_ADP_flag               ? 
_refine.pdbx_overall_SU_R_free_Cruickshank_DPI   ? 
_refine.pdbx_overall_SU_R_Blow_DPI               ? 
_refine.pdbx_overall_SU_R_free_Blow_DPI          ? 
# 
_refine_analyze.entry_id                        1XCV 
_refine_analyze.Luzzati_coordinate_error_obs    0.30 
_refine_analyze.Luzzati_sigma_a_obs             0.12 
_refine_analyze.Luzzati_d_res_low_obs           5.00 
_refine_analyze.Luzzati_coordinate_error_free   0.35 
_refine_analyze.Luzzati_sigma_a_free            0.25 
_refine_analyze.Luzzati_d_res_low_free          ? 
_refine_analyze.number_disordered_residues      ? 
_refine_analyze.occupancy_sum_hydrogen          ? 
_refine_analyze.occupancy_sum_non_hydrogen      ? 
_refine_analyze.pdbx_Luzzati_d_res_high_obs     ? 
_refine_analyze.pdbx_refine_id                  'X-RAY DIFFRACTION' 
# 
_refine_hist.pdbx_refine_id                   'X-RAY DIFFRACTION' 
_refine_hist.cycle_id                         LAST 
_refine_hist.pdbx_number_atoms_protein        1096 
_refine_hist.pdbx_number_atoms_nucleic_acid   0 
_refine_hist.pdbx_number_atoms_ligand         1 
_refine_hist.number_atoms_solvent             74 
_refine_hist.number_atoms_total               1171 
_refine_hist.d_res_high                       2.10 
_refine_hist.d_res_low                        7.95 
# 
loop_
_refine_ls_restr.type 
_refine_ls_restr.dev_ideal 
_refine_ls_restr.dev_ideal_target 
_refine_ls_restr.weight 
_refine_ls_restr.number 
_refine_ls_restr.pdbx_refine_id 
_refine_ls_restr.pdbx_restraint_function 
c_bond_d                0.006 ?    ? ? 'X-RAY DIFFRACTION' ? 
c_bond_d_na             ?     ?    ? ? 'X-RAY DIFFRACTION' ? 
c_bond_d_prot           ?     ?    ? ? 'X-RAY DIFFRACTION' ? 
c_angle_d               ?     ?    ? ? 'X-RAY DIFFRACTION' ? 
c_angle_d_na            ?     ?    ? ? 'X-RAY DIFFRACTION' ? 
c_angle_d_prot          ?     ?    ? ? 'X-RAY DIFFRACTION' ? 
c_angle_deg             1.2   ?    ? ? 'X-RAY DIFFRACTION' ? 
c_angle_deg_na          ?     ?    ? ? 'X-RAY DIFFRACTION' ? 
c_angle_deg_prot        ?     ?    ? ? 'X-RAY DIFFRACTION' ? 
c_dihedral_angle_d      20.1  ?    ? ? 'X-RAY DIFFRACTION' ? 
c_dihedral_angle_d_na   ?     ?    ? ? 'X-RAY DIFFRACTION' ? 
c_dihedral_angle_d_prot ?     ?    ? ? 'X-RAY DIFFRACTION' ? 
c_improper_angle_d      0.97  ?    ? ? 'X-RAY DIFFRACTION' ? 
c_improper_angle_d_na   ?     ?    ? ? 'X-RAY DIFFRACTION' ? 
c_improper_angle_d_prot ?     ?    ? ? 'X-RAY DIFFRACTION' ? 
c_mcbond_it             2.18  1.50 ? ? 'X-RAY DIFFRACTION' ? 
c_mcangle_it            3.15  2.00 ? ? 'X-RAY DIFFRACTION' ? 
c_scbond_it             3.45  2.00 ? ? 'X-RAY DIFFRACTION' ? 
c_scangle_it            4.51  2.50 ? ? 'X-RAY DIFFRACTION' ? 
# 
_refine_ls_shell.pdbx_total_number_of_bins_used   6 
_refine_ls_shell.d_res_high                       2.10 
_refine_ls_shell.d_res_low                        2.23 
_refine_ls_shell.number_reflns_R_work             0 
_refine_ls_shell.R_factor_R_work                  0.26 
_refine_ls_shell.percent_reflns_obs               0.81 
_refine_ls_shell.R_factor_R_free                  0.33 
_refine_ls_shell.R_factor_R_free_error            0.024 
_refine_ls_shell.percent_reflns_R_free            ? 
_refine_ls_shell.number_reflns_R_free             193 
_refine_ls_shell.number_reflns_obs                1720 
_refine_ls_shell.redundancy_reflns_obs            ? 
_refine_ls_shell.number_reflns_all                ? 
_refine_ls_shell.pdbx_refine_id                   'X-RAY DIFFRACTION' 
_refine_ls_shell.R_factor_all                     ? 
# 
loop_
_pdbx_xplor_file.serial_no 
_pdbx_xplor_file.param_file 
_pdbx_xplor_file.topol_file 
_pdbx_xplor_file.pdbx_refine_id 
1 PROTEIN_REP.PARAM PROTEIN.TOP 'X-RAY DIFFRACTION' 
2 ION.PARAM         ION.TOP     'X-RAY DIFFRACTION' 
3 WATER.PARAM       ?           'X-RAY DIFFRACTION' 
# 
_struct.entry_id                  1XCV 
_struct.title                     'Crystal Structure Of (H79AC102D)Dtxr complexed with Nickel(II)' 
_struct.pdbx_model_details        ? 
_struct.pdbx_CASP_flag            ? 
_struct.pdbx_model_type_details   ? 
# 
_struct_keywords.entry_id        1XCV 
_struct_keywords.pdbx_keywords   'DNA BINDING PROTEIN' 
_struct_keywords.text            'helix-turn-helix, DNA BINDING PROTEIN' 
# 
loop_
_struct_asym.id 
_struct_asym.pdbx_blank_PDB_chainid_flag 
_struct_asym.pdbx_modified 
_struct_asym.entity_id 
_struct_asym.details 
A N N 1 ? 
B N N 2 ? 
C N N 3 ? 
# 
_struct_biol.id                    1 
_struct_biol.pdbx_parent_biol_id   ? 
_struct_biol.details               ? 
# 
loop_
_struct_conf.conf_type_id 
_struct_conf.id 
_struct_conf.pdbx_PDB_helix_id 
_struct_conf.beg_label_comp_id 
_struct_conf.beg_label_asym_id 
_struct_conf.beg_label_seq_id 
_struct_conf.pdbx_beg_PDB_ins_code 
_struct_conf.end_label_comp_id 
_struct_conf.end_label_asym_id 
_struct_conf.end_label_seq_id 
_struct_conf.pdbx_end_PDB_ins_code 
_struct_conf.beg_auth_comp_id 
_struct_conf.beg_auth_asym_id 
_struct_conf.beg_auth_seq_id 
_struct_conf.end_auth_comp_id 
_struct_conf.end_auth_asym_id 
_struct_conf.end_auth_seq_id 
_struct_conf.pdbx_PDB_helix_class 
_struct_conf.details 
_struct_conf.pdbx_PDB_helix_length 
HELX_P HELX_P1 1 ASP A 6   ? GLU A 21  ? ASP A 6   GLU A 21  1 ? 16 
HELX_P HELX_P2 2 LEU A 26  ? LEU A 34  ? LEU A 26  LEU A 34  1 ? 9  
HELX_P HELX_P3 3 SER A 37  ? ASP A 51  ? SER A 37  ASP A 51  1 ? 15 
HELX_P HELX_P4 4 THR A 65  ? ILE A 89  ? THR A 65  ILE A 89  1 ? 25 
HELX_P HELX_P5 5 ASP A 93  ? GLU A 105 ? ASP A 93  GLU A 105 1 ? 13 
HELX_P HELX_P6 6 SER A 109 ? LEU A 120 ? SER A 109 LEU A 120 1 ? 12 
# 
_struct_conf_type.id          HELX_P 
_struct_conf_type.criteria    ? 
_struct_conf_type.reference   ? 
# 
loop_
_struct_conn.id 
_struct_conn.conn_type_id 
_struct_conn.pdbx_leaving_atom_flag 
_struct_conn.pdbx_PDB_id 
_struct_conn.ptnr1_label_asym_id 
_struct_conn.ptnr1_label_comp_id 
_struct_conn.ptnr1_label_seq_id 
_struct_conn.ptnr1_label_atom_id 
_struct_conn.pdbx_ptnr1_label_alt_id 
_struct_conn.pdbx_ptnr1_PDB_ins_code 
_struct_conn.pdbx_ptnr1_standard_comp_id 
_struct_conn.ptnr1_symmetry 
_struct_conn.ptnr2_label_asym_id 
_struct_conn.ptnr2_label_comp_id 
_struct_conn.ptnr2_label_seq_id 
_struct_conn.ptnr2_label_atom_id 
_struct_conn.pdbx_ptnr2_label_alt_id 
_struct_conn.pdbx_ptnr2_PDB_ins_code 
_struct_conn.ptnr1_auth_asym_id 
_struct_conn.ptnr1_auth_comp_id 
_struct_conn.ptnr1_auth_seq_id 
_struct_conn.ptnr2_auth_asym_id 
_struct_conn.ptnr2_auth_comp_id 
_struct_conn.ptnr2_auth_seq_id 
_struct_conn.ptnr2_symmetry 
_struct_conn.pdbx_ptnr3_label_atom_id 
_struct_conn.pdbx_ptnr3_label_seq_id 
_struct_conn.pdbx_ptnr3_label_comp_id 
_struct_conn.pdbx_ptnr3_label_asym_id 
_struct_conn.pdbx_ptnr3_label_alt_id 
_struct_conn.pdbx_ptnr3_PDB_ins_code 
_struct_conn.details 
_struct_conn.pdbx_dist_value 
_struct_conn.pdbx_value_order 
_struct_conn.pdbx_role 
metalc1 metalc ? ? A MET 10  SD  ? ? ? 1_555 B NI . NI ? ? A MET 10  A NI 252 1_555 ? ? ? ? ? ? ? 2.453 ? ? 
metalc2 metalc ? ? A ASP 102 OD1 ? ? ? 1_555 B NI . NI ? ? A ASP 102 A NI 252 1_555 ? ? ? ? ? ? ? 1.945 ? ? 
metalc3 metalc ? ? A ASP 102 O   ? ? ? 1_555 B NI . NI ? ? A ASP 102 A NI 252 1_555 ? ? ? ? ? ? ? 2.035 ? ? 
metalc4 metalc ? ? A GLU 105 OE2 ? ? ? 1_555 B NI . NI ? ? A GLU 105 A NI 252 1_555 ? ? ? ? ? ? ? 2.017 ? ? 
metalc5 metalc ? ? A HIS 106 NE2 ? ? ? 1_555 B NI . NI ? ? A HIS 106 A NI 252 1_555 ? ? ? ? ? ? ? 2.170 ? ? 
# 
_struct_conn_type.id          metalc 
_struct_conn_type.criteria    ? 
_struct_conn_type.reference   ? 
# 
_struct_sheet.id               A 
_struct_sheet.type             ? 
_struct_sheet.number_strands   2 
_struct_sheet.details          ? 
# 
_struct_sheet_order.sheet_id     A 
_struct_sheet_order.range_id_1   1 
_struct_sheet_order.range_id_2   2 
_struct_sheet_order.offset       ? 
_struct_sheet_order.sense        anti-parallel 
# 
loop_
_struct_sheet_range.sheet_id 
_struct_sheet_range.id 
_struct_sheet_range.beg_label_comp_id 
_struct_sheet_range.beg_label_asym_id 
_struct_sheet_range.beg_label_seq_id 
_struct_sheet_range.pdbx_beg_PDB_ins_code 
_struct_sheet_range.end_label_comp_id 
_struct_sheet_range.end_label_asym_id 
_struct_sheet_range.end_label_seq_id 
_struct_sheet_range.pdbx_end_PDB_ins_code 
_struct_sheet_range.beg_auth_comp_id 
_struct_sheet_range.beg_auth_asym_id 
_struct_sheet_range.beg_auth_seq_id 
_struct_sheet_range.end_auth_comp_id 
_struct_sheet_range.end_auth_asym_id 
_struct_sheet_range.end_auth_seq_id 
A 1 VAL A 54 ? VAL A 56 ? VAL A 54 VAL A 56 
A 2 LEU A 62 ? MET A 64 ? LEU A 62 MET A 64 
# 
_pdbx_struct_sheet_hbond.sheet_id                A 
_pdbx_struct_sheet_hbond.range_id_1              1 
_pdbx_struct_sheet_hbond.range_id_2              2 
_pdbx_struct_sheet_hbond.range_1_label_atom_id   N 
_pdbx_struct_sheet_hbond.range_1_label_comp_id   VAL 
_pdbx_struct_sheet_hbond.range_1_label_asym_id   A 
_pdbx_struct_sheet_hbond.range_1_label_seq_id    55 
_pdbx_struct_sheet_hbond.range_1_PDB_ins_code    ? 
_pdbx_struct_sheet_hbond.range_1_auth_atom_id    N 
_pdbx_struct_sheet_hbond.range_1_auth_comp_id    VAL 
_pdbx_struct_sheet_hbond.range_1_auth_asym_id    A 
_pdbx_struct_sheet_hbond.range_1_auth_seq_id     55 
_pdbx_struct_sheet_hbond.range_2_label_atom_id   O 
_pdbx_struct_sheet_hbond.range_2_label_comp_id   GLN 
_pdbx_struct_sheet_hbond.range_2_label_asym_id   A 
_pdbx_struct_sheet_hbond.range_2_label_seq_id    63 
_pdbx_struct_sheet_hbond.range_2_PDB_ins_code    ? 
_pdbx_struct_sheet_hbond.range_2_auth_atom_id    O 
_pdbx_struct_sheet_hbond.range_2_auth_comp_id    GLN 
_pdbx_struct_sheet_hbond.range_2_auth_asym_id    A 
_pdbx_struct_sheet_hbond.range_2_auth_seq_id     63 
# 
_struct_site.id                   AC1 
_struct_site.pdbx_evidence_code   Software 
_struct_site.pdbx_auth_asym_id    A 
_struct_site.pdbx_auth_comp_id    NI 
_struct_site.pdbx_auth_seq_id     252 
_struct_site.pdbx_auth_ins_code   ? 
_struct_site.pdbx_num_residues    4 
_struct_site.details              'BINDING SITE FOR RESIDUE NI A 252' 
# 
loop_
_struct_site_gen.id 
_struct_site_gen.site_id 
_struct_site_gen.pdbx_num_res 
_struct_site_gen.label_comp_id 
_struct_site_gen.label_asym_id 
_struct_site_gen.label_seq_id 
_struct_site_gen.pdbx_auth_ins_code 
_struct_site_gen.auth_comp_id 
_struct_site_gen.auth_asym_id 
_struct_site_gen.auth_seq_id 
_struct_site_gen.label_atom_id 
_struct_site_gen.label_alt_id 
_struct_site_gen.symmetry 
_struct_site_gen.details 
1 AC1 4 MET A 10  ? MET A 10  . ? 1_555 ? 
2 AC1 4 ASP A 102 ? ASP A 102 . ? 1_555 ? 
3 AC1 4 GLU A 105 ? GLU A 105 . ? 1_555 ? 
4 AC1 4 HIS A 106 ? HIS A 106 . ? 1_555 ? 
# 
_atom_sites.entry_id                    1XCV 
_atom_sites.fract_transf_matrix[1][1]   -0.01139403 
_atom_sites.fract_transf_matrix[1][2]   0.01277373 
_atom_sites.fract_transf_matrix[1][3]   0.00648481 
_atom_sites.fract_transf_matrix[2][1]   -0.01807944 
_atom_sites.fract_transf_matrix[2][2]   -0.00284614 
_atom_sites.fract_transf_matrix[2][3]   -0.00032608 
_atom_sites.fract_transf_matrix[3][1]   0.00046469 
_atom_sites.fract_transf_matrix[3][2]   -0.00393296 
_atom_sites.fract_transf_matrix[3][3]   0.00856359 
_atom_sites.fract_transf_vector[1]      0.484905 
_atom_sites.fract_transf_vector[2]      0.474561 
_atom_sites.fract_transf_vector[3]      0.627480 
# 
loop_
_atom_type.symbol 
C  
N  
NI 
O  
S  
# 
loop_
_atom_site.group_PDB 
_atom_site.id 
_atom_site.type_symbol 
_atom_site.label_atom_id 
_atom_site.label_alt_id 
_atom_site.label_comp_id 
_atom_site.label_asym_id 
_atom_site.label_entity_id 
_atom_site.label_seq_id 
_atom_site.pdbx_PDB_ins_code 
_atom_site.Cartn_x 
_atom_site.Cartn_y 
_atom_site.Cartn_z 
_atom_site.occupancy 
_atom_site.B_iso_or_equiv 
_atom_site.pdbx_formal_charge 
_atom_site.auth_seq_id 
_atom_site.auth_comp_id 
_atom_site.auth_asym_id 
_atom_site.auth_atom_id 
_atom_site.pdbx_PDB_model_num 
ATOM   1    N  N   . MET A 1 1   ? 6.745   0.363   -18.260 1.00 44.46 ? 1   MET A N   1 
ATOM   2    C  CA  . MET A 1 1   ? 6.090   0.404   -16.920 1.00 42.48 ? 1   MET A CA  1 
ATOM   3    C  C   . MET A 1 1   ? 5.944   -1.002  -16.352 1.00 41.17 ? 1   MET A C   1 
ATOM   4    O  O   . MET A 1 1   ? 5.363   -1.881  -16.994 1.00 42.01 ? 1   MET A O   1 
ATOM   5    C  CB  . MET A 1 1   ? 4.705   1.051   -17.020 1.00 41.40 ? 1   MET A CB  1 
ATOM   6    C  CG  . MET A 1 1   ? 3.972   1.181   -15.685 1.00 37.83 ? 1   MET A CG  1 
ATOM   7    S  SD  . MET A 1 1   ? 2.331   1.912   -15.868 1.00 40.93 ? 1   MET A SD  1 
ATOM   8    C  CE  . MET A 1 1   ? 1.298   0.441   -15.893 1.00 42.84 ? 1   MET A CE  1 
ATOM   9    N  N   . LYS A 1 2   ? 6.475   -1.214  -15.151 1.00 39.92 ? 2   LYS A N   1 
ATOM   10   C  CA  . LYS A 1 2   ? 6.367   -2.514  -14.509 1.00 38.28 ? 2   LYS A CA  1 
ATOM   11   C  C   . LYS A 1 2   ? 4.927   -2.791  -14.117 1.00 37.34 ? 2   LYS A C   1 
ATOM   12   O  O   . LYS A 1 2   ? 4.125   -1.872  -13.917 1.00 32.54 ? 2   LYS A O   1 
ATOM   13   C  CB  . LYS A 1 2   ? 7.256   -2.595  -13.262 1.00 43.18 ? 2   LYS A CB  1 
ATOM   14   C  CG  . LYS A 1 2   ? 8.745   -2.735  -13.563 1.00 49.81 ? 2   LYS A CG  1 
ATOM   15   C  CD  . LYS A 1 2   ? 9.543   -2.996  -12.293 1.00 54.39 ? 2   LYS A CD  1 
ATOM   16   C  CE  . LYS A 1 2   ? 11.013  -3.241  -12.590 1.00 55.30 ? 2   LYS A CE  1 
ATOM   17   N  NZ  . LYS A 1 2   ? 11.669  -2.061  -13.219 1.00 55.88 ? 2   LYS A NZ  1 
ATOM   18   N  N   . ASP A 1 3   ? 4.602   -4.072  -14.010 1.00 33.06 ? 3   ASP A N   1 
ATOM   19   C  CA  . ASP A 1 3   ? 3.255   -4.466  -13.637 1.00 35.26 ? 3   ASP A CA  1 
ATOM   20   C  C   . ASP A 1 3   ? 2.846   -3.972  -12.249 1.00 31.42 ? 3   ASP A C   1 
ATOM   21   O  O   . ASP A 1 3   ? 1.664   -3.774  -11.990 1.00 32.53 ? 3   ASP A O   1 
ATOM   22   C  CB  . ASP A 1 3   ? 3.116   -5.980  -13.742 1.00 38.35 ? 3   ASP A CB  1 
ATOM   23   C  CG  . ASP A 1 3   ? 3.114   -6.451  -15.182 1.00 45.90 ? 3   ASP A CG  1 
ATOM   24   O  OD1 . ASP A 1 3   ? 4.162   -6.328  -15.857 1.00 52.42 ? 3   ASP A OD1 1 
ATOM   25   O  OD2 . ASP A 1 3   ? 2.054   -6.925  -15.647 1.00 49.17 ? 3   ASP A OD2 1 
ATOM   26   N  N   . LEU A 1 4   ? 3.819   -3.762  -11.366 1.00 27.84 ? 4   LEU A N   1 
ATOM   27   C  CA  . LEU A 1 4   ? 3.528   -3.268  -10.018 1.00 28.91 ? 4   LEU A CA  1 
ATOM   28   C  C   . LEU A 1 4   ? 3.458   -1.739  -10.038 1.00 28.12 ? 4   LEU A C   1 
ATOM   29   O  O   . LEU A 1 4   ? 3.109   -1.114  -9.037  1.00 29.75 ? 4   LEU A O   1 
ATOM   30   C  CB  . LEU A 1 4   ? 4.602   -3.735  -9.016  1.00 27.23 ? 4   LEU A CB  1 
ATOM   31   C  CG  . LEU A 1 4   ? 4.679   -5.246  -8.743  1.00 31.75 ? 4   LEU A CG  1 
ATOM   32   C  CD1 . LEU A 1 4   ? 5.757   -5.536  -7.723  1.00 30.68 ? 4   LEU A CD1 1 
ATOM   33   C  CD2 . LEU A 1 4   ? 3.330   -5.756  -8.236  1.00 30.17 ? 4   LEU A CD2 1 
ATOM   34   N  N   . VAL A 1 5   ? 3.791   -1.154  -11.190 1.00 22.27 ? 5   VAL A N   1 
ATOM   35   C  CA  . VAL A 1 5   ? 3.768   0.295   -11.394 1.00 23.38 ? 5   VAL A CA  1 
ATOM   36   C  C   . VAL A 1 5   ? 4.856   0.991   -10.575 1.00 25.48 ? 5   VAL A C   1 
ATOM   37   O  O   . VAL A 1 5   ? 5.710   1.684   -11.128 1.00 26.33 ? 5   VAL A O   1 
ATOM   38   C  CB  . VAL A 1 5   ? 2.386   0.879   -11.035 1.00 23.99 ? 5   VAL A CB  1 
ATOM   39   C  CG1 . VAL A 1 5   ? 2.354   2.363   -11.362 1.00 19.02 ? 5   VAL A CG1 1 
ATOM   40   C  CG2 . VAL A 1 5   ? 1.293   0.141   -11.815 1.00 22.72 ? 5   VAL A CG2 1 
ATOM   41   N  N   . ASP A 1 6   ? 4.811   0.828   -9.258  1.00 20.87 ? 6   ASP A N   1 
ATOM   42   C  CA  . ASP A 1 6   ? 5.835   1.392   -8.393  1.00 24.08 ? 6   ASP A CA  1 
ATOM   43   C  C   . ASP A 1 6   ? 6.216   0.260   -7.441  1.00 24.83 ? 6   ASP A C   1 
ATOM   44   O  O   . ASP A 1 6   ? 5.518   -0.010  -6.460  1.00 23.70 ? 6   ASP A O   1 
ATOM   45   C  CB  . ASP A 1 6   ? 5.323   2.606   -7.607  1.00 23.36 ? 6   ASP A CB  1 
ATOM   46   C  CG  . ASP A 1 6   ? 6.456   3.349   -6.899  1.00 30.41 ? 6   ASP A CG  1 
ATOM   47   O  OD1 . ASP A 1 6   ? 7.258   2.678   -6.206  1.00 25.56 ? 6   ASP A OD1 1 
ATOM   48   O  OD2 . ASP A 1 6   ? 6.555   4.590   -7.038  1.00 24.60 ? 6   ASP A OD2 1 
ATOM   49   N  N   . THR A 1 7   ? 7.324   -0.403  -7.752  1.00 24.76 ? 7   THR A N   1 
ATOM   50   C  CA  . THR A 1 7   ? 7.804   -1.542  -6.975  1.00 27.19 ? 7   THR A CA  1 
ATOM   51   C  C   . THR A 1 7   ? 7.975   -1.306  -5.479  1.00 24.70 ? 7   THR A C   1 
ATOM   52   O  O   . THR A 1 7   ? 7.425   -2.043  -4.662  1.00 24.73 ? 7   THR A O   1 
ATOM   53   C  CB  . THR A 1 7   ? 9.139   -2.048  -7.544  1.00 26.81 ? 7   THR A CB  1 
ATOM   54   O  OG1 . THR A 1 7   ? 8.943   -2.449  -8.905  1.00 28.47 ? 7   THR A OG1 1 
ATOM   55   C  CG2 . THR A 1 7   ? 9.657   -3.229  -6.734  1.00 26.46 ? 7   THR A CG2 1 
ATOM   56   N  N   . THR A 1 8   ? 8.747   -0.287  -5.128  1.00 27.28 ? 8   THR A N   1 
ATOM   57   C  CA  . THR A 1 8   ? 8.996   0.030   -3.732  1.00 25.07 ? 8   THR A CA  1 
ATOM   58   C  C   . THR A 1 8   ? 7.703   0.234   -2.959  1.00 25.02 ? 8   THR A C   1 
ATOM   59   O  O   . THR A 1 8   ? 7.532   -0.335  -1.882  1.00 26.48 ? 8   THR A O   1 
ATOM   60   C  CB  . THR A 1 8   ? 9.875   1.285   -3.607  1.00 24.78 ? 8   THR A CB  1 
ATOM   61   O  OG1 . THR A 1 8   ? 11.154  1.021   -4.198  1.00 27.29 ? 8   THR A OG1 1 
ATOM   62   C  CG2 . THR A 1 8   ? 10.068  1.671   -2.143  1.00 31.78 ? 8   THR A CG2 1 
ATOM   63   N  N   . GLU A 1 9   ? 6.789   1.035   -3.502  1.00 25.16 ? 9   GLU A N   1 
ATOM   64   C  CA  . GLU A 1 9   ? 5.524   1.283   -2.812  1.00 23.92 ? 9   GLU A CA  1 
ATOM   65   C  C   . GLU A 1 9   ? 4.734   -0.006  -2.599  1.00 22.87 ? 9   GLU A C   1 
ATOM   66   O  O   . GLU A 1 9   ? 4.060   -0.158  -1.582  1.00 23.16 ? 9   GLU A O   1 
ATOM   67   C  CB  . GLU A 1 9   ? 4.678   2.300   -3.582  1.00 20.41 ? 9   GLU A CB  1 
ATOM   68   C  CG  . GLU A 1 9   ? 5.338   3.679   -3.691  1.00 22.43 ? 9   GLU A CG  1 
ATOM   69   C  CD  . GLU A 1 9   ? 4.400   4.747   -4.255  1.00 20.66 ? 9   GLU A CD  1 
ATOM   70   O  OE1 . GLU A 1 9   ? 3.396   4.398   -4.923  1.00 23.21 ? 9   GLU A OE1 1 
ATOM   71   O  OE2 . GLU A 1 9   ? 4.679   5.940   -4.036  1.00 19.80 ? 9   GLU A OE2 1 
ATOM   72   N  N   . MET A 1 10  ? 4.820   -0.940  -3.546  1.00 23.97 ? 10  MET A N   1 
ATOM   73   C  CA  . MET A 1 10  ? 4.113   -2.211  -3.397  1.00 25.25 ? 10  MET A CA  1 
ATOM   74   C  C   . MET A 1 10  ? 4.718   -3.098  -2.310  1.00 26.87 ? 10  MET A C   1 
ATOM   75   O  O   . MET A 1 10  ? 3.999   -3.871  -1.671  1.00 29.65 ? 10  MET A O   1 
ATOM   76   C  CB  . MET A 1 10  ? 4.057   -2.974  -4.724  1.00 23.36 ? 10  MET A CB  1 
ATOM   77   C  CG  . MET A 1 10  ? 2.962   -2.466  -5.661  1.00 21.36 ? 10  MET A CG  1 
ATOM   78   S  SD  . MET A 1 10  ? 1.385   -2.197  -4.764  1.00 26.83 ? 10  MET A SD  1 
ATOM   79   C  CE  . MET A 1 10  ? 0.691   -3.838  -4.754  1.00 20.65 ? 10  MET A CE  1 
ATOM   80   N  N   . TYR A 1 11  ? 6.030   -3.004  -2.101  1.00 23.93 ? 11  TYR A N   1 
ATOM   81   C  CA  . TYR A 1 11  ? 6.666   -3.790  -1.041  1.00 25.80 ? 11  TYR A CA  1 
ATOM   82   C  C   . TYR A 1 11  ? 6.191   -3.247  0.304   1.00 23.29 ? 11  TYR A C   1 
ATOM   83   O  O   . TYR A 1 11  ? 5.922   -4.009  1.227   1.00 23.44 ? 11  TYR A O   1 
ATOM   84   C  CB  . TYR A 1 11  ? 8.194   -3.707  -1.122  1.00 23.18 ? 11  TYR A CB  1 
ATOM   85   C  CG  . TYR A 1 11  ? 8.820   -4.717  -2.072  1.00 31.69 ? 11  TYR A CG  1 
ATOM   86   C  CD1 . TYR A 1 11  ? 8.305   -4.911  -3.357  1.00 31.06 ? 11  TYR A CD1 1 
ATOM   87   C  CD2 . TYR A 1 11  ? 9.951   -5.451  -1.700  1.00 26.38 ? 11  TYR A CD2 1 
ATOM   88   C  CE1 . TYR A 1 11  ? 8.896   -5.801  -4.248  1.00 33.18 ? 11  TYR A CE1 1 
ATOM   89   C  CE2 . TYR A 1 11  ? 10.549  -6.346  -2.585  1.00 32.50 ? 11  TYR A CE2 1 
ATOM   90   C  CZ  . TYR A 1 11  ? 10.018  -6.511  -3.859  1.00 35.31 ? 11  TYR A CZ  1 
ATOM   91   O  OH  . TYR A 1 11  ? 10.629  -7.358  -4.752  1.00 35.99 ? 11  TYR A OH  1 
ATOM   92   N  N   . LEU A 1 12  ? 6.087   -1.923  0.407   1.00 27.82 ? 12  LEU A N   1 
ATOM   93   C  CA  . LEU A 1 12  ? 5.627   -1.277  1.636   1.00 26.74 ? 12  LEU A CA  1 
ATOM   94   C  C   . LEU A 1 12  ? 4.155   -1.597  1.891   1.00 24.24 ? 12  LEU A C   1 
ATOM   95   O  O   . LEU A 1 12  ? 3.748   -1.834  3.028   1.00 24.37 ? 12  LEU A O   1 
ATOM   96   C  CB  . LEU A 1 12  ? 5.819   0.241   1.546   1.00 28.68 ? 12  LEU A CB  1 
ATOM   97   C  CG  . LEU A 1 12  ? 7.267   0.724   1.474   1.00 24.98 ? 12  LEU A CG  1 
ATOM   98   C  CD1 . LEU A 1 12  ? 7.308   2.211   1.188   1.00 28.72 ? 12  LEU A CD1 1 
ATOM   99   C  CD2 . LEU A 1 12  ? 7.969   0.404   2.783   1.00 25.82 ? 12  LEU A CD2 1 
ATOM   100  N  N   . ARG A 1 13  ? 3.355   -1.599  0.827   1.00 24.95 ? 13  ARG A N   1 
ATOM   101  C  CA  . ARG A 1 13  ? 1.933   -1.912  0.956   1.00 25.36 ? 13  ARG A CA  1 
ATOM   102  C  C   . ARG A 1 13  ? 1.803   -3.350  1.441   1.00 24.78 ? 13  ARG A C   1 
ATOM   103  O  O   . ARG A 1 13  ? 0.950   -3.663  2.267   1.00 28.44 ? 13  ARG A O   1 
ATOM   104  C  CB  . ARG A 1 13  ? 1.204   -1.774  -0.391  1.00 28.67 ? 13  ARG A CB  1 
ATOM   105  C  CG  . ARG A 1 13  ? -0.227  -2.343  -0.345  1.00 25.83 ? 13  ARG A CG  1 
ATOM   106  C  CD  . ARG A 1 13  ? -0.975  -2.299  -1.670  1.00 28.94 ? 13  ARG A CD  1 
ATOM   107  N  NE  . ARG A 1 13  ? -2.225  -3.066  -1.573  1.00 31.19 ? 13  ARG A NE  1 
ATOM   108  C  CZ  . ARG A 1 13  ? -3.231  -2.998  -2.443  1.00 30.63 ? 13  ARG A CZ  1 
ATOM   109  N  NH1 . ARG A 1 13  ? -3.153  -2.197  -3.497  1.00 28.31 ? 13  ARG A NH1 1 
ATOM   110  N  NH2 . ARG A 1 13  ? -4.333  -3.721  -2.246  1.00 25.22 ? 13  ARG A NH2 1 
ATOM   111  N  N   . THR A 1 14  ? 2.656   -4.222  0.917   1.00 25.58 ? 14  THR A N   1 
ATOM   112  C  CA  . THR A 1 14  ? 2.624   -5.623  1.297   1.00 30.44 ? 14  THR A CA  1 
ATOM   113  C  C   . THR A 1 14  ? 2.961   -5.782  2.770   1.00 29.34 ? 14  THR A C   1 
ATOM   114  O  O   . THR A 1 14  ? 2.247   -6.465  3.497   1.00 27.13 ? 14  THR A O   1 
ATOM   115  C  CB  . THR A 1 14  ? 3.601   -6.459  0.451   1.00 32.08 ? 14  THR A CB  1 
ATOM   116  O  OG1 . THR A 1 14  ? 3.230   -6.368  -0.931  1.00 29.04 ? 14  THR A OG1 1 
ATOM   117  C  CG2 . THR A 1 14  ? 3.560   -7.920  0.883   1.00 28.75 ? 14  THR A CG2 1 
ATOM   118  N  N   . ILE A 1 15  ? 4.039   -5.136  3.207   1.00 30.10 ? 15  ILE A N   1 
ATOM   119  C  CA  . ILE A 1 15  ? 4.451   -5.202  4.606   1.00 26.79 ? 15  ILE A CA  1 
ATOM   120  C  C   . ILE A 1 15  ? 3.327   -4.683  5.500   1.00 27.35 ? 15  ILE A C   1 
ATOM   121  O  O   . ILE A 1 15  ? 3.029   -5.258  6.549   1.00 26.85 ? 15  ILE A O   1 
ATOM   122  C  CB  . ILE A 1 15  ? 5.723   -4.360  4.849   1.00 28.47 ? 15  ILE A CB  1 
ATOM   123  C  CG1 . ILE A 1 15  ? 6.917   -5.005  4.143   1.00 23.94 ? 15  ILE A CG1 1 
ATOM   124  C  CG2 . ILE A 1 15  ? 5.983   -4.229  6.339   1.00 28.53 ? 15  ILE A CG2 1 
ATOM   125  C  CD1 . ILE A 1 15  ? 8.153   -4.109  4.048   1.00 20.81 ? 15  ILE A CD1 1 
ATOM   126  N  N   . TYR A 1 16  ? 2.701   -3.594  5.072   1.00 27.45 ? 16  TYR A N   1 
ATOM   127  C  CA  . TYR A 1 16  ? 1.610   -2.987  5.823   1.00 26.21 ? 16  TYR A CA  1 
ATOM   128  C  C   . TYR A 1 16  ? 0.470   -3.992  6.011   1.00 29.26 ? 16  TYR A C   1 
ATOM   129  O  O   . TYR A 1 16  ? 0.015   -4.226  7.142   1.00 23.96 ? 16  TYR A O   1 
ATOM   130  C  CB  . TYR A 1 16  ? 1.086   -1.753  5.086   1.00 24.69 ? 16  TYR A CB  1 
ATOM   131  C  CG  . TYR A 1 16  ? 0.124   -0.920  5.898   1.00 26.64 ? 16  TYR A CG  1 
ATOM   132  C  CD1 . TYR A 1 16  ? 0.546   0.244   6.548   1.00 27.48 ? 16  TYR A CD1 1 
ATOM   133  C  CD2 . TYR A 1 16  ? -1.206  -1.299  6.035   1.00 26.05 ? 16  TYR A CD2 1 
ATOM   134  C  CE1 . TYR A 1 16  ? -0.339  1.004   7.308   1.00 26.85 ? 16  TYR A CE1 1 
ATOM   135  C  CE2 . TYR A 1 16  ? -2.099  -0.550  6.793   1.00 25.89 ? 16  TYR A CE2 1 
ATOM   136  C  CZ  . TYR A 1 16  ? -1.665  0.595   7.427   1.00 31.27 ? 16  TYR A CZ  1 
ATOM   137  O  OH  . TYR A 1 16  ? -2.557  1.315   8.188   1.00 27.48 ? 16  TYR A OH  1 
ATOM   138  N  N   . GLU A 1 17  ? 0.022   -4.580  4.902   1.00 28.56 ? 17  GLU A N   1 
ATOM   139  C  CA  . GLU A 1 17  ? -1.070  -5.553  4.909   1.00 29.46 ? 17  GLU A CA  1 
ATOM   140  C  C   . GLU A 1 17  ? -0.773  -6.785  5.768   1.00 30.40 ? 17  GLU A C   1 
ATOM   141  O  O   . GLU A 1 17  ? -1.653  -7.285  6.464   1.00 29.72 ? 17  GLU A O   1 
ATOM   142  C  CB  . GLU A 1 17  ? -1.409  -5.973  3.466   1.00 30.96 ? 17  GLU A CB  1 
ATOM   143  C  CG  . GLU A 1 17  ? -1.797  -4.800  2.563   1.00 33.92 ? 17  GLU A CG  1 
ATOM   144  C  CD  . GLU A 1 17  ? -2.174  -5.211  1.143   1.00 36.26 ? 17  GLU A CD  1 
ATOM   145  O  OE1 . GLU A 1 17  ? -1.469  -6.046  0.545   1.00 30.85 ? 17  GLU A OE1 1 
ATOM   146  O  OE2 . GLU A 1 17  ? -3.171  -4.679  0.613   1.00 38.12 ? 17  GLU A OE2 1 
ATOM   147  N  N   . LEU A 1 18  ? 0.465   -7.272  5.724   1.00 31.98 ? 18  LEU A N   1 
ATOM   148  C  CA  . LEU A 1 18  ? 0.835   -8.433  6.526   1.00 32.69 ? 18  LEU A CA  1 
ATOM   149  C  C   . LEU A 1 18  ? 0.673   -8.080  8.006   1.00 32.84 ? 18  LEU A C   1 
ATOM   150  O  O   . LEU A 1 18  ? 0.244   -8.912  8.808   1.00 28.74 ? 18  LEU A O   1 
ATOM   151  C  CB  . LEU A 1 18  ? 2.276   -8.849  6.224   1.00 31.59 ? 18  LEU A CB  1 
ATOM   152  C  CG  . LEU A 1 18  ? 2.494   -9.427  4.819   1.00 34.57 ? 18  LEU A CG  1 
ATOM   153  C  CD1 . LEU A 1 18  ? 3.973   -9.632  4.568   1.00 24.48 ? 18  LEU A CD1 1 
ATOM   154  C  CD2 . LEU A 1 18  ? 1.742   -10.750 4.679   1.00 34.47 ? 18  LEU A CD2 1 
ATOM   155  N  N   . GLU A 1 19  ? 1.012   -6.836  8.346   1.00 31.52 ? 19  GLU A N   1 
ATOM   156  C  CA  . GLU A 1 19  ? 0.891   -6.332  9.709   1.00 35.35 ? 19  GLU A CA  1 
ATOM   157  C  C   . GLU A 1 19  ? -0.572  -6.262  10.111  1.00 34.70 ? 19  GLU A C   1 
ATOM   158  O  O   . GLU A 1 19  ? -0.929  -6.606  11.239  1.00 32.43 ? 19  GLU A O   1 
ATOM   159  C  CB  . GLU A 1 19  ? 1.504   -4.930  9.828   1.00 36.98 ? 19  GLU A CB  1 
ATOM   160  C  CG  . GLU A 1 19  ? 3.023   -4.895  9.803   1.00 39.05 ? 19  GLU A CG  1 
ATOM   161  C  CD  . GLU A 1 19  ? 3.585   -3.491  9.978   1.00 40.38 ? 19  GLU A CD  1 
ATOM   162  O  OE1 . GLU A 1 19  ? 4.818   -3.364  10.119  1.00 38.33 ? 19  GLU A OE1 1 
ATOM   163  O  OE2 . GLU A 1 19  ? 2.799   -2.517  9.971   1.00 37.03 ? 19  GLU A OE2 1 
ATOM   164  N  N   . GLU A 1 20  ? -1.415  -5.805  9.186   1.00 35.82 ? 20  GLU A N   1 
ATOM   165  C  CA  . GLU A 1 20  ? -2.848  -5.692  9.445   1.00 35.20 ? 20  GLU A CA  1 
ATOM   166  C  C   . GLU A 1 20  ? -3.457  -7.040  9.786   1.00 37.83 ? 20  GLU A C   1 
ATOM   167  O  O   . GLU A 1 20  ? -4.411  -7.125  10.560  1.00 36.57 ? 20  GLU A O   1 
ATOM   168  C  CB  . GLU A 1 20  ? -3.590  -5.135  8.228   1.00 38.60 ? 20  GLU A CB  1 
ATOM   169  C  CG  . GLU A 1 20  ? -3.496  -3.632  8.016   1.00 38.67 ? 20  GLU A CG  1 
ATOM   170  C  CD  . GLU A 1 20  ? -4.449  -3.161  6.928   1.00 33.47 ? 20  GLU A CD  1 
ATOM   171  O  OE1 . GLU A 1 20  ? -4.395  -3.722  5.817   1.00 29.29 ? 20  GLU A OE1 1 
ATOM   172  O  OE2 . GLU A 1 20  ? -5.250  -2.240  7.180   1.00 27.89 ? 20  GLU A OE2 1 
ATOM   173  N  N   . GLU A 1 21  ? -2.920  -8.100  9.197   1.00 35.43 ? 21  GLU A N   1 
ATOM   174  C  CA  . GLU A 1 21  ? -3.458  -9.423  9.459   1.00 38.95 ? 21  GLU A CA  1 
ATOM   175  C  C   . GLU A 1 21  ? -2.671  -10.220 10.500  1.00 38.63 ? 21  GLU A C   1 
ATOM   176  O  O   . GLU A 1 21  ? -2.837  -11.435 10.622  1.00 39.42 ? 21  GLU A O   1 
ATOM   177  C  CB  . GLU A 1 21  ? -3.573  -10.197 8.143   1.00 36.10 ? 21  GLU A CB  1 
ATOM   178  C  CG  . GLU A 1 21  ? -2.304  -10.303 7.341   1.00 41.37 ? 21  GLU A CG  1 
ATOM   179  C  CD  . GLU A 1 21  ? -2.583  -10.656 5.890   1.00 44.65 ? 21  GLU A CD  1 
ATOM   180  O  OE1 . GLU A 1 21  ? -1.760  -11.369 5.279   1.00 48.15 ? 21  GLU A OE1 1 
ATOM   181  O  OE2 . GLU A 1 21  ? -3.623  -10.208 5.354   1.00 47.28 ? 21  GLU A OE2 1 
ATOM   182  N  N   . GLY A 1 22  ? -1.826  -9.524  11.259  1.00 36.63 ? 22  GLY A N   1 
ATOM   183  C  CA  . GLY A 1 22  ? -1.048  -10.174 12.299  1.00 36.63 ? 22  GLY A CA  1 
ATOM   184  C  C   . GLY A 1 22  ? -0.060  -11.191 11.774  1.00 39.00 ? 22  GLY A C   1 
ATOM   185  O  O   . GLY A 1 22  ? 0.241   -12.182 12.437  1.00 39.63 ? 22  GLY A O   1 
ATOM   186  N  N   . VAL A 1 23  ? 0.445   -10.937 10.573  1.00 38.50 ? 23  VAL A N   1 
ATOM   187  C  CA  . VAL A 1 23  ? 1.414   -11.814 9.925   1.00 39.23 ? 23  VAL A CA  1 
ATOM   188  C  C   . VAL A 1 23  ? 2.805   -11.182 9.981   1.00 39.31 ? 23  VAL A C   1 
ATOM   189  O  O   . VAL A 1 23  ? 2.977   -10.022 9.616   1.00 38.81 ? 23  VAL A O   1 
ATOM   190  C  CB  . VAL A 1 23  ? 1.027   -12.046 8.443   1.00 40.16 ? 23  VAL A CB  1 
ATOM   191  C  CG1 . VAL A 1 23  ? 2.144   -12.758 7.709   1.00 42.78 ? 23  VAL A CG1 1 
ATOM   192  C  CG2 . VAL A 1 23  ? -0.256  -12.859 8.368   1.00 44.27 ? 23  VAL A CG2 1 
ATOM   193  N  N   . THR A 1 24  ? 3.792   -11.942 10.441  1.00 36.59 ? 24  THR A N   1 
ATOM   194  C  CA  . THR A 1 24  ? 5.157   -11.437 10.523  1.00 35.86 ? 24  THR A CA  1 
ATOM   195  C  C   . THR A 1 24  ? 5.650   -11.085 9.120   1.00 33.81 ? 24  THR A C   1 
ATOM   196  O  O   . THR A 1 24  ? 5.591   -11.912 8.205   1.00 32.30 ? 24  THR A O   1 
ATOM   197  C  CB  . THR A 1 24  ? 6.117   -12.490 11.130  1.00 36.77 ? 24  THR A CB  1 
ATOM   198  O  OG1 . THR A 1 24  ? 5.700   -12.814 12.460  1.00 38.28 ? 24  THR A OG1 1 
ATOM   199  C  CG2 . THR A 1 24  ? 7.534   -11.950 11.178  1.00 36.70 ? 24  THR A CG2 1 
ATOM   200  N  N   . PRO A 1 25  ? 6.124   -9.844  8.927   1.00 34.03 ? 25  PRO A N   1 
ATOM   201  C  CA  . PRO A 1 25  ? 6.624   -9.413  7.616   1.00 33.49 ? 25  PRO A CA  1 
ATOM   202  C  C   . PRO A 1 25  ? 7.963   -10.057 7.289   1.00 35.92 ? 25  PRO A C   1 
ATOM   203  O  O   . PRO A 1 25  ? 8.984   -9.756  7.913   1.00 39.51 ? 25  PRO A O   1 
ATOM   204  C  CB  . PRO A 1 25  ? 6.739   -7.897  7.766   1.00 32.39 ? 25  PRO A CB  1 
ATOM   205  C  CG  . PRO A 1 25  ? 5.686   -7.574  8.804   1.00 32.43 ? 25  PRO A CG  1 
ATOM   206  C  CD  . PRO A 1 25  ? 5.900   -8.680  9.805   1.00 29.16 ? 25  PRO A CD  1 
ATOM   207  N  N   . LEU A 1 26  ? 7.950   -10.955 6.313   1.00 36.02 ? 26  LEU A N   1 
ATOM   208  C  CA  . LEU A 1 26  ? 9.162   -11.642 5.901   1.00 36.79 ? 26  LEU A CA  1 
ATOM   209  C  C   . LEU A 1 26  ? 9.339   -11.522 4.398   1.00 38.84 ? 26  LEU A C   1 
ATOM   210  O  O   . LEU A 1 26  ? 8.368   -11.569 3.643   1.00 40.16 ? 26  LEU A O   1 
ATOM   211  C  CB  . LEU A 1 26  ? 9.095   -13.120 6.291   1.00 37.97 ? 26  LEU A CB  1 
ATOM   212  C  CG  . LEU A 1 26  ? 8.921   -13.420 7.781   1.00 35.40 ? 26  LEU A CG  1 
ATOM   213  C  CD1 . LEU A 1 26  ? 8.929   -14.926 8.004   1.00 37.85 ? 26  LEU A CD1 1 
ATOM   214  C  CD2 . LEU A 1 26  ? 10.045  -12.764 8.565   1.00 35.55 ? 26  LEU A CD2 1 
ATOM   215  N  N   . ARG A 1 27  ? 10.581  -11.355 3.964   1.00 39.83 ? 27  ARG A N   1 
ATOM   216  C  CA  . ARG A 1 27  ? 10.866  -11.249 2.545   1.00 42.18 ? 27  ARG A CA  1 
ATOM   217  C  C   . ARG A 1 27  ? 10.217  -12.425 1.827   1.00 43.22 ? 27  ARG A C   1 
ATOM   218  O  O   . ARG A 1 27  ? 9.686   -12.279 0.724   1.00 44.81 ? 27  ARG A O   1 
ATOM   219  C  CB  . ARG A 1 27  ? 12.376  -11.247 2.316   1.00 39.93 ? 27  ARG A CB  1 
ATOM   220  C  CG  . ARG A 1 27  ? 13.057  -9.960  2.758   1.00 40.86 ? 27  ARG A CG  1 
ATOM   221  C  CD  . ARG A 1 27  ? 14.567  -10.055 2.626   1.00 42.31 ? 27  ARG A CD  1 
ATOM   222  N  NE  . ARG A 1 27  ? 15.143  -10.934 3.637   1.00 47.39 ? 27  ARG A NE  1 
ATOM   223  C  CZ  . ARG A 1 27  ? 16.411  -11.339 3.646   1.00 50.80 ? 27  ARG A CZ  1 
ATOM   224  N  NH1 . ARG A 1 27  ? 17.244  -10.946 2.692   1.00 51.27 ? 27  ARG A NH1 1 
ATOM   225  N  NH2 . ARG A 1 27  ? 16.844  -12.137 4.614   1.00 51.51 ? 27  ARG A NH2 1 
ATOM   226  N  N   . ALA A 1 28  ? 10.242  -13.584 2.476   1.00 41.80 ? 28  ALA A N   1 
ATOM   227  C  CA  . ALA A 1 28  ? 9.664   -14.790 1.912   1.00 41.35 ? 28  ALA A CA  1 
ATOM   228  C  C   . ALA A 1 28  ? 8.190   -14.597 1.596   1.00 43.46 ? 28  ALA A C   1 
ATOM   229  O  O   . ALA A 1 28  ? 7.704   -15.057 0.562   1.00 42.27 ? 28  ALA A O   1 
ATOM   230  C  CB  . ALA A 1 28  ? 9.840   -15.956 2.876   1.00 40.70 ? 28  ALA A CB  1 
ATOM   231  N  N   . ARG A 1 29  ? 7.478   -13.913 2.486   1.00 42.13 ? 29  ARG A N   1 
ATOM   232  C  CA  . ARG A 1 29  ? 6.060   -13.683 2.278   1.00 42.88 ? 29  ARG A CA  1 
ATOM   233  C  C   . ARG A 1 29  ? 5.770   -12.610 1.232   1.00 44.19 ? 29  ARG A C   1 
ATOM   234  O  O   . ARG A 1 29  ? 4.717   -12.639 0.593   1.00 44.76 ? 29  ARG A O   1 
ATOM   235  C  CB  . ARG A 1 29  ? 5.372   -13.365 3.616   1.00 45.82 ? 29  ARG A CB  1 
ATOM   236  C  CG  . ARG A 1 29  ? 4.885   -14.635 4.330   1.00 50.90 ? 29  ARG A CG  1 
ATOM   237  C  CD  . ARG A 1 29  ? 4.362   -14.412 5.747   1.00 56.23 ? 29  ARG A CD  1 
ATOM   238  N  NE  . ARG A 1 29  ? 5.395   -14.649 6.755   1.00 58.08 ? 29  ARG A NE  1 
ATOM   239  C  CZ  . ARG A 1 29  ? 5.158   -14.828 8.052   1.00 58.07 ? 29  ARG A CZ  1 
ATOM   240  N  NH1 . ARG A 1 29  ? 3.917   -14.802 8.518   1.00 59.76 ? 29  ARG A NH1 1 
ATOM   241  N  NH2 . ARG A 1 29  ? 6.164   -15.028 8.888   1.00 63.25 ? 29  ARG A NH2 1 
ATOM   242  N  N   . ILE A 1 30  ? 6.693   -11.671 1.036   1.00 42.28 ? 30  ILE A N   1 
ATOM   243  C  CA  . ILE A 1 30  ? 6.467   -10.643 0.026   1.00 41.60 ? 30  ILE A CA  1 
ATOM   244  C  C   . ILE A 1 30  ? 6.527   -11.322 -1.341  1.00 42.75 ? 30  ILE A C   1 
ATOM   245  O  O   . ILE A 1 30  ? 5.687   -11.078 -2.207  1.00 41.17 ? 30  ILE A O   1 
ATOM   246  C  CB  . ILE A 1 30  ? 7.542   -9.520  0.058   1.00 37.57 ? 30  ILE A CB  1 
ATOM   247  C  CG1 . ILE A 1 30  ? 7.401   -8.668  1.324   1.00 35.75 ? 30  ILE A CG1 1 
ATOM   248  C  CG2 . ILE A 1 30  ? 7.392   -8.632  -1.171  1.00 34.33 ? 30  ILE A CG2 1 
ATOM   249  C  CD1 . ILE A 1 30  ? 8.328   -7.455  1.348   1.00 29.62 ? 30  ILE A CD1 1 
ATOM   250  N  N   . ALA A 1 31  ? 7.528   -12.180 -1.520  1.00 43.30 ? 31  ALA A N   1 
ATOM   251  C  CA  . ALA A 1 31  ? 7.709   -12.901 -2.774  1.00 45.66 ? 31  ALA A CA  1 
ATOM   252  C  C   . ALA A 1 31  ? 6.465   -13.699 -3.134  1.00 47.60 ? 31  ALA A C   1 
ATOM   253  O  O   . ALA A 1 31  ? 6.084   -13.788 -4.299  1.00 47.09 ? 31  ALA A O   1 
ATOM   254  C  CB  . ALA A 1 31  ? 8.905   -13.835 -2.669  1.00 45.38 ? 31  ALA A CB  1 
ATOM   255  N  N   . GLU A 1 32  ? 5.827   -14.268 -2.121  1.00 49.52 ? 32  GLU A N   1 
ATOM   256  C  CA  . GLU A 1 32  ? 4.641   -15.075 -2.331  1.00 51.15 ? 32  GLU A CA  1 
ATOM   257  C  C   . GLU A 1 32  ? 3.429   -14.284 -2.831  1.00 50.63 ? 32  GLU A C   1 
ATOM   258  O  O   . GLU A 1 32  ? 2.817   -14.661 -3.831  1.00 51.26 ? 32  GLU A O   1 
ATOM   259  C  CB  . GLU A 1 32  ? 4.306   -15.824 -1.039  1.00 54.64 ? 32  GLU A CB  1 
ATOM   260  C  CG  . GLU A 1 32  ? 3.993   -17.304 -1.230  1.00 60.33 ? 32  GLU A CG  1 
ATOM   261  C  CD  . GLU A 1 32  ? 4.161   -18.104 0.052   1.00 64.11 ? 32  GLU A CD  1 
ATOM   262  O  OE1 . GLU A 1 32  ? 5.228   -18.734 0.237   1.00 65.08 ? 32  GLU A OE1 1 
ATOM   263  O  OE2 . GLU A 1 32  ? 3.232   -18.091 0.883   1.00 64.55 ? 32  GLU A OE2 1 
ATOM   264  N  N   . ARG A 1 33  ? 3.077   -13.187 -2.164  1.00 50.96 ? 33  ARG A N   1 
ATOM   265  C  CA  . ARG A 1 33  ? 1.914   -12.418 -2.609  1.00 51.07 ? 33  ARG A CA  1 
ATOM   266  C  C   . ARG A 1 33  ? 2.128   -11.457 -3.772  1.00 49.44 ? 33  ARG A C   1 
ATOM   267  O  O   . ARG A 1 33  ? 1.165   -10.975 -4.363  1.00 47.02 ? 33  ARG A O   1 
ATOM   268  C  CB  . ARG A 1 33  ? 1.265   -11.682 -1.440  1.00 54.00 ? 33  ARG A CB  1 
ATOM   269  C  CG  . ARG A 1 33  ? 2.200   -11.173 -0.375  1.00 57.68 ? 33  ARG A CG  1 
ATOM   270  C  CD  . ARG A 1 33  ? 1.365   -10.894 0.856   1.00 60.91 ? 33  ARG A CD  1 
ATOM   271  N  NE  . ARG A 1 33  ? 0.578   -12.077 1.196   1.00 63.06 ? 33  ARG A NE  1 
ATOM   272  C  CZ  . ARG A 1 33  ? -0.463  -12.091 2.025   1.00 65.74 ? 33  ARG A CZ  1 
ATOM   273  N  NH1 . ARG A 1 33  ? -0.869  -10.978 2.621   1.00 63.33 ? 33  ARG A NH1 1 
ATOM   274  N  NH2 . ARG A 1 33  ? -1.101  -13.231 2.255   1.00 67.21 ? 33  ARG A NH2 1 
ATOM   275  N  N   . LEU A 1 34  ? 3.382   -11.186 -4.108  1.00 49.12 ? 34  LEU A N   1 
ATOM   276  C  CA  . LEU A 1 34  ? 3.682   -10.306 -5.232  1.00 50.01 ? 34  LEU A CA  1 
ATOM   277  C  C   . LEU A 1 34  ? 4.261   -11.146 -6.367  1.00 53.71 ? 34  LEU A C   1 
ATOM   278  O  O   . LEU A 1 34  ? 4.734   -10.618 -7.372  1.00 52.49 ? 34  LEU A O   1 
ATOM   279  C  CB  . LEU A 1 34  ? 4.683   -9.219  -4.824  1.00 43.79 ? 34  LEU A CB  1 
ATOM   280  C  CG  . LEU A 1 34  ? 4.131   -8.104  -3.930  1.00 41.08 ? 34  LEU A CG  1 
ATOM   281  C  CD1 . LEU A 1 34  ? 5.214   -7.064  -3.676  1.00 35.69 ? 34  LEU A CD1 1 
ATOM   282  C  CD2 . LEU A 1 34  ? 2.920   -7.458  -4.601  1.00 36.47 ? 34  LEU A CD2 1 
ATOM   283  N  N   . GLU A 1 35  ? 4.207   -12.463 -6.189  1.00 55.11 ? 35  GLU A N   1 
ATOM   284  C  CA  . GLU A 1 35  ? 4.723   -13.406 -7.168  1.00 55.79 ? 35  GLU A CA  1 
ATOM   285  C  C   . GLU A 1 35  ? 6.078   -13.021 -7.735  1.00 56.55 ? 35  GLU A C   1 
ATOM   286  O  O   . GLU A 1 35  ? 6.290   -13.089 -8.943  1.00 58.04 ? 35  GLU A O   1 
ATOM   287  C  CB  . GLU A 1 35  ? 3.735   -13.594 -8.318  1.00 55.82 ? 35  GLU A CB  1 
ATOM   288  C  CG  . GLU A 1 35  ? 2.639   -14.600 -8.035  1.00 62.33 ? 35  GLU A CG  1 
ATOM   289  C  CD  . GLU A 1 35  ? 1.905   -15.030 -9.294  1.00 65.44 ? 35  GLU A CD  1 
ATOM   290  O  OE1 . GLU A 1 35  ? 2.563   -15.540 -10.227 1.00 68.33 ? 35  GLU A OE1 1 
ATOM   291  O  OE2 . GLU A 1 35  ? 0.670   -14.861 -9.350  1.00 68.28 ? 35  GLU A OE2 1 
ATOM   292  N  N   . GLN A 1 36  ? 6.996   -12.609 -6.873  1.00 56.96 ? 36  GLN A N   1 
ATOM   293  C  CA  . GLN A 1 36  ? 8.330   -12.256 -7.334  1.00 58.00 ? 36  GLN A CA  1 
ATOM   294  C  C   . GLN A 1 36  ? 9.342   -13.224 -6.750  1.00 58.16 ? 36  GLN A C   1 
ATOM   295  O  O   . GLN A 1 36  ? 9.150   -13.750 -5.655  1.00 58.53 ? 36  GLN A O   1 
ATOM   296  C  CB  . GLN A 1 36  ? 8.683   -10.812 -6.958  1.00 59.51 ? 36  GLN A CB  1 
ATOM   297  C  CG  . GLN A 1 36  ? 8.393   -9.812  -8.079  1.00 62.33 ? 36  GLN A CG  1 
ATOM   298  C  CD  . GLN A 1 36  ? 8.814   -8.392  -7.740  1.00 64.39 ? 36  GLN A CD  1 
ATOM   299  O  OE1 . GLN A 1 36  ? 8.838   -7.515  -8.603  1.00 64.52 ? 36  GLN A OE1 1 
ATOM   300  N  NE2 . GLN A 1 36  ? 9.142   -8.159  -6.477  1.00 63.50 ? 36  GLN A NE2 1 
ATOM   301  N  N   . SER A 1 37  ? 10.413  -13.469 -7.494  1.00 58.21 ? 37  SER A N   1 
ATOM   302  C  CA  . SER A 1 37  ? 11.457  -14.386 -7.061  1.00 58.08 ? 37  SER A CA  1 
ATOM   303  C  C   . SER A 1 37  ? 12.158  -13.921 -5.787  1.00 58.16 ? 37  SER A C   1 
ATOM   304  O  O   . SER A 1 37  ? 12.146  -12.734 -5.456  1.00 57.71 ? 37  SER A O   1 
ATOM   305  C  CB  . SER A 1 37  ? 12.483  -14.568 -8.183  1.00 58.82 ? 37  SER A CB  1 
ATOM   306  O  OG  . SER A 1 37  ? 12.944  -13.320 -8.674  1.00 63.30 ? 37  SER A OG  1 
ATOM   307  N  N   . GLY A 1 38  ? 12.762  -14.869 -5.077  1.00 56.30 ? 38  GLY A N   1 
ATOM   308  C  CA  . GLY A 1 38  ? 13.472  -14.555 -3.851  1.00 56.81 ? 38  GLY A CA  1 
ATOM   309  C  C   . GLY A 1 38  ? 14.611  -13.573 -4.062  1.00 57.73 ? 38  GLY A C   1 
ATOM   310  O  O   . GLY A 1 38  ? 14.674  -12.554 -3.375  1.00 59.19 ? 38  GLY A O   1 
ATOM   311  N  N   . PRO A 1 39  ? 15.538  -13.847 -4.997  1.00 58.09 ? 39  PRO A N   1 
ATOM   312  C  CA  . PRO A 1 39  ? 16.649  -12.924 -5.231  1.00 56.20 ? 39  PRO A CA  1 
ATOM   313  C  C   . PRO A 1 39  ? 16.152  -11.524 -5.566  1.00 54.82 ? 39  PRO A C   1 
ATOM   314  O  O   . PRO A 1 39  ? 16.730  -10.533 -5.123  1.00 56.98 ? 39  PRO A O   1 
ATOM   315  C  CB  . PRO A 1 39  ? 17.392  -13.575 -6.391  1.00 57.87 ? 39  PRO A CB  1 
ATOM   316  C  CG  . PRO A 1 39  ? 17.189  -15.031 -6.122  1.00 58.67 ? 39  PRO A CG  1 
ATOM   317  C  CD  . PRO A 1 39  ? 15.713  -15.077 -5.790  1.00 59.73 ? 39  PRO A CD  1 
ATOM   318  N  N   . THR A 1 40  ? 15.083  -11.450 -6.352  1.00 52.24 ? 40  THR A N   1 
ATOM   319  C  CA  . THR A 1 40  ? 14.497  -10.171 -6.737  1.00 51.82 ? 40  THR A CA  1 
ATOM   320  C  C   . THR A 1 40  ? 14.026  -9.442  -5.483  1.00 51.21 ? 40  THR A C   1 
ATOM   321  O  O   . THR A 1 40  ? 14.304  -8.257  -5.302  1.00 48.34 ? 40  THR A O   1 
ATOM   322  C  CB  . THR A 1 40  ? 13.297  -10.369 -7.692  1.00 53.58 ? 40  THR A CB  1 
ATOM   323  O  OG1 . THR A 1 40  ? 13.766  -10.878 -8.947  1.00 53.97 ? 40  THR A OG1 1 
ATOM   324  C  CG2 . THR A 1 40  ? 12.563  -9.055  -7.927  1.00 52.51 ? 40  THR A CG2 1 
ATOM   325  N  N   . VAL A 1 41  ? 13.315  -10.159 -4.615  1.00 50.40 ? 41  VAL A N   1 
ATOM   326  C  CA  . VAL A 1 41  ? 12.818  -9.575  -3.376  1.00 49.95 ? 41  VAL A CA  1 
ATOM   327  C  C   . VAL A 1 41  ? 13.983  -9.169  -2.486  1.00 49.45 ? 41  VAL A C   1 
ATOM   328  O  O   . VAL A 1 41  ? 13.979  -8.088  -1.897  1.00 49.40 ? 41  VAL A O   1 
ATOM   329  C  CB  . VAL A 1 41  ? 11.928  -10.567 -2.595  1.00 50.02 ? 41  VAL A CB  1 
ATOM   330  C  CG1 . VAL A 1 41  ? 11.581  -9.988  -1.229  1.00 51.49 ? 41  VAL A CG1 1 
ATOM   331  C  CG2 . VAL A 1 41  ? 10.658  -10.859 -3.378  1.00 47.54 ? 41  VAL A CG2 1 
ATOM   332  N  N   . SER A 1 42  ? 14.986  -10.038 -2.399  1.00 47.76 ? 42  SER A N   1 
ATOM   333  C  CA  . SER A 1 42  ? 16.159  -9.766  -1.576  1.00 48.61 ? 42  SER A CA  1 
ATOM   334  C  C   . SER A 1 42  ? 16.888  -8.523  -2.052  1.00 46.30 ? 42  SER A C   1 
ATOM   335  O  O   . SER A 1 42  ? 17.383  -7.738  -1.245  1.00 46.47 ? 42  SER A O   1 
ATOM   336  C  CB  . SER A 1 42  ? 17.114  -10.959 -1.600  1.00 48.92 ? 42  SER A CB  1 
ATOM   337  O  OG  . SER A 1 42  ? 16.496  -12.106 -1.047  1.00 55.00 ? 42  SER A OG  1 
ATOM   338  N  N   . GLN A 1 43  ? 16.957  -8.346  -3.366  1.00 46.10 ? 43  GLN A N   1 
ATOM   339  C  CA  . GLN A 1 43  ? 17.631  -7.183  -3.924  1.00 46.21 ? 43  GLN A CA  1 
ATOM   340  C  C   . GLN A 1 43  ? 16.848  -5.897  -3.691  1.00 43.56 ? 43  GLN A C   1 
ATOM   341  O  O   . GLN A 1 43  ? 17.426  -4.868  -3.347  1.00 43.51 ? 43  GLN A O   1 
ATOM   342  C  CB  . GLN A 1 43  ? 17.870  -7.361  -5.425  1.00 49.45 ? 43  GLN A CB  1 
ATOM   343  C  CG  . GLN A 1 43  ? 19.004  -8.304  -5.782  1.00 54.11 ? 43  GLN A CG  1 
ATOM   344  C  CD  . GLN A 1 43  ? 19.541  -8.044  -7.178  1.00 57.93 ? 43  GLN A CD  1 
ATOM   345  O  OE1 . GLN A 1 43  ? 19.964  -6.931  -7.493  1.00 59.06 ? 43  GLN A OE1 1 
ATOM   346  N  NE2 . GLN A 1 43  ? 19.525  -9.070  -8.021  1.00 59.53 ? 43  GLN A NE2 1 
ATOM   347  N  N   . THR A 1 44  ? 15.535  -5.950  -3.889  1.00 40.69 ? 44  THR A N   1 
ATOM   348  C  CA  . THR A 1 44  ? 14.708  -4.766  -3.699  1.00 38.86 ? 44  THR A CA  1 
ATOM   349  C  C   . THR A 1 44  ? 14.756  -4.332  -2.238  1.00 35.29 ? 44  THR A C   1 
ATOM   350  O  O   . THR A 1 44  ? 14.999  -3.161  -1.938  1.00 28.32 ? 44  THR A O   1 
ATOM   351  C  CB  . THR A 1 44  ? 13.245  -5.027  -4.106  1.00 38.71 ? 44  THR A CB  1 
ATOM   352  O  OG1 . THR A 1 44  ? 13.203  -5.529  -5.444  1.00 39.60 ? 44  THR A OG1 1 
ATOM   353  C  CG2 . THR A 1 44  ? 12.440  -3.742  -4.038  1.00 39.03 ? 44  THR A CG2 1 
ATOM   354  N  N   . VAL A 1 45  ? 14.530  -5.276  -1.329  1.00 37.03 ? 45  VAL A N   1 
ATOM   355  C  CA  . VAL A 1 45  ? 14.568  -4.963  0.094   1.00 37.77 ? 45  VAL A CA  1 
ATOM   356  C  C   . VAL A 1 45  ? 15.928  -4.382  0.474   1.00 39.45 ? 45  VAL A C   1 
ATOM   357  O  O   . VAL A 1 45  ? 16.008  -3.458  1.280   1.00 39.50 ? 45  VAL A O   1 
ATOM   358  C  CB  . VAL A 1 45  ? 14.280  -6.212  0.948   1.00 36.76 ? 45  VAL A CB  1 
ATOM   359  C  CG1 . VAL A 1 45  ? 14.661  -5.960  2.404   1.00 32.60 ? 45  VAL A CG1 1 
ATOM   360  C  CG2 . VAL A 1 45  ? 12.808  -6.560  0.846   1.00 34.55 ? 45  VAL A CG2 1 
ATOM   361  N  N   . ALA A 1 46  ? 16.992  -4.916  -0.120  1.00 43.00 ? 46  ALA A N   1 
ATOM   362  C  CA  . ALA A 1 46  ? 18.340  -4.435  0.161   1.00 44.89 ? 46  ALA A CA  1 
ATOM   363  C  C   . ALA A 1 46  ? 18.458  -2.960  -0.196  1.00 45.58 ? 46  ALA A C   1 
ATOM   364  O  O   . ALA A 1 46  ? 19.090  -2.188  0.529   1.00 47.50 ? 46  ALA A O   1 
ATOM   365  C  CB  . ALA A 1 46  ? 19.364  -5.247  -0.625  1.00 45.55 ? 46  ALA A CB  1 
ATOM   366  N  N   . ARG A 1 47  ? 17.845  -2.571  -1.313  1.00 42.99 ? 47  ARG A N   1 
ATOM   367  C  CA  . ARG A 1 47  ? 17.883  -1.182  -1.767  1.00 41.79 ? 47  ARG A CA  1 
ATOM   368  C  C   . ARG A 1 47  ? 17.043  -0.284  -0.855  1.00 39.55 ? 47  ARG A C   1 
ATOM   369  O  O   . ARG A 1 47  ? 17.403  0.860   -0.581  1.00 34.61 ? 47  ARG A O   1 
ATOM   370  C  CB  . ARG A 1 47  ? 17.364  -1.078  -3.204  1.00 43.17 ? 47  ARG A CB  1 
ATOM   371  C  CG  . ARG A 1 47  ? 18.246  -0.237  -4.121  1.00 50.54 ? 47  ARG A CG  1 
ATOM   372  C  CD  . ARG A 1 47  ? 18.489  1.152   -3.550  1.00 54.44 ? 47  ARG A CD  1 
ATOM   373  N  NE  . ARG A 1 47  ? 19.606  1.829   -4.207  1.00 59.66 ? 47  ARG A NE  1 
ATOM   374  C  CZ  . ARG A 1 47  ? 19.484  2.797   -5.111  1.00 61.65 ? 47  ARG A CZ  1 
ATOM   375  N  NH1 . ARG A 1 47  ? 18.286  3.223   -5.480  1.00 65.86 ? 47  ARG A NH1 1 
ATOM   376  N  NH2 . ARG A 1 47  ? 20.567  3.338   -5.653  1.00 60.20 ? 47  ARG A NH2 1 
ATOM   377  N  N   . MET A 1 48  ? 15.915  -0.810  -0.394  1.00 38.32 ? 48  MET A N   1 
ATOM   378  C  CA  . MET A 1 48  ? 15.028  -0.061  0.489   1.00 37.72 ? 48  MET A CA  1 
ATOM   379  C  C   . MET A 1 48  ? 15.726  0.272   1.816   1.00 37.68 ? 48  MET A C   1 
ATOM   380  O  O   . MET A 1 48  ? 15.389  1.261   2.472   1.00 33.84 ? 48  MET A O   1 
ATOM   381  C  CB  . MET A 1 48  ? 13.740  -0.860  0.726   1.00 33.03 ? 48  MET A CB  1 
ATOM   382  C  CG  . MET A 1 48  ? 12.919  -1.049  -0.550  1.00 33.17 ? 48  MET A CG  1 
ATOM   383  S  SD  . MET A 1 48  ? 11.459  -2.076  -0.339  1.00 34.73 ? 48  MET A SD  1 
ATOM   384  C  CE  . MET A 1 48  ? 10.692  -1.297  1.067   1.00 45.77 ? 48  MET A CE  1 
ATOM   385  N  N   . GLU A 1 49  ? 16.705  -0.549  2.198   1.00 39.79 ? 49  GLU A N   1 
ATOM   386  C  CA  . GLU A 1 49  ? 17.464  -0.317  3.423   1.00 41.93 ? 49  GLU A CA  1 
ATOM   387  C  C   . GLU A 1 49  ? 18.352  0.902   3.233   1.00 44.73 ? 49  GLU A C   1 
ATOM   388  O  O   . GLU A 1 49  ? 18.286  1.859   4.007   1.00 44.27 ? 49  GLU A O   1 
ATOM   389  C  CB  . GLU A 1 49  ? 18.332  -1.531  3.771   1.00 44.42 ? 49  GLU A CB  1 
ATOM   390  C  CG  . GLU A 1 49  ? 17.568  -2.727  4.313   1.00 46.54 ? 49  GLU A CG  1 
ATOM   391  C  CD  . GLU A 1 49  ? 18.487  -3.812  4.858   1.00 50.46 ? 49  GLU A CD  1 
ATOM   392  O  OE1 . GLU A 1 49  ? 19.273  -4.379  4.072   1.00 50.76 ? 49  GLU A OE1 1 
ATOM   393  O  OE2 . GLU A 1 49  ? 18.422  -4.100  6.074   1.00 52.24 ? 49  GLU A OE2 1 
ATOM   394  N  N   . ARG A 1 50  ? 19.180  0.868   2.194   1.00 47.12 ? 50  ARG A N   1 
ATOM   395  C  CA  . ARG A 1 50  ? 20.066  1.986   1.909   1.00 48.99 ? 50  ARG A CA  1 
ATOM   396  C  C   . ARG A 1 50  ? 19.252  3.257   1.703   1.00 46.31 ? 50  ARG A C   1 
ATOM   397  O  O   . ARG A 1 50  ? 19.724  4.363   1.972   1.00 48.03 ? 50  ARG A O   1 
ATOM   398  C  CB  . ARG A 1 50  ? 20.928  1.681   0.679   1.00 55.75 ? 50  ARG A CB  1 
ATOM   399  C  CG  . ARG A 1 50  ? 22.145  0.813   1.001   1.00 61.20 ? 50  ARG A CG  1 
ATOM   400  C  CD  . ARG A 1 50  ? 22.157  -0.494  0.223   1.00 66.72 ? 50  ARG A CD  1 
ATOM   401  N  NE  . ARG A 1 50  ? 22.392  -0.285  -1.203  1.00 71.11 ? 50  ARG A NE  1 
ATOM   402  C  CZ  . ARG A 1 50  ? 22.450  -1.264  -2.101  1.00 75.17 ? 50  ARG A CZ  1 
ATOM   403  N  NH1 . ARG A 1 50  ? 22.288  -2.525  -1.723  1.00 75.29 ? 50  ARG A NH1 1 
ATOM   404  N  NH2 . ARG A 1 50  ? 22.669  -0.982  -3.378  1.00 77.66 ? 50  ARG A NH2 1 
ATOM   405  N  N   . ASP A 1 51  ? 18.023  3.100   1.227   1.00 43.02 ? 51  ASP A N   1 
ATOM   406  C  CA  . ASP A 1 51  ? 17.150  4.244   1.027   1.00 40.29 ? 51  ASP A CA  1 
ATOM   407  C  C   . ASP A 1 51  ? 16.577  4.663   2.381   1.00 36.32 ? 51  ASP A C   1 
ATOM   408  O  O   . ASP A 1 51  ? 15.929  5.693   2.491   1.00 32.70 ? 51  ASP A O   1 
ATOM   409  C  CB  . ASP A 1 51  ? 16.014  3.890   0.062   1.00 45.26 ? 51  ASP A CB  1 
ATOM   410  C  CG  . ASP A 1 51  ? 16.452  3.915   -1.389  1.00 48.90 ? 51  ASP A CG  1 
ATOM   411  O  OD1 . ASP A 1 51  ? 17.525  3.361   -1.707  1.00 49.97 ? 51  ASP A OD1 1 
ATOM   412  O  OD2 . ASP A 1 51  ? 15.715  4.486   -2.217  1.00 56.53 ? 51  ASP A OD2 1 
ATOM   413  N  N   . GLY A 1 52  ? 16.816  3.844   3.402   1.00 33.65 ? 52  GLY A N   1 
ATOM   414  C  CA  . GLY A 1 52  ? 16.330  4.148   4.739   1.00 32.18 ? 52  GLY A CA  1 
ATOM   415  C  C   . GLY A 1 52  ? 14.832  3.987   4.915   1.00 31.61 ? 52  GLY A C   1 
ATOM   416  O  O   . GLY A 1 52  ? 14.219  4.688   5.723   1.00 28.67 ? 52  GLY A O   1 
ATOM   417  N  N   . LEU A 1 53  ? 14.239  3.054   4.174   1.00 29.17 ? 53  LEU A N   1 
ATOM   418  C  CA  . LEU A 1 53  ? 12.797  2.823   4.246   1.00 28.17 ? 53  LEU A CA  1 
ATOM   419  C  C   . LEU A 1 53  ? 12.402  1.615   5.078   1.00 27.01 ? 53  LEU A C   1 
ATOM   420  O  O   . LEU A 1 53  ? 11.252  1.495   5.499   1.00 24.09 ? 53  LEU A O   1 
ATOM   421  C  CB  . LEU A 1 53  ? 12.231  2.654   2.840   1.00 30.30 ? 53  LEU A CB  1 
ATOM   422  C  CG  . LEU A 1 53  ? 12.379  3.886   1.960   1.00 27.52 ? 53  LEU A CG  1 
ATOM   423  C  CD1 . LEU A 1 53  ? 11.970  3.540   0.543   1.00 29.58 ? 53  LEU A CD1 1 
ATOM   424  C  CD2 . LEU A 1 53  ? 11.531  5.021   2.538   1.00 24.42 ? 53  LEU A CD2 1 
ATOM   425  N  N   . VAL A 1 54  ? 13.355  0.723   5.315   1.00 25.49 ? 54  VAL A N   1 
ATOM   426  C  CA  . VAL A 1 54  ? 13.075  -0.483  6.073   1.00 26.00 ? 54  VAL A CA  1 
ATOM   427  C  C   . VAL A 1 54  ? 14.349  -1.073  6.672   1.00 29.53 ? 54  VAL A C   1 
ATOM   428  O  O   . VAL A 1 54  ? 15.454  -0.820  6.189   1.00 26.32 ? 54  VAL A O   1 
ATOM   429  C  CB  . VAL A 1 54  ? 12.451  -1.552  5.150   1.00 30.86 ? 54  VAL A CB  1 
ATOM   430  C  CG1 . VAL A 1 54  ? 13.477  -1.976  4.111   1.00 27.23 ? 54  VAL A CG1 1 
ATOM   431  C  CG2 . VAL A 1 54  ? 11.969  -2.751  5.962   1.00 27.98 ? 54  VAL A CG2 1 
ATOM   432  N  N   . VAL A 1 55  ? 14.184  -1.871  7.718   1.00 27.89 ? 55  VAL A N   1 
ATOM   433  C  CA  . VAL A 1 55  ? 15.318  -2.517  8.350   1.00 32.47 ? 55  VAL A CA  1 
ATOM   434  C  C   . VAL A 1 55  ? 15.066  -4.016  8.406   1.00 33.28 ? 55  VAL A C   1 
ATOM   435  O  O   . VAL A 1 55  ? 13.964  -4.456  8.745   1.00 33.86 ? 55  VAL A O   1 
ATOM   436  C  CB  . VAL A 1 55  ? 15.542  -1.994  9.791   1.00 35.30 ? 55  VAL A CB  1 
ATOM   437  C  CG1 . VAL A 1 55  ? 16.376  -2.991  10.591  1.00 35.61 ? 55  VAL A CG1 1 
ATOM   438  C  CG2 . VAL A 1 55  ? 16.252  -0.651  9.747   1.00 35.91 ? 55  VAL A CG2 1 
ATOM   439  N  N   . VAL A 1 56  ? 16.075  -4.794  8.040   1.00 34.44 ? 56  VAL A N   1 
ATOM   440  C  CA  . VAL A 1 56  ? 15.970  -6.248  8.109   1.00 36.98 ? 56  VAL A CA  1 
ATOM   441  C  C   . VAL A 1 56  ? 16.438  -6.559  9.531   1.00 39.09 ? 56  VAL A C   1 
ATOM   442  O  O   . VAL A 1 56  ? 17.630  -6.483  9.817   1.00 35.55 ? 56  VAL A O   1 
ATOM   443  C  CB  . VAL A 1 56  ? 16.916  -6.946  7.100   1.00 36.26 ? 56  VAL A CB  1 
ATOM   444  C  CG1 . VAL A 1 56  ? 16.824  -8.459  7.261   1.00 40.42 ? 56  VAL A CG1 1 
ATOM   445  C  CG2 . VAL A 1 56  ? 16.558  -6.543  5.678   1.00 42.48 ? 56  VAL A CG2 1 
ATOM   446  N  N   . ALA A 1 57  ? 15.499  -6.882  10.418  1.00 42.31 ? 57  ALA A N   1 
ATOM   447  C  CA  . ALA A 1 57  ? 15.828  -7.175  11.814  1.00 47.88 ? 57  ALA A CA  1 
ATOM   448  C  C   . ALA A 1 57  ? 16.646  -8.457  11.993  1.00 52.03 ? 57  ALA A C   1 
ATOM   449  O  O   . ALA A 1 57  ? 16.753  -9.274  11.075  1.00 51.12 ? 57  ALA A O   1 
ATOM   450  C  CB  . ALA A 1 57  ? 14.553  -7.242  12.647  1.00 44.64 ? 57  ALA A CB  1 
ATOM   451  N  N   . SER A 1 58  ? 17.224  -8.625  13.181  1.00 56.33 ? 58  SER A N   1 
ATOM   452  C  CA  . SER A 1 58  ? 18.036  -9.801  13.476  1.00 58.77 ? 58  SER A CA  1 
ATOM   453  C  C   . SER A 1 58  ? 17.294  -11.079 13.117  1.00 58.92 ? 58  SER A C   1 
ATOM   454  O  O   . SER A 1 58  ? 17.855  -11.976 12.484  1.00 59.35 ? 58  SER A O   1 
ATOM   455  C  CB  . SER A 1 58  ? 18.417  -9.839  14.954  1.00 61.84 ? 58  SER A CB  1 
ATOM   456  O  OG  . SER A 1 58  ? 19.160  -11.010 15.249  1.00 63.96 ? 58  SER A OG  1 
ATOM   457  N  N   . ASP A 1 59  ? 16.033  -11.160 13.526  1.00 58.73 ? 59  ASP A N   1 
ATOM   458  C  CA  . ASP A 1 59  ? 15.211  -12.328 13.235  1.00 58.82 ? 59  ASP A CA  1 
ATOM   459  C  C   . ASP A 1 59  ? 14.777  -12.339 11.770  1.00 58.19 ? 59  ASP A C   1 
ATOM   460  O  O   . ASP A 1 59  ? 13.971  -13.174 11.355  1.00 58.32 ? 59  ASP A O   1 
ATOM   461  C  CB  . ASP A 1 59  ? 13.978  -12.347 14.143  1.00 62.33 ? 59  ASP A CB  1 
ATOM   462  C  CG  . ASP A 1 59  ? 13.235  -11.029 14.141  1.00 63.66 ? 59  ASP A CG  1 
ATOM   463  O  OD1 . ASP A 1 59  ? 13.464  -10.206 15.051  1.00 65.18 ? 59  ASP A OD1 1 
ATOM   464  O  OD2 . ASP A 1 59  ? 12.435  -10.806 13.216  1.00 67.36 ? 59  ASP A OD2 1 
ATOM   465  N  N   . ARG A 1 60  ? 15.317  -11.396 11.003  1.00 55.22 ? 60  ARG A N   1 
ATOM   466  C  CA  . ARG A 1 60  ? 15.028  -11.252 9.576   1.00 54.18 ? 60  ARG A CA  1 
ATOM   467  C  C   . ARG A 1 60  ? 13.634  -10.731 9.223   1.00 51.06 ? 60  ARG A C   1 
ATOM   468  O  O   . ARG A 1 60  ? 13.258  -10.707 8.050   1.00 47.63 ? 60  ARG A O   1 
ATOM   469  C  CB  . ARG A 1 60  ? 15.291  -12.570 8.835   1.00 57.68 ? 60  ARG A CB  1 
ATOM   470  C  CG  . ARG A 1 60  ? 16.565  -12.564 7.975   1.00 60.49 ? 60  ARG A CG  1 
ATOM   471  C  CD  . ARG A 1 60  ? 17.746  -11.974 8.738   1.00 63.29 ? 60  ARG A CD  1 
ATOM   472  N  NE  . ARG A 1 60  ? 18.988  -12.725 8.551   1.00 64.66 ? 60  ARG A NE  1 
ATOM   473  C  CZ  . ARG A 1 60  ? 19.959  -12.392 7.704   1.00 66.34 ? 60  ARG A CZ  1 
ATOM   474  N  NH1 . ARG A 1 60  ? 19.847  -11.310 6.944   1.00 65.84 ? 60  ARG A NH1 1 
ATOM   475  N  NH2 . ARG A 1 60  ? 21.055  -13.139 7.628   1.00 71.18 ? 60  ARG A NH2 1 
ATOM   476  N  N   . SER A 1 61  ? 12.863  -10.314 10.222  1.00 46.89 ? 61  SER A N   1 
ATOM   477  C  CA  . SER A 1 61  ? 11.544  -9.767  9.943   1.00 43.73 ? 61  SER A CA  1 
ATOM   478  C  C   . SER A 1 61  ? 11.777  -8.360  9.391   1.00 42.19 ? 61  SER A C   1 
ATOM   479  O  O   . SER A 1 61  ? 12.835  -7.765  9.615   1.00 37.40 ? 61  SER A O   1 
ATOM   480  C  CB  . SER A 1 61  ? 10.694  -9.705  11.215  1.00 43.45 ? 61  SER A CB  1 
ATOM   481  O  OG  . SER A 1 61  ? 11.252  -8.832  12.178  1.00 46.78 ? 61  SER A OG  1 
ATOM   482  N  N   . LEU A 1 62  ? 10.794  -7.831  8.668   1.00 40.25 ? 62  LEU A N   1 
ATOM   483  C  CA  . LEU A 1 62  ? 10.926  -6.506  8.069   1.00 36.56 ? 62  LEU A CA  1 
ATOM   484  C  C   . LEU A 1 62  ? 10.305  -5.398  8.922   1.00 35.14 ? 62  LEU A C   1 
ATOM   485  O  O   . LEU A 1 62  ? 9.102   -5.389  9.173   1.00 33.38 ? 62  LEU A O   1 
ATOM   486  C  CB  . LEU A 1 62  ? 10.317  -6.530  6.662   1.00 33.81 ? 62  LEU A CB  1 
ATOM   487  C  CG  . LEU A 1 62  ? 10.973  -7.617  5.792   1.00 37.46 ? 62  LEU A CG  1 
ATOM   488  C  CD1 . LEU A 1 62  ? 10.231  -7.766  4.474   1.00 34.40 ? 62  LEU A CD1 1 
ATOM   489  C  CD2 . LEU A 1 62  ? 12.445  -7.274  5.557   1.00 30.45 ? 62  LEU A CD2 1 
ATOM   490  N  N   . GLN A 1 63  ? 11.146  -4.467  9.363   1.00 31.29 ? 63  GLN A N   1 
ATOM   491  C  CA  . GLN A 1 63  ? 10.717  -3.356  10.202  1.00 31.83 ? 63  GLN A CA  1 
ATOM   492  C  C   . GLN A 1 63  ? 10.785  -2.039  9.443   1.00 30.78 ? 63  GLN A C   1 
ATOM   493  O  O   . GLN A 1 63  ? 11.866  -1.506  9.194   1.00 32.65 ? 63  GLN A O   1 
ATOM   494  C  CB  . GLN A 1 63  ? 11.602  -3.265  11.459  1.00 33.44 ? 63  GLN A CB  1 
ATOM   495  C  CG  . GLN A 1 63  ? 11.367  -4.360  12.511  1.00 30.11 ? 63  GLN A CG  1 
ATOM   496  C  CD  . GLN A 1 63  ? 12.228  -4.180  13.777  1.00 34.39 ? 63  GLN A CD  1 
ATOM   497  O  OE1 . GLN A 1 63  ? 12.897  -3.155  13.964  1.00 29.35 ? 63  GLN A OE1 1 
ATOM   498  N  NE2 . GLN A 1 63  ? 12.204  -5.179  14.647  1.00 37.03 ? 63  GLN A NE2 1 
ATOM   499  N  N   . MET A 1 64  ? 9.627   -1.507  9.072   1.00 27.13 ? 64  MET A N   1 
ATOM   500  C  CA  . MET A 1 64  ? 9.614   -0.249  8.344   1.00 27.67 ? 64  MET A CA  1 
ATOM   501  C  C   . MET A 1 64  ? 10.079  0.913   9.213   1.00 27.57 ? 64  MET A C   1 
ATOM   502  O  O   . MET A 1 64  ? 9.676   1.038   10.376  1.00 24.98 ? 64  MET A O   1 
ATOM   503  C  CB  . MET A 1 64  ? 8.213   0.047   7.802   1.00 25.52 ? 64  MET A CB  1 
ATOM   504  C  CG  . MET A 1 64  ? 7.765   -0.892  6.687   1.00 26.43 ? 64  MET A CG  1 
ATOM   505  S  SD  . MET A 1 64  ? 6.216   -0.369  5.911   1.00 25.71 ? 64  MET A SD  1 
ATOM   506  C  CE  . MET A 1 64  ? 5.039   -0.575  7.286   1.00 22.84 ? 64  MET A CE  1 
ATOM   507  N  N   . THR A 1 65  ? 10.947  1.752   8.662   1.00 26.20 ? 65  THR A N   1 
ATOM   508  C  CA  . THR A 1 65  ? 11.416  2.915   9.398   1.00 28.49 ? 65  THR A CA  1 
ATOM   509  C  C   . THR A 1 65  ? 10.230  3.870   9.446   1.00 32.50 ? 65  THR A C   1 
ATOM   510  O  O   . THR A 1 65  ? 9.271   3.703   8.696   1.00 32.02 ? 65  THR A O   1 
ATOM   511  C  CB  . THR A 1 65  ? 12.561  3.617   8.665   1.00 30.99 ? 65  THR A CB  1 
ATOM   512  O  OG1 . THR A 1 65  ? 12.093  4.054   7.386   1.00 30.97 ? 65  THR A OG1 1 
ATOM   513  C  CG2 . THR A 1 65  ? 13.745  2.671   8.480   1.00 30.15 ? 65  THR A CG2 1 
ATOM   514  N  N   . PRO A 1 66  ? 10.264  4.871   10.337  1.00 32.29 ? 66  PRO A N   1 
ATOM   515  C  CA  . PRO A 1 66  ? 9.129   5.796   10.383  1.00 34.03 ? 66  PRO A CA  1 
ATOM   516  C  C   . PRO A 1 66  ? 8.827   6.413   9.007   1.00 34.54 ? 66  PRO A C   1 
ATOM   517  O  O   . PRO A 1 66  ? 7.669   6.618   8.644   1.00 30.13 ? 66  PRO A O   1 
ATOM   518  C  CB  . PRO A 1 66  ? 9.577   6.822   11.417  1.00 31.92 ? 66  PRO A CB  1 
ATOM   519  C  CG  . PRO A 1 66  ? 10.299  5.961   12.401  1.00 29.07 ? 66  PRO A CG  1 
ATOM   520  C  CD  . PRO A 1 66  ? 11.154  5.080   11.494  1.00 35.23 ? 66  PRO A CD  1 
ATOM   521  N  N   . THR A 1 67  ? 9.878   6.696   8.242   1.00 31.15 ? 67  THR A N   1 
ATOM   522  C  CA  . THR A 1 67  ? 9.717   7.270   6.910   1.00 30.63 ? 67  THR A CA  1 
ATOM   523  C  C   . THR A 1 67  ? 9.147   6.213   5.961   1.00 29.49 ? 67  THR A C   1 
ATOM   524  O  O   . THR A 1 67  ? 8.368   6.520   5.057   1.00 24.07 ? 67  THR A O   1 
ATOM   525  C  CB  . THR A 1 67  ? 11.072  7.769   6.355   1.00 34.10 ? 67  THR A CB  1 
ATOM   526  O  OG1 . THR A 1 67  ? 11.539  8.871   7.147   1.00 34.66 ? 67  THR A OG1 1 
ATOM   527  C  CG2 . THR A 1 67  ? 10.930  8.217   4.913   1.00 34.35 ? 67  THR A CG2 1 
ATOM   528  N  N   . GLY A 1 68  ? 9.558   4.967   6.159   1.00 28.84 ? 68  GLY A N   1 
ATOM   529  C  CA  . GLY A 1 68  ? 9.048   3.896   5.328   1.00 27.05 ? 68  GLY A CA  1 
ATOM   530  C  C   . GLY A 1 68  ? 7.571   3.737   5.639   1.00 27.90 ? 68  GLY A C   1 
ATOM   531  O  O   . GLY A 1 68  ? 6.740   3.617   4.737   1.00 26.84 ? 68  GLY A O   1 
ATOM   532  N  N   . ARG A 1 69  ? 7.247   3.771   6.930   1.00 25.95 ? 69  ARG A N   1 
ATOM   533  C  CA  . ARG A 1 69  ? 5.872   3.621   7.396   1.00 26.73 ? 69  ARG A CA  1 
ATOM   534  C  C   . ARG A 1 69  ? 4.954   4.767   6.975   1.00 30.07 ? 69  ARG A C   1 
ATOM   535  O  O   . ARG A 1 69  ? 3.759   4.563   6.750   1.00 30.39 ? 69  ARG A O   1 
ATOM   536  C  CB  . ARG A 1 69  ? 5.844   3.467   8.921   1.00 24.20 ? 69  ARG A CB  1 
ATOM   537  C  CG  . ARG A 1 69  ? 4.444   3.212   9.481   1.00 19.45 ? 69  ARG A CG  1 
ATOM   538  C  CD  . ARG A 1 69  ? 4.506   2.758   10.930  1.00 22.71 ? 69  ARG A CD  1 
ATOM   539  N  NE  . ARG A 1 69  ? 5.240   1.501   11.075  1.00 23.82 ? 69  ARG A NE  1 
ATOM   540  C  CZ  . ARG A 1 69  ? 4.737   0.293   10.835  1.00 24.98 ? 69  ARG A CZ  1 
ATOM   541  N  NH1 . ARG A 1 69  ? 3.480   0.150   10.435  1.00 27.48 ? 69  ARG A NH1 1 
ATOM   542  N  NH2 . ARG A 1 69  ? 5.497   -0.780  10.995  1.00 26.14 ? 69  ARG A NH2 1 
ATOM   543  N  N   . THR A 1 70  ? 5.501   5.973   6.879   1.00 30.63 ? 70  THR A N   1 
ATOM   544  C  CA  . THR A 1 70  ? 4.710   7.126   6.456   1.00 29.39 ? 70  THR A CA  1 
ATOM   545  C  C   . THR A 1 70  ? 4.316   6.956   4.981   1.00 28.44 ? 70  THR A C   1 
ATOM   546  O  O   . THR A 1 70  ? 3.175   7.196   4.602   1.00 29.40 ? 70  THR A O   1 
ATOM   547  C  CB  . THR A 1 70  ? 5.511   8.440   6.648   1.00 32.27 ? 70  THR A CB  1 
ATOM   548  O  OG1 . THR A 1 70  ? 5.717   8.664   8.046   1.00 35.03 ? 70  THR A OG1 1 
ATOM   549  C  CG2 . THR A 1 70  ? 4.766   9.626   6.070   1.00 32.42 ? 70  THR A CG2 1 
ATOM   550  N  N   . LEU A 1 71  ? 5.262   6.522   4.156   1.00 29.58 ? 71  LEU A N   1 
ATOM   551  C  CA  . LEU A 1 71  ? 4.991   6.309   2.734   1.00 27.67 ? 71  LEU A CA  1 
ATOM   552  C  C   . LEU A 1 71  ? 3.991   5.158   2.553   1.00 27.96 ? 71  LEU A C   1 
ATOM   553  O  O   . LEU A 1 71  ? 3.037   5.264   1.782   1.00 25.51 ? 71  LEU A O   1 
ATOM   554  C  CB  . LEU A 1 71  ? 6.298   6.000   1.991   1.00 24.73 ? 71  LEU A CB  1 
ATOM   555  C  CG  . LEU A 1 71  ? 6.229   5.627   0.503   1.00 28.25 ? 71  LEU A CG  1 
ATOM   556  C  CD1 . LEU A 1 71  ? 5.534   6.727   -0.310  1.00 28.95 ? 71  LEU A CD1 1 
ATOM   557  C  CD2 . LEU A 1 71  ? 7.629   5.397   -0.008  1.00 28.59 ? 71  LEU A CD2 1 
ATOM   558  N  N   . ALA A 1 72  ? 4.207   4.063   3.274   1.00 26.28 ? 72  ALA A N   1 
ATOM   559  C  CA  . ALA A 1 72  ? 3.314   2.908   3.183   1.00 27.92 ? 72  ALA A CA  1 
ATOM   560  C  C   . ALA A 1 72  ? 1.888   3.316   3.544   1.00 28.89 ? 72  ALA A C   1 
ATOM   561  O  O   . ALA A 1 72  ? 0.927   2.953   2.855   1.00 25.00 ? 72  ALA A O   1 
ATOM   562  C  CB  . ALA A 1 72  ? 3.795   1.794   4.122   1.00 23.89 ? 72  ALA A CB  1 
ATOM   563  N  N   . THR A 1 73  ? 1.758   4.079   4.629   1.00 27.41 ? 73  THR A N   1 
ATOM   564  C  CA  . THR A 1 73  ? 0.458   4.547   5.095   1.00 24.68 ? 73  THR A CA  1 
ATOM   565  C  C   . THR A 1 73  ? -0.233  5.402   4.027   1.00 26.51 ? 73  THR A C   1 
ATOM   566  O  O   . THR A 1 73  ? -1.430  5.246   3.776   1.00 24.28 ? 73  THR A O   1 
ATOM   567  C  CB  . THR A 1 73  ? 0.608   5.367   6.400   1.00 29.27 ? 73  THR A CB  1 
ATOM   568  O  OG1 . THR A 1 73  ? 1.191   4.536   7.412   1.00 27.20 ? 73  THR A OG1 1 
ATOM   569  C  CG2 . THR A 1 73  ? -0.751  5.877   6.890   1.00 24.25 ? 73  THR A CG2 1 
ATOM   570  N  N   . ALA A 1 74  ? 0.515   6.298   3.389   1.00 23.12 ? 74  ALA A N   1 
ATOM   571  C  CA  . ALA A 1 74  ? -0.067  7.148   2.355   1.00 23.87 ? 74  ALA A CA  1 
ATOM   572  C  C   . ALA A 1 74  ? -0.490  6.316   1.130   1.00 22.61 ? 74  ALA A C   1 
ATOM   573  O  O   . ALA A 1 74  ? -1.463  6.656   0.451   1.00 21.90 ? 74  ALA A O   1 
ATOM   574  C  CB  . ALA A 1 74  ? 0.925   8.238   1.949   1.00 24.06 ? 74  ALA A CB  1 
ATOM   575  N  N   . VAL A 1 75  ? 0.229   5.229   0.847   1.00 21.49 ? 75  VAL A N   1 
ATOM   576  C  CA  . VAL A 1 75  ? -0.128  4.383   -0.294  1.00 23.17 ? 75  VAL A CA  1 
ATOM   577  C  C   . VAL A 1 75  ? -1.432  3.639   0.001   1.00 24.36 ? 75  VAL A C   1 
ATOM   578  O  O   . VAL A 1 75  ? -2.275  3.484   -0.883  1.00 22.25 ? 75  VAL A O   1 
ATOM   579  C  CB  . VAL A 1 75  ? 0.991   3.372   -0.629  1.00 23.43 ? 75  VAL A CB  1 
ATOM   580  C  CG1 . VAL A 1 75  ? 0.519   2.398   -1.695  1.00 25.03 ? 75  VAL A CG1 1 
ATOM   581  C  CG2 . VAL A 1 75  ? 2.230   4.122   -1.134  1.00 24.39 ? 75  VAL A CG2 1 
ATOM   582  N  N   . MET A 1 76  ? -1.594  3.197   1.249   1.00 24.52 ? 76  MET A N   1 
ATOM   583  C  CA  . MET A 1 76  ? -2.798  2.496   1.685   1.00 25.50 ? 76  MET A CA  1 
ATOM   584  C  C   . MET A 1 76  ? -3.985  3.464   1.641   1.00 25.33 ? 76  MET A C   1 
ATOM   585  O  O   . MET A 1 76  ? -5.097  3.102   1.256   1.00 20.77 ? 76  MET A O   1 
ATOM   586  C  CB  . MET A 1 76  ? -2.631  1.981   3.126   1.00 25.30 ? 76  MET A CB  1 
ATOM   587  C  CG  . MET A 1 76  ? -1.492  0.983   3.328   1.00 33.50 ? 76  MET A CG  1 
ATOM   588  S  SD  . MET A 1 76  ? -1.543  -0.425  2.173   1.00 34.51 ? 76  MET A SD  1 
ATOM   589  C  CE  . MET A 1 76  ? -3.092  -1.188  2.620   1.00 27.99 ? 76  MET A CE  1 
ATOM   590  N  N   . ARG A 1 77  ? -3.730  4.702   2.049   1.00 25.63 ? 77  ARG A N   1 
ATOM   591  C  CA  . ARG A 1 77  ? -4.754  5.736   2.069   1.00 25.80 ? 77  ARG A CA  1 
ATOM   592  C  C   . ARG A 1 77  ? -5.249  6.022   0.646   1.00 25.17 ? 77  ARG A C   1 
ATOM   593  O  O   . ARG A 1 77  ? -6.451  6.083   0.395   1.00 25.24 ? 77  ARG A O   1 
ATOM   594  C  CB  . ARG A 1 77  ? -4.175  7.009   2.696   1.00 24.28 ? 77  ARG A CB  1 
ATOM   595  C  CG  . ARG A 1 77  ? -5.203  8.075   3.044   1.00 30.27 ? 77  ARG A CG  1 
ATOM   596  C  CD  . ARG A 1 77  ? -4.492  9.313   3.586   1.00 24.90 ? 77  ARG A CD  1 
ATOM   597  N  NE  . ARG A 1 77  ? -3.581  9.863   2.585   1.00 26.25 ? 77  ARG A NE  1 
ATOM   598  C  CZ  . ARG A 1 77  ? -2.416  10.435  2.870   1.00 23.57 ? 77  ARG A CZ  1 
ATOM   599  N  NH1 . ARG A 1 77  ? -2.020  10.536  4.133   1.00 23.79 ? 77  ARG A NH1 1 
ATOM   600  N  NH2 . ARG A 1 77  ? -1.641  10.887  1.893   1.00 27.19 ? 77  ARG A NH2 1 
ATOM   601  N  N   . LYS A 1 78  ? -4.310  6.199   -0.276  1.00 22.78 ? 78  LYS A N   1 
ATOM   602  C  CA  . LYS A 1 78  ? -4.637  6.468   -1.672  1.00 25.44 ? 78  LYS A CA  1 
ATOM   603  C  C   . LYS A 1 78  ? -5.415  5.292   -2.278  1.00 23.94 ? 78  LYS A C   1 
ATOM   604  O  O   . LYS A 1 78  ? -6.408  5.501   -2.970  1.00 23.18 ? 78  LYS A O   1 
ATOM   605  C  CB  . LYS A 1 78  ? -3.349  6.730   -2.480  1.00 23.29 ? 78  LYS A CB  1 
ATOM   606  C  CG  . LYS A 1 78  ? -2.549  7.957   -2.010  1.00 24.67 ? 78  LYS A CG  1 
ATOM   607  C  CD  . LYS A 1 78  ? -1.187  8.055   -2.703  1.00 23.49 ? 78  LYS A CD  1 
ATOM   608  C  CE  . LYS A 1 78  ? -0.329  9.208   -2.134  1.00 22.75 ? 78  LYS A CE  1 
ATOM   609  N  NZ  . LYS A 1 78  ? -1.004  10.538  -2.262  1.00 22.18 ? 78  LYS A NZ  1 
ATOM   610  N  N   . ALA A 1 79  ? -4.967  4.066   -1.999  1.00 23.62 ? 79  ALA A N   1 
ATOM   611  C  CA  . ALA A 1 79  ? -5.613  2.856   -2.516  1.00 22.68 ? 79  ALA A CA  1 
ATOM   612  C  C   . ALA A 1 79  ? -7.047  2.717   -2.045  1.00 23.50 ? 79  ALA A C   1 
ATOM   613  O  O   . ALA A 1 79  ? -7.957  2.487   -2.846  1.00 25.42 ? 79  ALA A O   1 
ATOM   614  C  CB  . ALA A 1 79  ? -4.825  1.607   -2.097  1.00 17.61 ? 79  ALA A CB  1 
ATOM   615  N  N   . ARG A 1 80  ? -7.243  2.852   -0.738  1.00 24.90 ? 80  ARG A N   1 
ATOM   616  C  CA  . ARG A 1 80  ? -8.565  2.710   -0.156  1.00 27.03 ? 80  ARG A CA  1 
ATOM   617  C  C   . ARG A 1 80  ? -9.513  3.845   -0.524  1.00 26.20 ? 80  ARG A C   1 
ATOM   618  O  O   . ARG A 1 80  ? -10.725 3.642   -0.590  1.00 24.54 ? 80  ARG A O   1 
ATOM   619  C  CB  . ARG A 1 80  ? -8.429  2.508   1.357   1.00 25.47 ? 80  ARG A CB  1 
ATOM   620  C  CG  . ARG A 1 80  ? -7.641  1.217   1.621   1.00 25.25 ? 80  ARG A CG  1 
ATOM   621  C  CD  . ARG A 1 80  ? -7.454  0.810   3.075   1.00 21.70 ? 80  ARG A CD  1 
ATOM   622  N  NE  . ARG A 1 80  ? -7.003  -0.588  3.114   1.00 23.37 ? 80  ARG A NE  1 
ATOM   623  C  CZ  . ARG A 1 80  ? -6.432  -1.193  4.151   1.00 23.86 ? 80  ARG A CZ  1 
ATOM   624  N  NH1 . ARG A 1 80  ? -6.208  -0.545  5.292   1.00 22.67 ? 80  ARG A NH1 1 
ATOM   625  N  NH2 . ARG A 1 80  ? -6.098  -2.469  4.044   1.00 20.94 ? 80  ARG A NH2 1 
ATOM   626  N  N   . LEU A 1 81  ? -8.967  5.034   -0.774  1.00 22.75 ? 81  LEU A N   1 
ATOM   627  C  CA  . LEU A 1 81  ? -9.801  6.149   -1.195  1.00 23.24 ? 81  LEU A CA  1 
ATOM   628  C  C   . LEU A 1 81  ? -10.166 5.905   -2.662  1.00 24.94 ? 81  LEU A C   1 
ATOM   629  O  O   . LEU A 1 81  ? -11.259 6.246   -3.103  1.00 24.97 ? 81  LEU A O   1 
ATOM   630  C  CB  . LEU A 1 81  ? -9.064  7.479   -1.044  1.00 20.76 ? 81  LEU A CB  1 
ATOM   631  C  CG  . LEU A 1 81  ? -8.886  8.010   0.389   1.00 21.64 ? 81  LEU A CG  1 
ATOM   632  C  CD1 . LEU A 1 81  ? -7.994  9.245   0.377   1.00 19.69 ? 81  LEU A CD1 1 
ATOM   633  C  CD2 . LEU A 1 81  ? -10.253 8.326   0.991   1.00 23.14 ? 81  LEU A CD2 1 
ATOM   634  N  N   . ALA A 1 82  ? -9.254  5.294   -3.413  1.00 24.24 ? 82  ALA A N   1 
ATOM   635  C  CA  . ALA A 1 82  ? -9.530  4.997   -4.816  1.00 23.83 ? 82  ALA A CA  1 
ATOM   636  C  C   . ALA A 1 82  ? -10.597 3.916   -4.871  1.00 23.72 ? 82  ALA A C   1 
ATOM   637  O  O   . ALA A 1 82  ? -11.536 3.994   -5.662  1.00 24.96 ? 82  ALA A O   1 
ATOM   638  C  CB  . ALA A 1 82  ? -8.260  4.524   -5.525  1.00 27.89 ? 82  ALA A CB  1 
ATOM   639  N  N   . GLU A 1 83  ? -10.455 2.907   -4.014  1.00 24.97 ? 83  GLU A N   1 
ATOM   640  C  CA  . GLU A 1 83  ? -11.422 1.814   -3.962  1.00 24.59 ? 83  GLU A CA  1 
ATOM   641  C  C   . GLU A 1 83  ? -12.800 2.389   -3.657  1.00 22.93 ? 83  GLU A C   1 
ATOM   642  O  O   . GLU A 1 83  ? -13.794 1.982   -4.257  1.00 26.94 ? 83  GLU A O   1 
ATOM   643  C  CB  . GLU A 1 83  ? -11.002 0.779   -2.906  1.00 22.44 ? 83  GLU A CB  1 
ATOM   644  C  CG  . GLU A 1 83  ? -9.743  -0.004  -3.317  1.00 22.22 ? 83  GLU A CG  1 
ATOM   645  C  CD  . GLU A 1 83  ? -9.144  -0.834  -2.192  1.00 19.63 ? 83  GLU A CD  1 
ATOM   646  O  OE1 . GLU A 1 83  ? -9.674  -0.801  -1.064  1.00 26.28 ? 83  GLU A OE1 1 
ATOM   647  O  OE2 . GLU A 1 83  ? -8.125  -1.518  -2.437  1.00 25.98 ? 83  GLU A OE2 1 
ATOM   648  N  N   . ARG A 1 84  ? -12.846 3.362   -2.753  1.00 25.68 ? 84  ARG A N   1 
ATOM   649  C  CA  . ARG A 1 84  ? -14.101 4.005   -2.386  1.00 25.93 ? 84  ARG A CA  1 
ATOM   650  C  C   . ARG A 1 84  ? -14.689 4.799   -3.557  1.00 27.03 ? 84  ARG A C   1 
ATOM   651  O  O   . ARG A 1 84  ? -15.901 4.779   -3.787  1.00 27.42 ? 84  ARG A O   1 
ATOM   652  C  CB  . ARG A 1 84  ? -13.889 4.920   -1.179  1.00 25.26 ? 84  ARG A CB  1 
ATOM   653  C  CG  . ARG A 1 84  ? -13.918 4.205   0.178   1.00 31.52 ? 84  ARG A CG  1 
ATOM   654  C  CD  . ARG A 1 84  ? -15.203 4.529   0.965   1.00 37.05 ? 84  ARG A CD  1 
ATOM   655  N  NE  . ARG A 1 84  ? -16.409 3.964   0.361   1.00 33.86 ? 84  ARG A NE  1 
ATOM   656  C  CZ  . ARG A 1 84  ? -16.866 2.735   0.594   1.00 41.92 ? 84  ARG A CZ  1 
ATOM   657  N  NH1 . ARG A 1 84  ? -16.225 1.925   1.427   1.00 46.58 ? 84  ARG A NH1 1 
ATOM   658  N  NH2 . ARG A 1 84  ? -17.968 2.309   -0.007  1.00 41.99 ? 84  ARG A NH2 1 
ATOM   659  N  N   . LEU A 1 85  ? -13.827 5.489   -4.299  1.00 26.20 ? 85  LEU A N   1 
ATOM   660  C  CA  . LEU A 1 85  ? -14.268 6.278   -5.440  1.00 26.41 ? 85  LEU A CA  1 
ATOM   661  C  C   . LEU A 1 85  ? -14.784 5.363   -6.550  1.00 28.29 ? 85  LEU A C   1 
ATOM   662  O  O   . LEU A 1 85  ? -15.829 5.623   -7.153  1.00 26.41 ? 85  LEU A O   1 
ATOM   663  C  CB  . LEU A 1 85  ? -13.107 7.128   -5.977  1.00 27.83 ? 85  LEU A CB  1 
ATOM   664  C  CG  . LEU A 1 85  ? -13.315 7.857   -7.311  1.00 28.06 ? 85  LEU A CG  1 
ATOM   665  C  CD1 . LEU A 1 85  ? -14.371 8.942   -7.161  1.00 24.78 ? 85  LEU A CD1 1 
ATOM   666  C  CD2 . LEU A 1 85  ? -11.986 8.450   -7.780  1.00 26.14 ? 85  LEU A CD2 1 
ATOM   667  N  N   . LEU A 1 86  ? -14.053 4.282   -6.803  1.00 26.97 ? 86  LEU A N   1 
ATOM   668  C  CA  . LEU A 1 86  ? -14.411 3.340   -7.855  1.00 27.53 ? 86  LEU A CA  1 
ATOM   669  C  C   . LEU A 1 86  ? -15.733 2.631   -7.588  1.00 28.87 ? 86  LEU A C   1 
ATOM   670  O  O   . LEU A 1 86  ? -16.472 2.310   -8.519  1.00 32.57 ? 86  LEU A O   1 
ATOM   671  C  CB  . LEU A 1 86  ? -13.288 2.315   -8.032  1.00 25.54 ? 86  LEU A CB  1 
ATOM   672  C  CG  . LEU A 1 86  ? -11.993 2.891   -8.626  1.00 26.08 ? 86  LEU A CG  1 
ATOM   673  C  CD1 . LEU A 1 86  ? -10.820 1.974   -8.336  1.00 22.92 ? 86  LEU A CD1 1 
ATOM   674  C  CD2 . LEU A 1 86  ? -12.168 3.101   -10.122 1.00 23.83 ? 86  LEU A CD2 1 
ATOM   675  N  N   . THR A 1 87  ? -16.028 2.396   -6.315  1.00 29.14 ? 87  THR A N   1 
ATOM   676  C  CA  . THR A 1 87  ? -17.254 1.720   -5.927  1.00 32.26 ? 87  THR A CA  1 
ATOM   677  C  C   . THR A 1 87  ? -18.446 2.663   -5.766  1.00 31.21 ? 87  THR A C   1 
ATOM   678  O  O   . THR A 1 87  ? -19.486 2.466   -6.391  1.00 33.16 ? 87  THR A O   1 
ATOM   679  C  CB  . THR A 1 87  ? -17.060 0.942   -4.596  1.00 35.34 ? 87  THR A CB  1 
ATOM   680  O  OG1 . THR A 1 87  ? -16.018 -0.033  -4.762  1.00 36.54 ? 87  THR A OG1 1 
ATOM   681  C  CG2 . THR A 1 87  ? -18.350 0.245   -4.195  1.00 37.57 ? 87  THR A CG2 1 
ATOM   682  N  N   . ASP A 1 88  ? -18.285 3.688   -4.933  1.00 30.08 ? 88  ASP A N   1 
ATOM   683  C  CA  . ASP A 1 88  ? -19.354 4.645   -4.645  1.00 31.21 ? 88  ASP A CA  1 
ATOM   684  C  C   . ASP A 1 88  ? -19.794 5.593   -5.761  1.00 31.79 ? 88  ASP A C   1 
ATOM   685  O  O   . ASP A 1 88  ? -20.961 5.952   -5.840  1.00 33.12 ? 88  ASP A O   1 
ATOM   686  C  CB  . ASP A 1 88  ? -18.989 5.505   -3.427  1.00 28.48 ? 88  ASP A CB  1 
ATOM   687  C  CG  . ASP A 1 88  ? -18.522 4.682   -2.238  1.00 30.59 ? 88  ASP A CG  1 
ATOM   688  O  OD1 . ASP A 1 88  ? -18.713 3.449   -2.233  1.00 27.57 ? 88  ASP A OD1 1 
ATOM   689  O  OD2 . ASP A 1 88  ? -17.963 5.276   -1.301  1.00 30.26 ? 88  ASP A OD2 1 
ATOM   690  N  N   . ILE A 1 89  ? -18.878 5.998   -6.626  1.00 33.91 ? 89  ILE A N   1 
ATOM   691  C  CA  . ILE A 1 89  ? -19.243 6.951   -7.664  1.00 36.57 ? 89  ILE A CA  1 
ATOM   692  C  C   . ILE A 1 89  ? -19.140 6.450   -9.091  1.00 36.25 ? 89  ILE A C   1 
ATOM   693  O  O   . ILE A 1 89  ? -20.057 6.628   -9.890  1.00 35.96 ? 89  ILE A O   1 
ATOM   694  C  CB  . ILE A 1 89  ? -18.405 8.258   -7.498  1.00 37.66 ? 89  ILE A CB  1 
ATOM   695  C  CG1 . ILE A 1 89  ? -18.686 8.870   -6.119  1.00 36.01 ? 89  ILE A CG1 1 
ATOM   696  C  CG2 . ILE A 1 89  ? -18.730 9.259   -8.601  1.00 34.08 ? 89  ILE A CG2 1 
ATOM   697  C  CD1 . ILE A 1 89  ? -17.865 10.106  -5.811  1.00 36.44 ? 89  ILE A CD1 1 
ATOM   698  N  N   . ILE A 1 90  ? -18.027 5.806   -9.407  1.00 32.38 ? 90  ILE A N   1 
ATOM   699  C  CA  . ILE A 1 90  ? -17.809 5.304   -10.756 1.00 31.27 ? 90  ILE A CA  1 
ATOM   700  C  C   . ILE A 1 90  ? -18.603 4.032   -11.043 1.00 30.83 ? 90  ILE A C   1 
ATOM   701  O  O   . ILE A 1 90  ? -19.016 3.799   -12.174 1.00 32.76 ? 90  ILE A O   1 
ATOM   702  C  CB  . ILE A 1 90  ? -16.309 5.076   -11.011 1.00 27.24 ? 90  ILE A CB  1 
ATOM   703  C  CG1 . ILE A 1 90  ? -15.564 6.399   -10.825 1.00 25.14 ? 90  ILE A CG1 1 
ATOM   704  C  CG2 . ILE A 1 90  ? -16.084 4.531   -12.409 1.00 24.84 ? 90  ILE A CG2 1 
ATOM   705  C  CD1 . ILE A 1 90  ? -14.048 6.332   -11.015 1.00 22.81 ? 90  ILE A CD1 1 
ATOM   706  N  N   . GLY A 1 91  ? -18.838 3.222   -10.017 1.00 30.17 ? 91  GLY A N   1 
ATOM   707  C  CA  . GLY A 1 91  ? -19.620 2.016   -10.201 1.00 27.68 ? 91  GLY A CA  1 
ATOM   708  C  C   . GLY A 1 91  ? -18.904 0.869   -10.875 1.00 27.97 ? 91  GLY A C   1 
ATOM   709  O  O   . GLY A 1 91  ? -19.535 0.045   -11.524 1.00 26.47 ? 91  GLY A O   1 
ATOM   710  N  N   . LEU A 1 92  ? -17.585 0.822   -10.741 1.00 27.66 ? 92  LEU A N   1 
ATOM   711  C  CA  . LEU A 1 92  ? -16.803 -0.258  -11.333 1.00 27.45 ? 92  LEU A CA  1 
ATOM   712  C  C   . LEU A 1 92  ? -17.145 -1.565  -10.602 1.00 27.99 ? 92  LEU A C   1 
ATOM   713  O  O   . LEU A 1 92  ? -17.198 -1.586  -9.376  1.00 28.27 ? 92  LEU A O   1 
ATOM   714  C  CB  . LEU A 1 92  ? -15.313 0.051   -11.179 1.00 27.72 ? 92  LEU A CB  1 
ATOM   715  C  CG  . LEU A 1 92  ? -14.319 -1.060  -11.515 1.00 24.92 ? 92  LEU A CG  1 
ATOM   716  C  CD1 . LEU A 1 92  ? -14.465 -1.463  -12.982 1.00 28.97 ? 92  LEU A CD1 1 
ATOM   717  C  CD2 . LEU A 1 92  ? -12.912 -0.566  -11.214 1.00 17.99 ? 92  LEU A CD2 1 
ATOM   718  N  N   . ASP A 1 93  ? -17.388 -2.641  -11.346 1.00 26.64 ? 93  ASP A N   1 
ATOM   719  C  CA  . ASP A 1 93  ? -17.716 -3.929  -10.733 1.00 29.94 ? 93  ASP A CA  1 
ATOM   720  C  C   . ASP A 1 93  ? -16.731 -4.242  -9.615  1.00 29.09 ? 93  ASP A C   1 
ATOM   721  O  O   . ASP A 1 93  ? -15.516 -4.268  -9.832  1.00 24.12 ? 93  ASP A O   1 
ATOM   722  C  CB  . ASP A 1 93  ? -17.676 -5.058  -11.770 1.00 34.63 ? 93  ASP A CB  1 
ATOM   723  C  CG  . ASP A 1 93  ? -17.629 -6.438  -11.126 1.00 39.85 ? 93  ASP A CG  1 
ATOM   724  O  OD1 . ASP A 1 93  ? -18.400 -6.676  -10.182 1.00 39.75 ? 93  ASP A OD1 1 
ATOM   725  O  OD2 . ASP A 1 93  ? -16.825 -7.286  -11.563 1.00 49.25 ? 93  ASP A OD2 1 
ATOM   726  N  N   . ILE A 1 94  ? -17.266 -4.497  -8.425  1.00 26.40 ? 94  ILE A N   1 
ATOM   727  C  CA  . ILE A 1 94  ? -16.448 -4.774  -7.252  1.00 27.55 ? 94  ILE A CA  1 
ATOM   728  C  C   . ILE A 1 94  ? -15.303 -5.766  -7.501  1.00 31.56 ? 94  ILE A C   1 
ATOM   729  O  O   . ILE A 1 94  ? -14.260 -5.689  -6.854  1.00 32.62 ? 94  ILE A O   1 
ATOM   730  C  CB  . ILE A 1 94  ? -17.324 -5.295  -6.086  1.00 26.79 ? 94  ILE A CB  1 
ATOM   731  C  CG1 . ILE A 1 94  ? -16.520 -5.279  -4.784  1.00 30.83 ? 94  ILE A CG1 1 
ATOM   732  C  CG2 . ILE A 1 94  ? -17.811 -6.711  -6.390  1.00 25.59 ? 94  ILE A CG2 1 
ATOM   733  C  CD1 . ILE A 1 94  ? -16.064 -3.880  -4.360  1.00 31.65 ? 94  ILE A CD1 1 
ATOM   734  N  N   . ASN A 1 95  ? -15.496 -6.690  -8.437  1.00 29.45 ? 95  ASN A N   1 
ATOM   735  C  CA  . ASN A 1 95  ? -14.473 -7.686  -8.749  1.00 27.90 ? 95  ASN A CA  1 
ATOM   736  C  C   . ASN A 1 95  ? -13.282 -7.124  -9.518  1.00 28.02 ? 95  ASN A C   1 
ATOM   737  O  O   . ASN A 1 95  ? -12.314 -7.833  -9.757  1.00 29.63 ? 95  ASN A O   1 
ATOM   738  C  CB  . ASN A 1 95  ? -15.086 -8.841  -9.546  1.00 24.73 ? 95  ASN A CB  1 
ATOM   739  C  CG  . ASN A 1 95  ? -16.119 -9.613  -8.748  1.00 27.31 ? 95  ASN A CG  1 
ATOM   740  O  OD1 . ASN A 1 95  ? -15.804 -10.230 -7.725  1.00 29.24 ? 95  ASN A OD1 1 
ATOM   741  N  ND2 . ASN A 1 95  ? -17.362 -9.578  -9.207  1.00 26.19 ? 95  ASN A ND2 1 
ATOM   742  N  N   . LYS A 1 96  ? -13.354 -5.855  -9.908  1.00 25.98 ? 96  LYS A N   1 
ATOM   743  C  CA  . LYS A 1 96  ? -12.264 -5.218  -10.647 1.00 25.43 ? 96  LYS A CA  1 
ATOM   744  C  C   . LYS A 1 96  ? -11.651 -4.072  -9.840  1.00 26.18 ? 96  LYS A C   1 
ATOM   745  O  O   . LYS A 1 96  ? -10.604 -3.536  -10.205 1.00 24.22 ? 96  LYS A O   1 
ATOM   746  C  CB  . LYS A 1 96  ? -12.785 -4.626  -11.960 1.00 27.31 ? 96  LYS A CB  1 
ATOM   747  C  CG  . LYS A 1 96  ? -13.986 -5.336  -12.537 1.00 31.48 ? 96  LYS A CG  1 
ATOM   748  C  CD  . LYS A 1 96  ? -13.593 -6.638  -13.171 1.00 33.35 ? 96  LYS A CD  1 
ATOM   749  C  CE  . LYS A 1 96  ? -12.874 -6.401  -14.481 1.00 40.58 ? 96  LYS A CE  1 
ATOM   750  N  NZ  . LYS A 1 96  ? -12.592 -7.695  -15.167 1.00 46.64 ? 96  LYS A NZ  1 
ATOM   751  N  N   . VAL A 1 97  ? -12.321 -3.690  -8.760  1.00 25.19 ? 97  VAL A N   1 
ATOM   752  C  CA  . VAL A 1 97  ? -11.885 -2.574  -7.927  1.00 26.24 ? 97  VAL A CA  1 
ATOM   753  C  C   . VAL A 1 97  ? -10.507 -2.711  -7.281  1.00 25.53 ? 97  VAL A C   1 
ATOM   754  O  O   . VAL A 1 97  ? -9.729  -1.757  -7.271  1.00 23.66 ? 97  VAL A O   1 
ATOM   755  C  CB  . VAL A 1 97  ? -12.939 -2.278  -6.834  1.00 25.96 ? 97  VAL A CB  1 
ATOM   756  C  CG1 . VAL A 1 97  ? -12.448 -1.186  -5.894  1.00 29.79 ? 97  VAL A CG1 1 
ATOM   757  C  CG2 . VAL A 1 97  ? -14.246 -1.855  -7.495  1.00 26.09 ? 97  VAL A CG2 1 
ATOM   758  N  N   . HIS A 1 98  ? -10.202 -3.883  -6.737  1.00 26.12 ? 98  HIS A N   1 
ATOM   759  C  CA  . HIS A 1 98  ? -8.901  -4.087  -6.105  1.00 26.99 ? 98  HIS A CA  1 
ATOM   760  C  C   . HIS A 1 98  ? -7.736  -3.919  -7.079  1.00 25.17 ? 98  HIS A C   1 
ATOM   761  O  O   . HIS A 1 98  ? -6.765  -3.239  -6.768  1.00 25.40 ? 98  HIS A O   1 
ATOM   762  C  CB  . HIS A 1 98  ? -8.831  -5.470  -5.437  1.00 27.82 ? 98  HIS A CB  1 
ATOM   763  C  CG  . HIS A 1 98  ? -7.459  -5.840  -4.953  1.00 28.72 ? 98  HIS A CG  1 
ATOM   764  N  ND1 . HIS A 1 98  ? -6.540  -6.492  -5.747  1.00 31.91 ? 98  HIS A ND1 1 
ATOM   765  C  CD2 . HIS A 1 98  ? -6.840  -5.606  -3.772  1.00 29.42 ? 98  HIS A CD2 1 
ATOM   766  C  CE1 . HIS A 1 98  ? -5.411  -6.644  -5.073  1.00 33.73 ? 98  HIS A CE1 1 
ATOM   767  N  NE2 . HIS A 1 98  ? -5.566  -6.116  -3.874  1.00 29.09 ? 98  HIS A NE2 1 
ATOM   768  N  N   . ASP A 1 99  ? -7.826  -4.517  -8.261  1.00 25.06 ? 99  ASP A N   1 
ATOM   769  C  CA  . ASP A 1 99  ? -6.725  -4.410  -9.219  1.00 26.87 ? 99  ASP A CA  1 
ATOM   770  C  C   . ASP A 1 99  ? -6.541  -3.007  -9.766  1.00 26.84 ? 99  ASP A C   1 
ATOM   771  O  O   . ASP A 1 99  ? -5.414  -2.561  -9.973  1.00 25.96 ? 99  ASP A O   1 
ATOM   772  C  CB  . ASP A 1 99  ? -6.905  -5.385  -10.385 1.00 27.97 ? 99  ASP A CB  1 
ATOM   773  C  CG  . ASP A 1 99  ? -6.728  -6.836  -9.968  1.00 33.29 ? 99  ASP A CG  1 
ATOM   774  O  OD1 . ASP A 1 99  ? -5.808  -7.132  -9.177  1.00 37.39 ? 99  ASP A OD1 1 
ATOM   775  O  OD2 . ASP A 1 99  ? -7.504  -7.687  -10.447 1.00 38.21 ? 99  ASP A OD2 1 
ATOM   776  N  N   . GLU A 1 100 ? -7.655  -2.323  -10.005 1.00 26.35 ? 100 GLU A N   1 
ATOM   777  C  CA  . GLU A 1 100 ? -7.641  -0.961  -10.524 1.00 26.82 ? 100 GLU A CA  1 
ATOM   778  C  C   . GLU A 1 100 ? -6.948  -0.060  -9.502  1.00 25.66 ? 100 GLU A C   1 
ATOM   779  O  O   . GLU A 1 100 ? -5.982  0.634   -9.826  1.00 26.05 ? 100 GLU A O   1 
ATOM   780  C  CB  . GLU A 1 100 ? -9.082  -0.474  -10.748 1.00 25.33 ? 100 GLU A CB  1 
ATOM   781  C  CG  . GLU A 1 100 ? -9.215  0.808   -11.569 1.00 24.37 ? 100 GLU A CG  1 
ATOM   782  C  CD  . GLU A 1 100 ? -8.991  0.573   -13.052 1.00 23.16 ? 100 GLU A CD  1 
ATOM   783  O  OE1 . GLU A 1 100 ? -9.469  -0.467  -13.559 1.00 24.01 ? 100 GLU A OE1 1 
ATOM   784  O  OE2 . GLU A 1 100 ? -8.353  1.426   -13.710 1.00 20.90 ? 100 GLU A OE2 1 
ATOM   785  N  N   . ALA A 1 101 ? -7.452  -0.087  -8.269  1.00 24.85 ? 101 ALA A N   1 
ATOM   786  C  CA  . ALA A 1 101 ? -6.897  0.713   -7.184  1.00 24.38 ? 101 ALA A CA  1 
ATOM   787  C  C   . ALA A 1 101 ? -5.429  0.365   -6.963  1.00 24.40 ? 101 ALA A C   1 
ATOM   788  O  O   . ALA A 1 101 ? -4.632  1.225   -6.607  1.00 25.90 ? 101 ALA A O   1 
ATOM   789  C  CB  . ALA A 1 101 ? -7.678  0.481   -5.901  1.00 21.73 ? 101 ALA A CB  1 
ATOM   790  N  N   . ASP A 1 102 ? -5.085  -0.903  -7.170  1.00 22.76 ? 102 ASP A N   1 
ATOM   791  C  CA  . ASP A 1 102 ? -3.708  -1.356  -7.001  1.00 23.83 ? 102 ASP A CA  1 
ATOM   792  C  C   . ASP A 1 102 ? -2.764  -0.568  -7.925  1.00 24.67 ? 102 ASP A C   1 
ATOM   793  O  O   . ASP A 1 102 ? -1.577  -0.418  -7.626  1.00 24.22 ? 102 ASP A O   1 
ATOM   794  C  CB  . ASP A 1 102 ? -3.610  -2.853  -7.314  1.00 26.42 ? 102 ASP A CB  1 
ATOM   795  C  CG  . ASP A 1 102 ? -2.392  -3.508  -6.687  1.00 27.75 ? 102 ASP A CG  1 
ATOM   796  O  OD1 . ASP A 1 102 ? -1.433  -2.794  -6.340  1.00 29.79 ? 102 ASP A OD1 1 
ATOM   797  O  OD2 . ASP A 1 102 ? -2.391  -4.748  -6.545  1.00 33.71 ? 102 ASP A OD2 1 
ATOM   798  N  N   . ARG A 1 103 ? -3.287  -0.082  -9.053  1.00 19.72 ? 103 ARG A N   1 
ATOM   799  C  CA  . ARG A 1 103 ? -2.483  0.711   -9.985  1.00 19.24 ? 103 ARG A CA  1 
ATOM   800  C  C   . ARG A 1 103 ? -2.583  2.214   -9.665  1.00 21.22 ? 103 ARG A C   1 
ATOM   801  O  O   . ARG A 1 103 ? -1.572  2.928   -9.639  1.00 17.36 ? 103 ARG A O   1 
ATOM   802  C  CB  . ARG A 1 103 ? -2.919  0.468   -11.444 1.00 22.62 ? 103 ARG A CB  1 
ATOM   803  C  CG  . ARG A 1 103 ? -2.693  -0.958  -11.953 1.00 19.73 ? 103 ARG A CG  1 
ATOM   804  C  CD  . ARG A 1 103 ? -2.744  -1.038  -13.477 1.00 26.79 ? 103 ARG A CD  1 
ATOM   805  N  NE  . ARG A 1 103 ? -4.044  -0.666  -14.020 1.00 34.90 ? 103 ARG A NE  1 
ATOM   806  C  CZ  . ARG A 1 103 ? -5.152  -1.384  -13.873 1.00 39.50 ? 103 ARG A CZ  1 
ATOM   807  N  NH1 . ARG A 1 103 ? -5.120  -2.526  -13.202 1.00 53.40 ? 103 ARG A NH1 1 
ATOM   808  N  NH2 . ARG A 1 103 ? -6.297  -0.954  -14.387 1.00 41.97 ? 103 ARG A NH2 1 
ATOM   809  N  N   . TRP A 1 104 ? -3.804  2.680   -9.424  1.00 17.71 ? 104 TRP A N   1 
ATOM   810  C  CA  . TRP A 1 104 ? -4.076  4.090   -9.116  1.00 24.32 ? 104 TRP A CA  1 
ATOM   811  C  C   . TRP A 1 104 ? -3.371  4.611   -7.862  1.00 20.60 ? 104 TRP A C   1 
ATOM   812  O  O   . TRP A 1 104 ? -2.966  5.774   -7.799  1.00 19.83 ? 104 TRP A O   1 
ATOM   813  C  CB  . TRP A 1 104 ? -5.583  4.303   -8.941  1.00 21.95 ? 104 TRP A CB  1 
ATOM   814  C  CG  . TRP A 1 104 ? -6.385  4.201   -10.214 1.00 20.32 ? 104 TRP A CG  1 
ATOM   815  C  CD1 . TRP A 1 104 ? -6.096  3.439   -11.307 1.00 19.60 ? 104 TRP A CD1 1 
ATOM   816  C  CD2 . TRP A 1 104 ? -7.629  4.857   -10.499 1.00 23.29 ? 104 TRP A CD2 1 
ATOM   817  N  NE1 . TRP A 1 104 ? -7.082  3.577   -12.256 1.00 22.69 ? 104 TRP A NE1 1 
ATOM   818  C  CE2 . TRP A 1 104 ? -8.033  4.441   -11.786 1.00 22.71 ? 104 TRP A CE2 1 
ATOM   819  C  CE3 . TRP A 1 104 ? -8.439  5.756   -9.787  1.00 23.77 ? 104 TRP A CE3 1 
ATOM   820  C  CZ2 . TRP A 1 104 ? -9.216  4.895   -12.382 1.00 23.72 ? 104 TRP A CZ2 1 
ATOM   821  C  CZ3 . TRP A 1 104 ? -9.621  6.208   -10.383 1.00 25.67 ? 104 TRP A CZ3 1 
ATOM   822  C  CH2 . TRP A 1 104 ? -9.995  5.773   -11.671 1.00 27.45 ? 104 TRP A CH2 1 
ATOM   823  N  N   . GLU A 1 105 ? -3.246  3.751   -6.862  1.00 19.12 ? 105 GLU A N   1 
ATOM   824  C  CA  . GLU A 1 105 ? -2.632  4.132   -5.597  1.00 21.73 ? 105 GLU A CA  1 
ATOM   825  C  C   . GLU A 1 105 ? -1.252  4.744   -5.768  1.00 23.53 ? 105 GLU A C   1 
ATOM   826  O  O   . GLU A 1 105 ? -0.808  5.528   -4.937  1.00 20.45 ? 105 GLU A O   1 
ATOM   827  C  CB  . GLU A 1 105 ? -2.556  2.910   -4.666  1.00 24.30 ? 105 GLU A CB  1 
ATOM   828  C  CG  . GLU A 1 105 ? -1.511  1.864   -5.054  1.00 23.55 ? 105 GLU A CG  1 
ATOM   829  C  CD  . GLU A 1 105 ? -1.593  0.603   -4.195  1.00 24.81 ? 105 GLU A CD  1 
ATOM   830  O  OE1 . GLU A 1 105 ? -1.972  0.707   -3.011  1.00 23.01 ? 105 GLU A OE1 1 
ATOM   831  O  OE2 . GLU A 1 105 ? -1.263  -0.489  -4.703  1.00 24.78 ? 105 GLU A OE2 1 
ATOM   832  N  N   . HIS A 1 106 ? -0.582  4.399   -6.862  1.00 22.99 ? 106 HIS A N   1 
ATOM   833  C  CA  . HIS A 1 106 ? 0.761   4.898   -7.122  1.00 21.82 ? 106 HIS A CA  1 
ATOM   834  C  C   . HIS A 1 106 ? 0.842   6.201   -7.904  1.00 22.79 ? 106 HIS A C   1 
ATOM   835  O  O   . HIS A 1 106 ? 1.933   6.749   -8.075  1.00 21.79 ? 106 HIS A O   1 
ATOM   836  C  CB  . HIS A 1 106 ? 1.554   3.812   -7.846  1.00 21.23 ? 106 HIS A CB  1 
ATOM   837  C  CG  . HIS A 1 106 ? 1.498   2.494   -7.150  1.00 23.55 ? 106 HIS A CG  1 
ATOM   838  N  ND1 . HIS A 1 106 ? 1.996   2.308   -5.877  1.00 23.12 ? 106 HIS A ND1 1 
ATOM   839  C  CD2 . HIS A 1 106 ? 0.927   1.321   -7.508  1.00 24.86 ? 106 HIS A CD2 1 
ATOM   840  C  CE1 . HIS A 1 106 ? 1.727   1.078   -5.481  1.00 28.12 ? 106 HIS A CE1 1 
ATOM   841  N  NE2 . HIS A 1 106 ? 1.078   0.458   -6.450  1.00 25.37 ? 106 HIS A NE2 1 
ATOM   842  N  N   . VAL A 1 107 ? -0.295  6.698   -8.383  1.00 20.36 ? 107 VAL A N   1 
ATOM   843  C  CA  . VAL A 1 107 ? -0.289  7.936   -9.160  1.00 23.16 ? 107 VAL A CA  1 
ATOM   844  C  C   . VAL A 1 107 ? -1.236  8.990   -8.615  1.00 23.33 ? 107 VAL A C   1 
ATOM   845  O  O   . VAL A 1 107 ? -1.366  10.066  -9.189  1.00 23.21 ? 107 VAL A O   1 
ATOM   846  C  CB  . VAL A 1 107 ? -0.650  7.674   -10.655 1.00 21.62 ? 107 VAL A CB  1 
ATOM   847  C  CG1 . VAL A 1 107 ? 0.460   6.884   -11.327 1.00 20.79 ? 107 VAL A CG1 1 
ATOM   848  C  CG2 . VAL A 1 107 ? -1.976  6.901   -10.756 1.00 19.35 ? 107 VAL A CG2 1 
ATOM   849  N  N   . MET A 1 108 ? -1.896  8.689   -7.504  1.00 23.03 ? 108 MET A N   1 
ATOM   850  C  CA  . MET A 1 108 ? -2.820  9.647   -6.915  1.00 26.59 ? 108 MET A CA  1 
ATOM   851  C  C   . MET A 1 108 ? -2.069  10.664  -6.073  1.00 25.12 ? 108 MET A C   1 
ATOM   852  O  O   . MET A 1 108 ? -1.215  10.302  -5.258  1.00 21.48 ? 108 MET A O   1 
ATOM   853  C  CB  . MET A 1 108 ? -3.847  8.934   -6.044  1.00 30.16 ? 108 MET A CB  1 
ATOM   854  C  CG  . MET A 1 108 ? -4.805  8.051   -6.821  1.00 34.78 ? 108 MET A CG  1 
ATOM   855  S  SD  . MET A 1 108 ? -5.859  7.138   -5.714  1.00 40.38 ? 108 MET A SD  1 
ATOM   856  C  CE  . MET A 1 108 ? -6.815  8.502   -4.990  1.00 32.08 ? 108 MET A CE  1 
ATOM   857  N  N   . SER A 1 109 ? -2.396  11.936  -6.275  1.00 23.00 ? 109 SER A N   1 
ATOM   858  C  CA  . SER A 1 109 ? -1.763  13.011  -5.535  1.00 25.28 ? 109 SER A CA  1 
ATOM   859  C  C   . SER A 1 109 ? -2.516  13.290  -4.239  1.00 26.05 ? 109 SER A C   1 
ATOM   860  O  O   . SER A 1 109 ? -3.697  12.961  -4.101  1.00 21.16 ? 109 SER A O   1 
ATOM   861  C  CB  . SER A 1 109 ? -1.721  14.289  -6.385  1.00 26.11 ? 109 SER A CB  1 
ATOM   862  O  OG  . SER A 1 109 ? -3.022  14.825  -6.574  1.00 27.82 ? 109 SER A OG  1 
ATOM   863  N  N   . ASP A 1 110 ? -1.818  13.900  -3.286  1.00 26.10 ? 110 ASP A N   1 
ATOM   864  C  CA  . ASP A 1 110 ? -2.428  14.244  -2.016  1.00 27.98 ? 110 ASP A CA  1 
ATOM   865  C  C   . ASP A 1 110 ? -3.641  15.122  -2.279  1.00 27.77 ? 110 ASP A C   1 
ATOM   866  O  O   . ASP A 1 110 ? -4.666  14.990  -1.611  1.00 26.14 ? 110 ASP A O   1 
ATOM   867  C  CB  . ASP A 1 110 ? -1.420  14.986  -1.133  1.00 29.06 ? 110 ASP A CB  1 
ATOM   868  C  CG  . ASP A 1 110 ? -0.306  14.087  -0.649  1.00 32.03 ? 110 ASP A CG  1 
ATOM   869  O  OD1 . ASP A 1 110 ? -0.262  12.909  -1.074  1.00 27.19 ? 110 ASP A OD1 1 
ATOM   870  O  OD2 . ASP A 1 110 ? 0.527   14.556  0.158   1.00 32.70 ? 110 ASP A OD2 1 
ATOM   871  N  N   . GLU A 1 111 ? -3.519  16.005  -3.268  1.00 27.05 ? 111 GLU A N   1 
ATOM   872  C  CA  . GLU A 1 111 ? -4.601  16.914  -3.632  1.00 29.66 ? 111 GLU A CA  1 
ATOM   873  C  C   . GLU A 1 111 ? -5.883  16.186  -4.034  1.00 29.73 ? 111 GLU A C   1 
ATOM   874  O  O   . GLU A 1 111 ? -6.967  16.558  -3.589  1.00 29.26 ? 111 GLU A O   1 
ATOM   875  C  CB  . GLU A 1 111 ? -4.176  17.837  -4.777  1.00 35.72 ? 111 GLU A CB  1 
ATOM   876  C  CG  . GLU A 1 111 ? -3.103  18.860  -4.438  1.00 43.29 ? 111 GLU A CG  1 
ATOM   877  C  CD  . GLU A 1 111 ? -1.741  18.234  -4.207  1.00 47.98 ? 111 GLU A CD  1 
ATOM   878  O  OE1 . GLU A 1 111 ? -1.516  17.094  -4.670  1.00 46.37 ? 111 GLU A OE1 1 
ATOM   879  O  OE2 . GLU A 1 111 ? -0.891  18.887  -3.572  1.00 53.26 ? 111 GLU A OE2 1 
ATOM   880  N  N   . VAL A 1 112 ? -5.781  15.167  -4.884  1.00 24.68 ? 112 VAL A N   1 
ATOM   881  C  CA  . VAL A 1 112 ? -6.986  14.443  -5.278  1.00 28.45 ? 112 VAL A CA  1 
ATOM   882  C  C   . VAL A 1 112 ? -7.596  13.740  -4.067  1.00 28.57 ? 112 VAL A C   1 
ATOM   883  O  O   . VAL A 1 112 ? -8.817  13.657  -3.943  1.00 28.85 ? 112 VAL A O   1 
ATOM   884  C  CB  . VAL A 1 112 ? -6.716  13.396  -6.391  1.00 29.52 ? 112 VAL A CB  1 
ATOM   885  C  CG1 . VAL A 1 112 ? -7.894  12.434  -6.493  1.00 34.22 ? 112 VAL A CG1 1 
ATOM   886  C  CG2 . VAL A 1 112 ? -6.532  14.089  -7.728  1.00 31.85 ? 112 VAL A CG2 1 
ATOM   887  N  N   . GLU A 1 113 ? -6.749  13.239  -3.171  1.00 26.31 ? 113 GLU A N   1 
ATOM   888  C  CA  . GLU A 1 113 ? -7.243  12.570  -1.970  1.00 27.87 ? 113 GLU A CA  1 
ATOM   889  C  C   . GLU A 1 113 ? -8.118  13.506  -1.159  1.00 29.16 ? 113 GLU A C   1 
ATOM   890  O  O   . GLU A 1 113 ? -9.226  13.146  -0.754  1.00 30.26 ? 113 GLU A O   1 
ATOM   891  C  CB  . GLU A 1 113 ? -6.088  12.111  -1.093  1.00 27.78 ? 113 GLU A CB  1 
ATOM   892  C  CG  . GLU A 1 113 ? -5.359  10.911  -1.615  1.00 25.54 ? 113 GLU A CG  1 
ATOM   893  C  CD  . GLU A 1 113 ? -4.336  10.442  -0.636  1.00 22.23 ? 113 GLU A CD  1 
ATOM   894  O  OE1 . GLU A 1 113 ? -3.176  10.904  -0.720  1.00 27.59 ? 113 GLU A OE1 1 
ATOM   895  O  OE2 . GLU A 1 113 ? -4.712  9.626   0.235   1.00 21.55 ? 113 GLU A OE2 1 
ATOM   896  N  N   . ARG A 1 114 ? -7.607  14.708  -0.916  1.00 29.19 ? 114 ARG A N   1 
ATOM   897  C  CA  . ARG A 1 114 ? -8.347  15.702  -0.150  1.00 31.38 ? 114 ARG A CA  1 
ATOM   898  C  C   . ARG A 1 114 ? -9.727  15.861  -0.772  1.00 29.95 ? 114 ARG A C   1 
ATOM   899  O  O   . ARG A 1 114 ? -10.739 15.872  -0.073  1.00 30.51 ? 114 ARG A O   1 
ATOM   900  C  CB  . ARG A 1 114 ? -7.609  17.040  -0.164  1.00 30.49 ? 114 ARG A CB  1 
ATOM   901  C  CG  . ARG A 1 114 ? -7.317  17.603  1.216   1.00 37.32 ? 114 ARG A CG  1 
ATOM   902  C  CD  . ARG A 1 114 ? -5.894  17.323  1.673   1.00 37.94 ? 114 ARG A CD  1 
ATOM   903  N  NE  . ARG A 1 114 ? -4.918  17.968  0.805   1.00 41.13 ? 114 ARG A NE  1 
ATOM   904  C  CZ  . ARG A 1 114 ? -3.616  18.039  1.059   1.00 40.15 ? 114 ARG A CZ  1 
ATOM   905  N  NH1 . ARG A 1 114 ? -3.124  17.508  2.162   1.00 41.07 ? 114 ARG A NH1 1 
ATOM   906  N  NH2 . ARG A 1 114 ? -2.804  18.629  0.196   1.00 37.16 ? 114 ARG A NH2 1 
ATOM   907  N  N   . ARG A 1 115 ? -9.768  15.972  -2.095  1.00 30.55 ? 115 ARG A N   1 
ATOM   908  C  CA  . ARG A 1 115 ? -11.039 16.114  -2.778  1.00 29.45 ? 115 ARG A CA  1 
ATOM   909  C  C   . ARG A 1 115 ? -11.932 14.902  -2.532  1.00 29.37 ? 115 ARG A C   1 
ATOM   910  O  O   . ARG A 1 115 ? -13.129 15.049  -2.284  1.00 32.08 ? 115 ARG A O   1 
ATOM   911  C  CB  . ARG A 1 115 ? -10.819 16.319  -4.282  1.00 29.91 ? 115 ARG A CB  1 
ATOM   912  C  CG  . ARG A 1 115 ? -10.285 17.708  -4.648  1.00 32.13 ? 115 ARG A CG  1 
ATOM   913  C  CD  . ARG A 1 115 ? -11.187 18.815  -4.097  1.00 31.20 ? 115 ARG A CD  1 
ATOM   914  N  NE  . ARG A 1 115 ? -12.578 18.672  -4.522  1.00 34.39 ? 115 ARG A NE  1 
ATOM   915  C  CZ  . ARG A 1 115 ? -13.572 19.461  -4.114  1.00 41.12 ? 115 ARG A CZ  1 
ATOM   916  N  NH1 . ARG A 1 115 ? -13.331 20.453  -3.271  1.00 38.44 ? 115 ARG A NH1 1 
ATOM   917  N  NH2 . ARG A 1 115 ? -14.810 19.258  -4.539  1.00 39.11 ? 115 ARG A NH2 1 
ATOM   918  N  N   . LEU A 1 116 ? -11.351 13.705  -2.585  1.00 26.55 ? 116 LEU A N   1 
ATOM   919  C  CA  . LEU A 1 116 ? -12.122 12.491  -2.369  1.00 27.89 ? 116 LEU A CA  1 
ATOM   920  C  C   . LEU A 1 116 ? -12.714 12.444  -0.959  1.00 27.41 ? 116 LEU A C   1 
ATOM   921  O  O   . LEU A 1 116 ? -13.824 11.947  -0.763  1.00 28.04 ? 116 LEU A O   1 
ATOM   922  C  CB  . LEU A 1 116 ? -11.254 11.249  -2.628  1.00 27.60 ? 116 LEU A CB  1 
ATOM   923  C  CG  . LEU A 1 116 ? -10.793 11.053  -4.082  1.00 24.30 ? 116 LEU A CG  1 
ATOM   924  C  CD1 . LEU A 1 116 ? -10.070 9.720   -4.235  1.00 20.32 ? 116 LEU A CD1 1 
ATOM   925  C  CD2 . LEU A 1 116 ? -12.001 11.081  -4.999  1.00 26.16 ? 116 LEU A CD2 1 
ATOM   926  N  N   . VAL A 1 117 ? -11.979 12.953  0.023   1.00 27.35 ? 117 VAL A N   1 
ATOM   927  C  CA  . VAL A 1 117 ? -12.481 12.969  1.391   1.00 28.43 ? 117 VAL A CA  1 
ATOM   928  C  C   . VAL A 1 117 ? -13.750 13.834  1.446   1.00 30.70 ? 117 VAL A C   1 
ATOM   929  O  O   . VAL A 1 117 ? -14.727 13.479  2.103   1.00 31.06 ? 117 VAL A O   1 
ATOM   930  C  CB  . VAL A 1 117 ? -11.432 13.553  2.366   1.00 30.87 ? 117 VAL A CB  1 
ATOM   931  C  CG1 . VAL A 1 117 ? -12.078 13.835  3.730   1.00 24.44 ? 117 VAL A CG1 1 
ATOM   932  C  CG2 . VAL A 1 117 ? -10.258 12.574  2.514   1.00 31.43 ? 117 VAL A CG2 1 
ATOM   933  N  N   . LYS A 1 118 ? -13.733 14.954  0.730   1.00 31.26 ? 118 LYS A N   1 
ATOM   934  C  CA  . LYS A 1 118 ? -14.869 15.872  0.707   1.00 33.32 ? 118 LYS A CA  1 
ATOM   935  C  C   . LYS A 1 118 ? -16.047 15.380  -0.121  1.00 34.84 ? 118 LYS A C   1 
ATOM   936  O  O   . LYS A 1 118 ? -17.200 15.643  0.212   1.00 39.78 ? 118 LYS A O   1 
ATOM   937  C  CB  . LYS A 1 118 ? -14.434 17.239  0.174   1.00 36.45 ? 118 LYS A CB  1 
ATOM   938  C  CG  . LYS A 1 118 ? -13.328 17.884  0.975   1.00 42.04 ? 118 LYS A CG  1 
ATOM   939  C  CD  . LYS A 1 118 ? -13.025 19.286  0.493   1.00 46.21 ? 118 LYS A CD  1 
ATOM   940  C  CE  . LYS A 1 118 ? -11.928 19.901  1.338   1.00 47.31 ? 118 LYS A CE  1 
ATOM   941  N  NZ  . LYS A 1 118 ? -11.790 21.362  1.098   1.00 54.61 ? 118 LYS A NZ  1 
ATOM   942  N  N   . VAL A 1 119 ? -15.759 14.664  -1.198  1.00 33.04 ? 119 VAL A N   1 
ATOM   943  C  CA  . VAL A 1 119 ? -16.813 14.178  -2.077  1.00 33.85 ? 119 VAL A CA  1 
ATOM   944  C  C   . VAL A 1 119 ? -17.465 12.867  -1.637  1.00 34.89 ? 119 VAL A C   1 
ATOM   945  O  O   . VAL A 1 119 ? -18.674 12.682  -1.803  1.00 33.99 ? 119 VAL A O   1 
ATOM   946  C  CB  . VAL A 1 119 ? -16.275 14.022  -3.520  1.00 32.77 ? 119 VAL A CB  1 
ATOM   947  C  CG1 . VAL A 1 119 ? -17.366 13.520  -4.436  1.00 34.72 ? 119 VAL A CG1 1 
ATOM   948  C  CG2 . VAL A 1 119 ? -15.755 15.369  -4.021  1.00 37.11 ? 119 VAL A CG2 1 
ATOM   949  N  N   . LEU A 1 120 ? -16.671 11.955  -1.081  1.00 33.84 ? 120 LEU A N   1 
ATOM   950  C  CA  . LEU A 1 120 ? -17.196 10.667  -0.642  1.00 34.94 ? 120 LEU A CA  1 
ATOM   951  C  C   . LEU A 1 120 ? -18.094 10.797  0.584   1.00 36.27 ? 120 LEU A C   1 
ATOM   952  O  O   . LEU A 1 120 ? -17.833 11.598  1.484   1.00 36.30 ? 120 LEU A O   1 
ATOM   953  C  CB  . LEU A 1 120 ? -16.041 9.706   -0.364  1.00 31.37 ? 120 LEU A CB  1 
ATOM   954  C  CG  . LEU A 1 120 ? -15.234 9.388   -1.626  1.00 31.98 ? 120 LEU A CG  1 
ATOM   955  C  CD1 . LEU A 1 120 ? -13.921 8.713   -1.261  1.00 29.41 ? 120 LEU A CD1 1 
ATOM   956  C  CD2 . LEU A 1 120 ? -16.073 8.511   -2.546  1.00 29.75 ? 120 LEU A CD2 1 
ATOM   957  N  N   . LYS A 1 121 ? -19.160 10.006  0.610   1.00 40.11 ? 121 LYS A N   1 
ATOM   958  C  CA  . LYS A 1 121 ? -20.103 10.052  1.715   1.00 47.17 ? 121 LYS A CA  1 
ATOM   959  C  C   . LYS A 1 121 ? -19.399 9.741   3.029   1.00 49.93 ? 121 LYS A C   1 
ATOM   960  O  O   . LYS A 1 121 ? -19.651 10.391  4.043   1.00 56.07 ? 121 LYS A O   1 
ATOM   961  C  CB  . LYS A 1 121 ? -21.245 9.058   1.484   1.00 48.74 ? 121 LYS A CB  1 
ATOM   962  C  CG  . LYS A 1 121 ? -22.607 9.539   1.978   1.00 55.07 ? 121 LYS A CG  1 
ATOM   963  C  CD  . LYS A 1 121 ? -22.579 9.929   3.450   1.00 58.68 ? 121 LYS A CD  1 
ATOM   964  C  CE  . LYS A 1 121 ? -23.950 10.365  3.943   1.00 61.79 ? 121 LYS A CE  1 
ATOM   965  N  NZ  . LYS A 1 121 ? -23.905 10.755  5.379   1.00 61.53 ? 121 LYS A NZ  1 
ATOM   966  N  N   . ASP A 1 122 ? -18.511 8.755   3.012   1.00 48.22 ? 122 ASP A N   1 
ATOM   967  C  CA  . ASP A 1 122 ? -17.789 8.390   4.220   1.00 48.28 ? 122 ASP A CA  1 
ATOM   968  C  C   . ASP A 1 122 ? -16.510 7.631   3.889   1.00 44.87 ? 122 ASP A C   1 
ATOM   969  O  O   . ASP A 1 122 ? -16.499 6.733   3.044   1.00 44.24 ? 122 ASP A O   1 
ATOM   970  C  CB  . ASP A 1 122 ? -18.677 7.544   5.137   1.00 52.91 ? 122 ASP A CB  1 
ATOM   971  C  CG  . ASP A 1 122 ? -18.488 6.060   4.927   1.00 56.48 ? 122 ASP A CG  1 
ATOM   972  O  OD1 . ASP A 1 122 ? -18.727 5.571   3.802   1.00 59.89 ? 122 ASP A OD1 1 
ATOM   973  O  OD2 . ASP A 1 122 ? -18.096 5.383   5.900   1.00 61.43 ? 122 ASP A OD2 1 
ATOM   974  N  N   . VAL A 1 123 ? -15.433 8.003   4.570   1.00 38.99 ? 123 VAL A N   1 
ATOM   975  C  CA  . VAL A 1 123 ? -14.140 7.382   4.355   1.00 34.33 ? 123 VAL A CA  1 
ATOM   976  C  C   . VAL A 1 123 ? -13.629 6.652   5.597   1.00 35.25 ? 123 VAL A C   1 
ATOM   977  O  O   . VAL A 1 123 ? -12.430 6.646   5.875   1.00 30.95 ? 123 VAL A O   1 
ATOM   978  C  CB  . VAL A 1 123 ? -13.095 8.437   3.898   1.00 34.17 ? 123 VAL A CB  1 
ATOM   979  C  CG1 . VAL A 1 123 ? -13.516 9.033   2.562   1.00 27.37 ? 123 VAL A CG1 1 
ATOM   980  C  CG2 . VAL A 1 123 ? -12.969 9.541   4.935   1.00 30.99 ? 123 VAL A CG2 1 
ATOM   981  N  N   . SER A 1 124 ? -14.541 6.039   6.349   1.00 34.05 ? 124 SER A N   1 
ATOM   982  C  CA  . SER A 1 124 ? -14.143 5.293   7.539   1.00 34.69 ? 124 SER A CA  1 
ATOM   983  C  C   . SER A 1 124 ? -13.328 4.094   7.078   1.00 30.47 ? 124 SER A C   1 
ATOM   984  O  O   . SER A 1 124 ? -12.228 3.840   7.578   1.00 33.88 ? 124 SER A O   1 
ATOM   985  C  CB  . SER A 1 124 ? -15.367 4.805   8.323   1.00 36.67 ? 124 SER A CB  1 
ATOM   986  O  OG  . SER A 1 124 ? -16.081 5.886   8.903   1.00 41.04 ? 124 SER A OG  1 
ATOM   987  N  N   . ARG A 1 125 ? -13.863 3.355   6.118   1.00 28.85 ? 125 ARG A N   1 
ATOM   988  C  CA  . ARG A 1 125 ? -13.142 2.194   5.618   1.00 33.95 ? 125 ARG A CA  1 
ATOM   989  C  C   . ARG A 1 125 ? -13.343 1.910   4.136   1.00 31.40 ? 125 ARG A C   1 
ATOM   990  O  O   . ARG A 1 125 ? -14.221 2.485   3.493   1.00 26.48 ? 125 ARG A O   1 
ATOM   991  C  CB  . ARG A 1 125 ? -13.488 0.955   6.463   1.00 36.34 ? 125 ARG A CB  1 
ATOM   992  C  CG  . ARG A 1 125 ? -14.950 0.774   6.807   1.00 40.31 ? 125 ARG A CG  1 
ATOM   993  C  CD  . ARG A 1 125 ? -15.129 -0.398  7.784   1.00 44.28 ? 125 ARG A CD  1 
ATOM   994  N  NE  . ARG A 1 125 ? -14.570 -0.118  9.107   1.00 45.38 ? 125 ARG A NE  1 
ATOM   995  C  CZ  . ARG A 1 125 ? -14.218 -1.049  9.989   1.00 46.38 ? 125 ARG A CZ  1 
ATOM   996  N  NH1 . ARG A 1 125 ? -14.360 -2.332  9.693   1.00 51.65 ? 125 ARG A NH1 1 
ATOM   997  N  NH2 . ARG A 1 125 ? -13.733 -0.699  11.172  1.00 47.03 ? 125 ARG A NH2 1 
ATOM   998  N  N   . SER A 1 126 ? -12.495 1.042   3.593   1.00 28.46 ? 126 SER A N   1 
ATOM   999  C  CA  . SER A 1 126 ? -12.564 0.672   2.185   1.00 31.38 ? 126 SER A CA  1 
ATOM   1000 C  C   . SER A 1 126 ? -13.765 -0.249  1.958   1.00 31.29 ? 126 SER A C   1 
ATOM   1001 O  O   . SER A 1 126 ? -14.394 -0.705  2.912   1.00 34.53 ? 126 SER A O   1 
ATOM   1002 C  CB  . SER A 1 126 ? -11.282 -0.055  1.764   1.00 32.11 ? 126 SER A CB  1 
ATOM   1003 O  OG  . SER A 1 126 ? -11.290 -1.402  2.210   1.00 28.94 ? 126 SER A OG  1 
ATOM   1004 N  N   . PRO A 1 127 ? -14.102 -0.520  0.687   1.00 33.03 ? 127 PRO A N   1 
ATOM   1005 C  CA  . PRO A 1 127 ? -15.233 -1.398  0.363   1.00 31.70 ? 127 PRO A CA  1 
ATOM   1006 C  C   . PRO A 1 127 ? -14.970 -2.834  0.823   1.00 30.37 ? 127 PRO A C   1 
ATOM   1007 O  O   . PRO A 1 127 ? -15.889 -3.653  0.904   1.00 30.24 ? 127 PRO A O   1 
ATOM   1008 C  CB  . PRO A 1 127 ? -15.320 -1.306  -1.163  1.00 31.54 ? 127 PRO A CB  1 
ATOM   1009 C  CG  . PRO A 1 127 ? -14.768 0.057   -1.459  1.00 35.28 ? 127 PRO A CG  1 
ATOM   1010 C  CD  . PRO A 1 127 ? -13.594 0.155   -0.522  1.00 30.90 ? 127 PRO A CD  1 
ATOM   1011 N  N   . PHE A 1 128 ? -13.714 -3.139  1.124   1.00 27.62 ? 128 PHE A N   1 
ATOM   1012 C  CA  . PHE A 1 128 ? -13.360 -4.482  1.555   1.00 25.85 ? 128 PHE A CA  1 
ATOM   1013 C  C   . PHE A 1 128 ? -13.263 -4.643  3.071   1.00 25.46 ? 128 PHE A C   1 
ATOM   1014 O  O   . PHE A 1 128 ? -12.809 -5.679  3.563   1.00 25.58 ? 128 PHE A O   1 
ATOM   1015 C  CB  . PHE A 1 128 ? -12.069 -4.922  0.862   1.00 25.19 ? 128 PHE A CB  1 
ATOM   1016 C  CG  . PHE A 1 128 ? -12.102 -4.749  -0.642  1.00 28.06 ? 128 PHE A CG  1 
ATOM   1017 C  CD1 . PHE A 1 128 ? -11.444 -3.682  -1.252  1.00 27.13 ? 128 PHE A CD1 1 
ATOM   1018 C  CD2 . PHE A 1 128 ? -12.823 -5.634  -1.441  1.00 25.26 ? 128 PHE A CD2 1 
ATOM   1019 C  CE1 . PHE A 1 128 ? -11.499 -3.498  -2.638  1.00 28.96 ? 128 PHE A CE1 1 
ATOM   1020 C  CE2 . PHE A 1 128 ? -12.888 -5.462  -2.830  1.00 30.70 ? 128 PHE A CE2 1 
ATOM   1021 C  CZ  . PHE A 1 128 ? -12.227 -4.391  -3.432  1.00 25.51 ? 128 PHE A CZ  1 
ATOM   1022 N  N   . GLY A 1 129 ? -13.694 -3.617  3.808   1.00 30.22 ? 129 GLY A N   1 
ATOM   1023 C  CA  . GLY A 1 129 ? -13.702 -3.694  5.262   1.00 30.60 ? 129 GLY A CA  1 
ATOM   1024 C  C   . GLY A 1 129 ? -12.576 -3.106  6.099   1.00 32.49 ? 129 GLY A C   1 
ATOM   1025 O  O   . GLY A 1 129 ? -12.733 -2.949  7.314   1.00 36.28 ? 129 GLY A O   1 
ATOM   1026 N  N   . ASN A 1 130 ? -11.452 -2.767  5.478   1.00 30.12 ? 130 ASN A N   1 
ATOM   1027 C  CA  . ASN A 1 130 ? -10.317 -2.226  6.218   1.00 32.29 ? 130 ASN A CA  1 
ATOM   1028 C  C   . ASN A 1 130 ? -10.374 -0.715  6.429   1.00 30.16 ? 130 ASN A C   1 
ATOM   1029 O  O   . ASN A 1 130 ? -10.854 0.024   5.577   1.00 28.56 ? 130 ASN A O   1 
ATOM   1030 C  CB  . ASN A 1 130 ? -9.025  -2.591  5.492   1.00 31.48 ? 130 ASN A CB  1 
ATOM   1031 C  CG  . ASN A 1 130 ? -8.981  -4.058  5.107   1.00 38.86 ? 130 ASN A CG  1 
ATOM   1032 O  OD1 . ASN A 1 130 ? -8.770  -4.928  5.951   1.00 34.07 ? 130 ASN A OD1 1 
ATOM   1033 N  ND2 . ASN A 1 130 ? -9.214  -4.340  3.829   1.00 33.84 ? 130 ASN A ND2 1 
ATOM   1034 N  N   . PRO A 1 131 ? -9.896  -0.242  7.590   1.00 29.58 ? 131 PRO A N   1 
ATOM   1035 C  CA  . PRO A 1 131 ? -9.892  1.190   7.899   1.00 27.96 ? 131 PRO A CA  1 
ATOM   1036 C  C   . PRO A 1 131 ? -8.967  1.969   6.965   1.00 27.90 ? 131 PRO A C   1 
ATOM   1037 O  O   . PRO A 1 131 ? -7.897  1.487   6.594   1.00 29.30 ? 131 PRO A O   1 
ATOM   1038 C  CB  . PRO A 1 131 ? -9.392  1.229   9.340   1.00 26.15 ? 131 PRO A CB  1 
ATOM   1039 C  CG  . PRO A 1 131 ? -9.875  -0.084  9.893   1.00 27.23 ? 131 PRO A CG  1 
ATOM   1040 C  CD  . PRO A 1 131 ? -9.542  -1.033  8.782   1.00 28.27 ? 131 PRO A CD  1 
ATOM   1041 N  N   . ILE A 1 132 ? -9.387  3.170   6.586   1.00 26.88 ? 132 ILE A N   1 
ATOM   1042 C  CA  . ILE A 1 132 ? -8.587  4.020   5.719   1.00 24.61 ? 132 ILE A CA  1 
ATOM   1043 C  C   . ILE A 1 132 ? -7.656  4.812   6.646   1.00 26.17 ? 132 ILE A C   1 
ATOM   1044 O  O   . ILE A 1 132 ? -8.089  5.708   7.368   1.00 28.21 ? 132 ILE A O   1 
ATOM   1045 C  CB  . ILE A 1 132 ? -9.490  4.973   4.895   1.00 24.63 ? 132 ILE A CB  1 
ATOM   1046 C  CG1 . ILE A 1 132 ? -10.461 4.148   4.041   1.00 27.00 ? 132 ILE A CG1 1 
ATOM   1047 C  CG2 . ILE A 1 132 ? -8.642  5.875   4.003   1.00 28.55 ? 132 ILE A CG2 1 
ATOM   1048 C  CD1 . ILE A 1 132 ? -11.274 4.967   3.027   1.00 20.88 ? 132 ILE A CD1 1 
ATOM   1049 N  N   . PRO A 1 133 ? -6.358  4.477   6.643   1.00 22.96 ? 133 PRO A N   1 
ATOM   1050 C  CA  . PRO A 1 133 ? -5.362  5.146   7.489   1.00 24.12 ? 133 PRO A CA  1 
ATOM   1051 C  C   . PRO A 1 133 ? -4.863  6.504   7.001   1.00 26.27 ? 133 PRO A C   1 
ATOM   1052 O  O   . PRO A 1 133 ? -5.180  6.950   5.895   1.00 28.00 ? 133 PRO A O   1 
ATOM   1053 C  CB  . PRO A 1 133 ? -4.230  4.126   7.534   1.00 26.79 ? 133 PRO A CB  1 
ATOM   1054 C  CG  . PRO A 1 133 ? -4.220  3.634   6.077   1.00 21.24 ? 133 PRO A CG  1 
ATOM   1055 C  CD  . PRO A 1 133 ? -5.724  3.441   5.802   1.00 24.44 ? 133 PRO A CD  1 
ATOM   1056 N  N   . GLY A 1 134 ? -4.075  7.144   7.861   1.00 26.96 ? 134 GLY A N   1 
ATOM   1057 C  CA  . GLY A 1 134 ? -3.455  8.413   7.553   1.00 26.21 ? 134 GLY A CA  1 
ATOM   1058 C  C   . GLY A 1 134 ? -4.304  9.606   7.186   1.00 30.44 ? 134 GLY A C   1 
ATOM   1059 O  O   . GLY A 1 134 ? -3.770  10.590  6.687   1.00 31.71 ? 134 GLY A O   1 
ATOM   1060 N  N   . LEU A 1 135 ? -5.607  9.545   7.432   1.00 33.02 ? 135 LEU A N   1 
ATOM   1061 C  CA  . LEU A 1 135 ? -6.469  10.670  7.086   1.00 32.11 ? 135 LEU A CA  1 
ATOM   1062 C  C   . LEU A 1 135 ? -6.062  11.982  7.755   1.00 34.76 ? 135 LEU A C   1 
ATOM   1063 O  O   . LEU A 1 135 ? -6.142  13.039  7.141   1.00 34.69 ? 135 LEU A O   1 
ATOM   1064 C  CB  . LEU A 1 135 ? -7.930  10.346  7.413   1.00 36.82 ? 135 LEU A CB  1 
ATOM   1065 C  CG  . LEU A 1 135 ? -8.590  9.341   6.462   1.00 35.03 ? 135 LEU A CG  1 
ATOM   1066 C  CD1 . LEU A 1 135 ? -10.020 9.088   6.878   1.00 39.33 ? 135 LEU A CD1 1 
ATOM   1067 C  CD2 . LEU A 1 135 ? -8.538  9.879   5.033   1.00 39.19 ? 135 LEU A CD2 1 
ATOM   1068 N  N   . ASP A 1 136 ? -5.616  11.928  9.003   1.00 36.18 ? 136 ASP A N   1 
ATOM   1069 C  CA  . ASP A 1 136 ? -5.234  13.160  9.678   1.00 37.11 ? 136 ASP A CA  1 
ATOM   1070 C  C   . ASP A 1 136 ? -3.914  13.706  9.154   1.00 37.84 ? 136 ASP A C   1 
ATOM   1071 O  O   . ASP A 1 136 ? -3.725  14.917  9.073   1.00 35.43 ? 136 ASP A O   1 
ATOM   1072 C  CB  . ASP A 1 136 ? -5.174  12.944  11.191  1.00 38.86 ? 136 ASP A CB  1 
ATOM   1073 C  CG  . ASP A 1 136 ? -6.547  12.699  11.790  1.00 43.07 ? 136 ASP A CG  1 
ATOM   1074 O  OD1 . ASP A 1 136 ? -7.488  13.437  11.431  1.00 44.90 ? 136 ASP A OD1 1 
ATOM   1075 O  OD2 . ASP A 1 136 ? -6.690  11.778  12.618  1.00 46.25 ? 136 ASP A OD2 1 
ATOM   1076 N  N   . GLU A 1 137 ? -3.015  12.806  8.776   1.00 39.27 ? 137 GLU A N   1 
ATOM   1077 C  CA  . GLU A 1 137 ? -1.718  13.199  8.248   1.00 42.03 ? 137 GLU A CA  1 
ATOM   1078 C  C   . GLU A 1 137 ? -1.892  13.800  6.848   1.00 44.70 ? 137 GLU A C   1 
ATOM   1079 O  O   . GLU A 1 137 ? -1.103  14.651  6.424   1.00 41.88 ? 137 GLU A O   1 
ATOM   1080 C  CB  . GLU A 1 137 ? -0.774  11.987  8.207   1.00 42.34 ? 137 GLU A CB  1 
ATOM   1081 C  CG  . GLU A 1 137 ? -0.566  11.298  9.570   1.00 44.48 ? 137 GLU A CG  1 
ATOM   1082 C  CD  . GLU A 1 137 ? -1.781  10.503  10.038  1.00 48.43 ? 137 GLU A CD  1 
ATOM   1083 O  OE1 . GLU A 1 137 ? -2.826  10.549  9.363   1.00 45.88 ? 137 GLU A OE1 1 
ATOM   1084 O  OE2 . GLU A 1 137 ? -1.696  9.827   11.085  1.00 55.29 ? 137 GLU A OE2 1 
ATOM   1085 N  N   . LEU A 1 138 ? -2.935  13.362  6.142   1.00 46.45 ? 138 LEU A N   1 
ATOM   1086 C  CA  . LEU A 1 138 ? -3.223  13.864  4.801   1.00 49.95 ? 138 LEU A CA  1 
ATOM   1087 C  C   . LEU A 1 138 ? -3.324  15.382  4.878   1.00 55.57 ? 138 LEU A C   1 
ATOM   1088 O  O   . LEU A 1 138 ? -4.391  15.934  5.136   1.00 56.89 ? 138 LEU A O   1 
ATOM   1089 C  CB  . LEU A 1 138 ? -4.536  13.259  4.272   1.00 45.12 ? 138 LEU A CB  1 
ATOM   1090 C  CG  . LEU A 1 138 ? -5.080  13.779  2.929   1.00 44.17 ? 138 LEU A CG  1 
ATOM   1091 C  CD1 . LEU A 1 138 ? -4.001  13.663  1.856   1.00 40.93 ? 138 LEU A CD1 1 
ATOM   1092 C  CD2 . LEU A 1 138 ? -6.335  12.998  2.531   1.00 37.25 ? 138 LEU A CD2 1 
ATOM   1093 N  N   . GLY A 1 139 ? -2.190  16.046  4.674   1.00 62.59 ? 139 GLY A N   1 
ATOM   1094 C  CA  . GLY A 1 139 ? -2.146  17.496  4.737   1.00 65.51 ? 139 GLY A CA  1 
ATOM   1095 C  C   . GLY A 1 139 ? -0.824  17.990  5.289   1.00 68.18 ? 139 GLY A C   1 
ATOM   1096 O  O   . GLY A 1 139 ? -0.128  18.780  4.650   1.00 70.14 ? 139 GLY A O   1 
HETATM 1097 NI NI  . NI  B 2 .   ? -0.272  -1.233  -6.295  1.00 25.88 ? 252 NI  A NI  1 
HETATM 1098 O  O   . HOH C 3 .   ? -7.782  -4.018  -1.860  1.00 45.50 ? 253 HOH A O   1 
HETATM 1099 O  O   . HOH C 3 .   ? -8.779  -2.093  1.233   1.00 24.38 ? 254 HOH A O   1 
HETATM 1100 O  O   . HOH C 3 .   ? -11.705 -6.453  -6.605  1.00 25.72 ? 255 HOH A O   1 
HETATM 1101 O  O   . HOH C 3 .   ? 12.719  -14.357 5.000   1.00 33.76 ? 256 HOH A O   1 
HETATM 1102 O  O   . HOH C 3 .   ? -3.638  -6.720  -1.489  1.00 42.10 ? 257 HOH A O   1 
HETATM 1103 O  O   . HOH C 3 .   ? -10.480 17.247  2.373   1.00 29.49 ? 258 HOH A O   1 
HETATM 1104 O  O   . HOH C 3 .   ? -0.002  -1.518  9.818   1.00 36.69 ? 259 HOH A O   1 
HETATM 1105 O  O   . HOH C 3 .   ? 4.695   6.550   -6.974  1.00 36.41 ? 260 HOH A O   1 
HETATM 1106 O  O   . HOH C 3 .   ? -17.120 -11.538 -5.947  1.00 32.05 ? 261 HOH A O   1 
HETATM 1107 O  O   . HOH C 3 .   ? 0.778   16.869  -4.437  1.00 53.48 ? 262 HOH A O   1 
HETATM 1108 O  O   . HOH C 3 .   ? -5.535  -3.791  1.483   1.00 27.28 ? 263 HOH A O   1 
HETATM 1109 O  O   . HOH C 3 .   ? 12.847  6.934   9.405   1.00 37.21 ? 264 HOH A O   1 
HETATM 1110 O  O   . HOH C 3 .   ? 7.401   -3.396  9.483   1.00 31.36 ? 265 HOH A O   1 
HETATM 1111 O  O   . HOH C 3 .   ? -7.158  7.603   8.909   1.00 26.58 ? 266 HOH A O   1 
HETATM 1112 O  O   . HOH C 3 .   ? -19.843 8.642   -1.528  1.00 41.73 ? 267 HOH A O   1 
HETATM 1113 O  O   . HOH C 3 .   ? -18.210 -2.711  0.721   1.00 28.92 ? 268 HOH A O   1 
HETATM 1114 O  O   . HOH C 3 .   ? -4.351  9.469   10.756  1.00 42.28 ? 269 HOH A O   1 
HETATM 1115 O  O   . HOH C 3 .   ? 6.916   1.120   -13.608 1.00 31.45 ? 270 HOH A O   1 
HETATM 1116 O  O   . HOH C 3 .   ? -20.639 -8.223  -9.030  1.00 38.07 ? 271 HOH A O   1 
HETATM 1117 O  O   . HOH C 3 .   ? 8.727   4.626   -4.528  1.00 27.91 ? 272 HOH A O   1 
HETATM 1118 O  O   . HOH C 3 .   ? -0.716  -8.481  0.621   1.00 45.46 ? 273 HOH A O   1 
HETATM 1119 O  O   . HOH C 3 .   ? 8.023   -0.621  12.260  1.00 28.53 ? 274 HOH A O   1 
HETATM 1120 O  O   . HOH C 3 .   ? 7.804   10.079  9.156   1.00 40.51 ? 275 HOH A O   1 
HETATM 1121 O  O   . HOH C 3 .   ? -0.420  3.876   9.910   1.00 43.03 ? 276 HOH A O   1 
HETATM 1122 O  O   . HOH C 3 .   ? 1.661   6.885   -4.288  1.00 26.13 ? 277 HOH A O   1 
HETATM 1123 O  O   . HOH C 3 .   ? 1.349   8.596   5.685   1.00 33.09 ? 278 HOH A O   1 
HETATM 1124 O  O   . HOH C 3 .   ? 1.321   9.203   -5.719  1.00 40.87 ? 279 HOH A O   1 
HETATM 1125 O  O   . HOH C 3 .   ? 6.014   -5.005  12.225  1.00 37.03 ? 280 HOH A O   1 
HETATM 1126 O  O   . HOH C 3 .   ? -21.866 4.678   -10.842 1.00 27.51 ? 281 HOH A O   1 
HETATM 1127 O  O   . HOH C 3 .   ? -13.288 -1.768  13.785  1.00 40.80 ? 282 HOH A O   1 
HETATM 1128 O  O   . HOH C 3 .   ? -5.926  -2.160  -4.296  1.00 26.45 ? 283 HOH A O   1 
HETATM 1129 O  O   . HOH C 3 .   ? 9.980   1.770   -6.734  1.00 32.83 ? 284 HOH A O   1 
HETATM 1130 O  O   . HOH C 3 .   ? -5.205  -6.450  4.861   1.00 42.24 ? 285 HOH A O   1 
HETATM 1131 O  O   . HOH C 3 .   ? 7.987   8.721   3.820   1.00 44.12 ? 286 HOH A O   1 
HETATM 1132 O  O   . HOH C 3 .   ? -9.896  -3.700  -12.810 1.00 44.87 ? 287 HOH A O   1 
HETATM 1133 O  O   . HOH C 3 .   ? -3.294  -4.261  -10.716 1.00 34.05 ? 288 HOH A O   1 
HETATM 1134 O  O   . HOH C 3 .   ? 10.447  -7.276  14.154  1.00 38.39 ? 289 HOH A O   1 
HETATM 1135 O  O   . HOH C 3 .   ? -7.677  19.327  -3.131  1.00 42.86 ? 290 HOH A O   1 
HETATM 1136 O  O   . HOH C 3 .   ? -9.692  20.110  -0.986  1.00 44.30 ? 291 HOH A O   1 
HETATM 1137 O  O   . HOH C 3 .   ? 3.889   -15.490 11.307  1.00 44.46 ? 292 HOH A O   1 
HETATM 1138 O  O   . HOH C 3 .   ? -25.427 9.444   -3.006  1.00 74.69 ? 293 HOH A O   1 
HETATM 1139 O  O   . HOH C 3 .   ? -9.764  -6.781  -8.726  1.00 30.75 ? 294 HOH A O   1 
HETATM 1140 O  O   . HOH C 3 .   ? -20.465 13.569  3.282   1.00 55.11 ? 295 HOH A O   1 
HETATM 1141 O  O   . HOH C 3 .   ? -18.938 -1.749  -7.449  1.00 36.16 ? 296 HOH A O   1 
HETATM 1142 O  O   . HOH C 3 .   ? 5.794   7.020   10.363  1.00 36.77 ? 297 HOH A O   1 
HETATM 1143 O  O   . HOH C 3 .   ? -0.414  18.905  -6.826  1.00 61.52 ? 298 HOH A O   1 
HETATM 1144 O  O   . HOH C 3 .   ? -0.175  8.226   10.252  1.00 46.97 ? 299 HOH A O   1 
HETATM 1145 O  O   . HOH C 3 .   ? 21.654  -3.025  2.036   1.00 76.00 ? 300 HOH A O   1 
HETATM 1146 O  O   . HOH C 3 .   ? 21.504  0.934   -5.844  1.00 50.88 ? 301 HOH A O   1 
HETATM 1147 O  O   . HOH C 3 .   ? 0.519   17.013  0.742   1.00 39.20 ? 302 HOH A O   1 
HETATM 1148 O  O   . HOH C 3 .   ? -10.619 6.160   8.500   1.00 48.18 ? 303 HOH A O   1 
HETATM 1149 O  O   . HOH C 3 .   ? -4.964  -2.166  -17.338 1.00 48.37 ? 304 HOH A O   1 
HETATM 1150 O  O   . HOH C 3 .   ? 2.564   -8.663  11.756  1.00 47.71 ? 305 HOH A O   1 
HETATM 1151 O  O   . HOH C 3 .   ? 17.047  -8.661  1.262   1.00 57.55 ? 306 HOH A O   1 
HETATM 1152 O  O   . HOH C 3 .   ? -15.890 9.302   7.221   1.00 47.73 ? 307 HOH A O   1 
HETATM 1153 O  O   . HOH C 3 .   ? -7.543  -3.635  -14.112 1.00 41.34 ? 308 HOH A O   1 
HETATM 1154 O  O   . HOH C 3 .   ? -1.919  7.895   4.572   1.00 97.53 ? 309 HOH A O   1 
HETATM 1155 O  O   . HOH C 3 .   ? 1.125   14.500  -3.835  1.00 36.26 ? 310 HOH A O   1 
HETATM 1156 O  O   . HOH C 3 .   ? -16.736 3.692   4.863   1.00 40.02 ? 311 HOH A O   1 
HETATM 1157 O  O   . HOH C 3 .   ? 11.231  -13.880 12.061  1.00 47.53 ? 312 HOH A O   1 
HETATM 1158 O  O   . HOH C 3 .   ? 0.642   -6.549  13.607  1.00 45.66 ? 313 HOH A O   1 
HETATM 1159 O  O   . HOH C 3 .   ? -3.623  -12.374 2.332   1.00 47.76 ? 314 HOH A O   1 
HETATM 1160 O  O   . HOH C 3 .   ? 21.770  6.750   -6.604  1.00 55.81 ? 315 HOH A O   1 
HETATM 1161 O  O   . HOH C 3 .   ? -0.873  20.851  3.281   1.00 50.70 ? 316 HOH A O   1 
HETATM 1162 O  O   . HOH C 3 .   ? -1.375  -15.244 3.719   1.00 50.77 ? 317 HOH A O   1 
HETATM 1163 O  O   . HOH C 3 .   ? -7.199  -7.746  6.148   1.00 50.72 ? 318 HOH A O   1 
HETATM 1164 O  O   . HOH C 3 .   ? -0.223  -3.323  -13.881 1.00 45.05 ? 319 HOH A O   1 
HETATM 1165 O  O   . HOH C 3 .   ? -18.386 8.138   -11.208 1.00 97.53 ? 320 HOH A O   1 
HETATM 1166 O  O   . HOH C 3 .   ? -6.368  8.595   13.217  1.00 52.18 ? 321 HOH A O   1 
HETATM 1167 O  O   . HOH C 3 .   ? 7.998   -11.657 -10.612 1.00 53.74 ? 322 HOH A O   1 
HETATM 1168 O  O   . HOH C 3 .   ? 3.338   14.105  0.666   1.00 43.34 ? 323 HOH A O   1 
HETATM 1169 O  O   . HOH C 3 .   ? 9.056   -8.546  -11.071 1.00 58.39 ? 324 HOH A O   1 
HETATM 1170 O  O   . HOH C 3 .   ? -0.382  14.504  2.812   1.00 81.03 ? 325 HOH A O   1 
HETATM 1171 O  O   . HOH C 3 .   ? -21.721 7.423   4.635   1.00 94.88 ? 326 HOH A O   1 
# 
loop_
_pdbx_poly_seq_scheme.asym_id 
_pdbx_poly_seq_scheme.entity_id 
_pdbx_poly_seq_scheme.seq_id 
_pdbx_poly_seq_scheme.mon_id 
_pdbx_poly_seq_scheme.ndb_seq_num 
_pdbx_poly_seq_scheme.pdb_seq_num 
_pdbx_poly_seq_scheme.auth_seq_num 
_pdbx_poly_seq_scheme.pdb_mon_id 
_pdbx_poly_seq_scheme.auth_mon_id 
_pdbx_poly_seq_scheme.pdb_strand_id 
_pdbx_poly_seq_scheme.pdb_ins_code 
_pdbx_poly_seq_scheme.hetero 
A 1 1   MET 1   1   1   MET MET A . n 
A 1 2   LYS 2   2   2   LYS LYS A . n 
A 1 3   ASP 3   3   3   ASP ASP A . n 
A 1 4   LEU 4   4   4   LEU LEU A . n 
A 1 5   VAL 5   5   5   VAL VAL A . n 
A 1 6   ASP 6   6   6   ASP ASP A . n 
A 1 7   THR 7   7   7   THR THR A . n 
A 1 8   THR 8   8   8   THR THR A . n 
A 1 9   GLU 9   9   9   GLU GLU A . n 
A 1 10  MET 10  10  10  MET MET A . n 
A 1 11  TYR 11  11  11  TYR TYR A . n 
A 1 12  LEU 12  12  12  LEU LEU A . n 
A 1 13  ARG 13  13  13  ARG ARG A . n 
A 1 14  THR 14  14  14  THR THR A . n 
A 1 15  ILE 15  15  15  ILE ILE A . n 
A 1 16  TYR 16  16  16  TYR TYR A . n 
A 1 17  GLU 17  17  17  GLU GLU A . n 
A 1 18  LEU 18  18  18  LEU LEU A . n 
A 1 19  GLU 19  19  19  GLU GLU A . n 
A 1 20  GLU 20  20  20  GLU GLU A . n 
A 1 21  GLU 21  21  21  GLU GLU A . n 
A 1 22  GLY 22  22  22  GLY GLY A . n 
A 1 23  VAL 23  23  23  VAL VAL A . n 
A 1 24  THR 24  24  24  THR THR A . n 
A 1 25  PRO 25  25  25  PRO PRO A . n 
A 1 26  LEU 26  26  26  LEU LEU A . n 
A 1 27  ARG 27  27  27  ARG ARG A . n 
A 1 28  ALA 28  28  28  ALA ALA A . n 
A 1 29  ARG 29  29  29  ARG ARG A . n 
A 1 30  ILE 30  30  30  ILE ILE A . n 
A 1 31  ALA 31  31  31  ALA ALA A . n 
A 1 32  GLU 32  32  32  GLU GLU A . n 
A 1 33  ARG 33  33  33  ARG ARG A . n 
A 1 34  LEU 34  34  34  LEU LEU A . n 
A 1 35  GLU 35  35  35  GLU GLU A . n 
A 1 36  GLN 36  36  36  GLN GLN A . n 
A 1 37  SER 37  37  37  SER SER A . n 
A 1 38  GLY 38  38  38  GLY GLY A . n 
A 1 39  PRO 39  39  39  PRO PRO A . n 
A 1 40  THR 40  40  40  THR THR A . n 
A 1 41  VAL 41  41  41  VAL VAL A . n 
A 1 42  SER 42  42  42  SER SER A . n 
A 1 43  GLN 43  43  43  GLN GLN A . n 
A 1 44  THR 44  44  44  THR THR A . n 
A 1 45  VAL 45  45  45  VAL VAL A . n 
A 1 46  ALA 46  46  46  ALA ALA A . n 
A 1 47  ARG 47  47  47  ARG ARG A . n 
A 1 48  MET 48  48  48  MET MET A . n 
A 1 49  GLU 49  49  49  GLU GLU A . n 
A 1 50  ARG 50  50  50  ARG ARG A . n 
A 1 51  ASP 51  51  51  ASP ASP A . n 
A 1 52  GLY 52  52  52  GLY GLY A . n 
A 1 53  LEU 53  53  53  LEU LEU A . n 
A 1 54  VAL 54  54  54  VAL VAL A . n 
A 1 55  VAL 55  55  55  VAL VAL A . n 
A 1 56  VAL 56  56  56  VAL VAL A . n 
A 1 57  ALA 57  57  57  ALA ALA A . n 
A 1 58  SER 58  58  58  SER SER A . n 
A 1 59  ASP 59  59  59  ASP ASP A . n 
A 1 60  ARG 60  60  60  ARG ARG A . n 
A 1 61  SER 61  61  61  SER SER A . n 
A 1 62  LEU 62  62  62  LEU LEU A . n 
A 1 63  GLN 63  63  63  GLN GLN A . n 
A 1 64  MET 64  64  64  MET MET A . n 
A 1 65  THR 65  65  65  THR THR A . n 
A 1 66  PRO 66  66  66  PRO PRO A . n 
A 1 67  THR 67  67  67  THR THR A . n 
A 1 68  GLY 68  68  68  GLY GLY A . n 
A 1 69  ARG 69  69  69  ARG ARG A . n 
A 1 70  THR 70  70  70  THR THR A . n 
A 1 71  LEU 71  71  71  LEU LEU A . n 
A 1 72  ALA 72  72  72  ALA ALA A . n 
A 1 73  THR 73  73  73  THR THR A . n 
A 1 74  ALA 74  74  74  ALA ALA A . n 
A 1 75  VAL 75  75  75  VAL VAL A . n 
A 1 76  MET 76  76  76  MET MET A . n 
A 1 77  ARG 77  77  77  ARG ARG A . n 
A 1 78  LYS 78  78  78  LYS LYS A . n 
A 1 79  ALA 79  79  79  ALA ALA A . n 
A 1 80  ARG 80  80  80  ARG ARG A . n 
A 1 81  LEU 81  81  81  LEU LEU A . n 
A 1 82  ALA 82  82  82  ALA ALA A . n 
A 1 83  GLU 83  83  83  GLU GLU A . n 
A 1 84  ARG 84  84  84  ARG ARG A . n 
A 1 85  LEU 85  85  85  LEU LEU A . n 
A 1 86  LEU 86  86  86  LEU LEU A . n 
A 1 87  THR 87  87  87  THR THR A . n 
A 1 88  ASP 88  88  88  ASP ASP A . n 
A 1 89  ILE 89  89  89  ILE ILE A . n 
A 1 90  ILE 90  90  90  ILE ILE A . n 
A 1 91  GLY 91  91  91  GLY GLY A . n 
A 1 92  LEU 92  92  92  LEU LEU A . n 
A 1 93  ASP 93  93  93  ASP ASP A . n 
A 1 94  ILE 94  94  94  ILE ILE A . n 
A 1 95  ASN 95  95  95  ASN ASN A . n 
A 1 96  LYS 96  96  96  LYS LYS A . n 
A 1 97  VAL 97  97  97  VAL VAL A . n 
A 1 98  HIS 98  98  98  HIS HIS A . n 
A 1 99  ASP 99  99  99  ASP ASP A . n 
A 1 100 GLU 100 100 100 GLU GLU A . n 
A 1 101 ALA 101 101 101 ALA ALA A . n 
A 1 102 ASP 102 102 102 ASP ASP A . n 
A 1 103 ARG 103 103 103 ARG ARG A . n 
A 1 104 TRP 104 104 104 TRP TRP A . n 
A 1 105 GLU 105 105 105 GLU GLU A . n 
A 1 106 HIS 106 106 106 HIS HIS A . n 
A 1 107 VAL 107 107 107 VAL VAL A . n 
A 1 108 MET 108 108 108 MET MET A . n 
A 1 109 SER 109 109 109 SER SER A . n 
A 1 110 ASP 110 110 110 ASP ASP A . n 
A 1 111 GLU 111 111 111 GLU GLU A . n 
A 1 112 VAL 112 112 112 VAL VAL A . n 
A 1 113 GLU 113 113 113 GLU GLU A . n 
A 1 114 ARG 114 114 114 ARG ARG A . n 
A 1 115 ARG 115 115 115 ARG ARG A . n 
A 1 116 LEU 116 116 116 LEU LEU A . n 
A 1 117 VAL 117 117 117 VAL VAL A . n 
A 1 118 LYS 118 118 118 LYS LYS A . n 
A 1 119 VAL 119 119 119 VAL VAL A . n 
A 1 120 LEU 120 120 120 LEU LEU A . n 
A 1 121 LYS 121 121 121 LYS LYS A . n 
A 1 122 ASP 122 122 122 ASP ASP A . n 
A 1 123 VAL 123 123 123 VAL VAL A . n 
A 1 124 SER 124 124 124 SER SER A . n 
A 1 125 ARG 125 125 125 ARG ARG A . n 
A 1 126 SER 126 126 126 SER SER A . n 
A 1 127 PRO 127 127 127 PRO PRO A . n 
A 1 128 PHE 128 128 128 PHE PHE A . n 
A 1 129 GLY 129 129 129 GLY GLY A . n 
A 1 130 ASN 130 130 130 ASN ASN A . n 
A 1 131 PRO 131 131 131 PRO PRO A . n 
A 1 132 ILE 132 132 132 ILE ILE A . n 
A 1 133 PRO 133 133 133 PRO PRO A . n 
A 1 134 GLY 134 134 134 GLY GLY A . n 
A 1 135 LEU 135 135 135 LEU LEU A . n 
A 1 136 ASP 136 136 136 ASP ASP A . n 
A 1 137 GLU 137 137 137 GLU GLU A . n 
A 1 138 LEU 138 138 138 LEU LEU A . n 
A 1 139 GLY 139 139 139 GLY GLY A . n 
# 
loop_
_pdbx_nonpoly_scheme.asym_id 
_pdbx_nonpoly_scheme.entity_id 
_pdbx_nonpoly_scheme.mon_id 
_pdbx_nonpoly_scheme.ndb_seq_num 
_pdbx_nonpoly_scheme.pdb_seq_num 
_pdbx_nonpoly_scheme.auth_seq_num 
_pdbx_nonpoly_scheme.pdb_mon_id 
_pdbx_nonpoly_scheme.auth_mon_id 
_pdbx_nonpoly_scheme.pdb_strand_id 
_pdbx_nonpoly_scheme.pdb_ins_code 
B 2 NI  1  252 252 NI  NI2 A . 
C 3 HOH 1  253 1   HOH HOH A . 
C 3 HOH 2  254 2   HOH HOH A . 
C 3 HOH 3  255 3   HOH HOH A . 
C 3 HOH 4  256 4   HOH HOH A . 
C 3 HOH 5  257 5   HOH HOH A . 
C 3 HOH 6  258 6   HOH HOH A . 
C 3 HOH 7  259 7   HOH HOH A . 
C 3 HOH 8  260 8   HOH HOH A . 
C 3 HOH 9  261 9   HOH HOH A . 
C 3 HOH 10 262 10  HOH HOH A . 
C 3 HOH 11 263 11  HOH HOH A . 
C 3 HOH 12 264 12  HOH HOH A . 
C 3 HOH 13 265 13  HOH HOH A . 
C 3 HOH 14 266 14  HOH HOH A . 
C 3 HOH 15 267 15  HOH HOH A . 
C 3 HOH 16 268 16  HOH HOH A . 
C 3 HOH 17 269 17  HOH HOH A . 
C 3 HOH 18 270 18  HOH HOH A . 
C 3 HOH 19 271 19  HOH HOH A . 
C 3 HOH 20 272 20  HOH HOH A . 
C 3 HOH 21 273 21  HOH HOH A . 
C 3 HOH 22 274 22  HOH HOH A . 
C 3 HOH 23 275 23  HOH HOH A . 
C 3 HOH 24 276 24  HOH HOH A . 
C 3 HOH 25 277 25  HOH HOH A . 
C 3 HOH 26 278 26  HOH HOH A . 
C 3 HOH 27 279 27  HOH HOH A . 
C 3 HOH 28 280 28  HOH HOH A . 
C 3 HOH 29 281 29  HOH HOH A . 
C 3 HOH 30 282 30  HOH HOH A . 
C 3 HOH 31 283 31  HOH HOH A . 
C 3 HOH 32 284 32  HOH HOH A . 
C 3 HOH 33 285 33  HOH HOH A . 
C 3 HOH 34 286 34  HOH HOH A . 
C 3 HOH 35 287 35  HOH HOH A . 
C 3 HOH 36 288 36  HOH HOH A . 
C 3 HOH 37 289 37  HOH HOH A . 
C 3 HOH 38 290 38  HOH HOH A . 
C 3 HOH 39 291 39  HOH HOH A . 
C 3 HOH 40 292 40  HOH HOH A . 
C 3 HOH 41 293 41  HOH HOH A . 
C 3 HOH 42 294 42  HOH HOH A . 
C 3 HOH 43 295 43  HOH HOH A . 
C 3 HOH 44 296 44  HOH HOH A . 
C 3 HOH 45 297 45  HOH HOH A . 
C 3 HOH 46 298 46  HOH HOH A . 
C 3 HOH 47 299 47  HOH HOH A . 
C 3 HOH 48 300 48  HOH HOH A . 
C 3 HOH 49 301 49  HOH HOH A . 
C 3 HOH 50 302 50  HOH HOH A . 
C 3 HOH 51 303 51  HOH HOH A . 
C 3 HOH 52 304 52  HOH HOH A . 
C 3 HOH 53 305 53  HOH HOH A . 
C 3 HOH 54 306 54  HOH HOH A . 
C 3 HOH 55 307 55  HOH HOH A . 
C 3 HOH 56 308 56  HOH HOH A . 
C 3 HOH 57 309 57  HOH HOH A . 
C 3 HOH 58 310 58  HOH HOH A . 
C 3 HOH 59 311 59  HOH HOH A . 
C 3 HOH 60 312 60  HOH HOH A . 
C 3 HOH 61 313 61  HOH HOH A . 
C 3 HOH 62 314 62  HOH HOH A . 
C 3 HOH 63 315 63  HOH HOH A . 
C 3 HOH 64 316 64  HOH HOH A . 
C 3 HOH 65 317 65  HOH HOH A . 
C 3 HOH 66 318 66  HOH HOH A . 
C 3 HOH 67 319 67  HOH HOH A . 
C 3 HOH 68 320 68  HOH HOH A . 
C 3 HOH 69 321 69  HOH HOH A . 
C 3 HOH 70 322 70  HOH HOH A . 
C 3 HOH 71 323 71  HOH HOH A . 
C 3 HOH 72 324 72  HOH HOH A . 
C 3 HOH 73 325 73  HOH HOH A . 
C 3 HOH 74 326 74  HOH HOH A . 
# 
_pdbx_struct_assembly.id                   1 
_pdbx_struct_assembly.details              author_and_software_defined_assembly 
_pdbx_struct_assembly.method_details       PISA,PQS 
_pdbx_struct_assembly.oligomeric_details   dimeric 
_pdbx_struct_assembly.oligomeric_count     2 
# 
_pdbx_struct_assembly_gen.assembly_id       1 
_pdbx_struct_assembly_gen.oper_expression   1,2 
_pdbx_struct_assembly_gen.asym_id_list      A,B,C 
# 
loop_
_pdbx_struct_assembly_prop.biol_id 
_pdbx_struct_assembly_prop.type 
_pdbx_struct_assembly_prop.value 
_pdbx_struct_assembly_prop.details 
1 'ABSA (A^2)' 2170  ? 
1 MORE         -42   ? 
1 'SSA (A^2)'  13560 ? 
# 
loop_
_pdbx_struct_oper_list.id 
_pdbx_struct_oper_list.type 
_pdbx_struct_oper_list.name 
_pdbx_struct_oper_list.symmetry_operation 
_pdbx_struct_oper_list.matrix[1][1] 
_pdbx_struct_oper_list.matrix[1][2] 
_pdbx_struct_oper_list.matrix[1][3] 
_pdbx_struct_oper_list.vector[1] 
_pdbx_struct_oper_list.matrix[2][1] 
_pdbx_struct_oper_list.matrix[2][2] 
_pdbx_struct_oper_list.matrix[2][3] 
_pdbx_struct_oper_list.vector[2] 
_pdbx_struct_oper_list.matrix[3][1] 
_pdbx_struct_oper_list.matrix[3][2] 
_pdbx_struct_oper_list.matrix[3][3] 
_pdbx_struct_oper_list.vector[3] 
1 'identity operation'         1_555 x,y,z    1.0000000000 0.0000000000  0.0000000000  0.0000000000  0.0000000000  1.0000000000  0.0000000000 0.0000000000  0.0000000000  0.0000000000 1.0000000000  0.0000000000   
2 'crystal symmetry operation' 4_556 y,x,-z+1 0.7284192676 -0.5822011678 -0.3611747095 -1.7446284465 -0.5822011678 -0.8038912166 0.1216581773 10.2984086321 -0.3611747095 0.1216581773 -0.9245280510 -24.9496842258 
# 
loop_
_pdbx_struct_conn_angle.id 
_pdbx_struct_conn_angle.ptnr1_label_atom_id 
_pdbx_struct_conn_angle.ptnr1_label_alt_id 
_pdbx_struct_conn_angle.ptnr1_label_asym_id 
_pdbx_struct_conn_angle.ptnr1_label_comp_id 
_pdbx_struct_conn_angle.ptnr1_label_seq_id 
_pdbx_struct_conn_angle.ptnr1_auth_atom_id 
_pdbx_struct_conn_angle.ptnr1_auth_asym_id 
_pdbx_struct_conn_angle.ptnr1_auth_comp_id 
_pdbx_struct_conn_angle.ptnr1_auth_seq_id 
_pdbx_struct_conn_angle.ptnr1_PDB_ins_code 
_pdbx_struct_conn_angle.ptnr1_symmetry 
_pdbx_struct_conn_angle.ptnr2_label_atom_id 
_pdbx_struct_conn_angle.ptnr2_label_alt_id 
_pdbx_struct_conn_angle.ptnr2_label_asym_id 
_pdbx_struct_conn_angle.ptnr2_label_comp_id 
_pdbx_struct_conn_angle.ptnr2_label_seq_id 
_pdbx_struct_conn_angle.ptnr2_auth_atom_id 
_pdbx_struct_conn_angle.ptnr2_auth_asym_id 
_pdbx_struct_conn_angle.ptnr2_auth_comp_id 
_pdbx_struct_conn_angle.ptnr2_auth_seq_id 
_pdbx_struct_conn_angle.ptnr2_PDB_ins_code 
_pdbx_struct_conn_angle.ptnr2_symmetry 
_pdbx_struct_conn_angle.ptnr3_label_atom_id 
_pdbx_struct_conn_angle.ptnr3_label_alt_id 
_pdbx_struct_conn_angle.ptnr3_label_asym_id 
_pdbx_struct_conn_angle.ptnr3_label_comp_id 
_pdbx_struct_conn_angle.ptnr3_label_seq_id 
_pdbx_struct_conn_angle.ptnr3_auth_atom_id 
_pdbx_struct_conn_angle.ptnr3_auth_asym_id 
_pdbx_struct_conn_angle.ptnr3_auth_comp_id 
_pdbx_struct_conn_angle.ptnr3_auth_seq_id 
_pdbx_struct_conn_angle.ptnr3_PDB_ins_code 
_pdbx_struct_conn_angle.ptnr3_symmetry 
_pdbx_struct_conn_angle.value 
_pdbx_struct_conn_angle.value_esd 
1  SD  ? A MET 10  ? A MET 10  ? 1_555 NI ? B NI . ? A NI 252 ? 1_555 OD1 ? A ASP 102 ? A ASP 102 ? 1_555 95.9  ? 
2  SD  ? A MET 10  ? A MET 10  ? 1_555 NI ? B NI . ? A NI 252 ? 1_555 O   ? A ASP 102 ? A ASP 102 ? 1_555 177.3 ? 
3  OD1 ? A ASP 102 ? A ASP 102 ? 1_555 NI ? B NI . ? A NI 252 ? 1_555 O   ? A ASP 102 ? A ASP 102 ? 1_555 85.6  ? 
4  SD  ? A MET 10  ? A MET 10  ? 1_555 NI ? B NI . ? A NI 252 ? 1_555 OE2 ? A GLU 105 ? A GLU 105 ? 1_555 89.1  ? 
5  OD1 ? A ASP 102 ? A ASP 102 ? 1_555 NI ? B NI . ? A NI 252 ? 1_555 OE2 ? A GLU 105 ? A GLU 105 ? 1_555 91.2  ? 
6  O   ? A ASP 102 ? A ASP 102 ? 1_555 NI ? B NI . ? A NI 252 ? 1_555 OE2 ? A GLU 105 ? A GLU 105 ? 1_555 93.1  ? 
7  SD  ? A MET 10  ? A MET 10  ? 1_555 NI ? B NI . ? A NI 252 ? 1_555 NE2 ? A HIS 106 ? A HIS 106 ? 1_555 86.0  ? 
8  OD1 ? A ASP 102 ? A ASP 102 ? 1_555 NI ? B NI . ? A NI 252 ? 1_555 NE2 ? A HIS 106 ? A HIS 106 ? 1_555 174.2 ? 
9  O   ? A ASP 102 ? A ASP 102 ? 1_555 NI ? B NI . ? A NI 252 ? 1_555 NE2 ? A HIS 106 ? A HIS 106 ? 1_555 92.3  ? 
10 OE2 ? A GLU 105 ? A GLU 105 ? 1_555 NI ? B NI . ? A NI 252 ? 1_555 NE2 ? A HIS 106 ? A HIS 106 ? 1_555 94.3  ? 
# 
loop_
_pdbx_audit_revision_history.ordinal 
_pdbx_audit_revision_history.data_content_type 
_pdbx_audit_revision_history.major_revision 
_pdbx_audit_revision_history.minor_revision 
_pdbx_audit_revision_history.revision_date 
1 'Structure model' 1 0 2005-08-16 
2 'Structure model' 1 1 2008-04-30 
3 'Structure model' 1 2 2011-07-13 
4 'Structure model' 1 3 2021-10-20 
5 'Structure model' 1 4 2023-08-23 
# 
_pdbx_audit_revision_details.ordinal             1 
_pdbx_audit_revision_details.revision_ordinal    1 
_pdbx_audit_revision_details.data_content_type   'Structure model' 
_pdbx_audit_revision_details.provider            repository 
_pdbx_audit_revision_details.type                'Initial release' 
_pdbx_audit_revision_details.description         ? 
_pdbx_audit_revision_details.details             ? 
# 
loop_
_pdbx_audit_revision_group.ordinal 
_pdbx_audit_revision_group.revision_ordinal 
_pdbx_audit_revision_group.data_content_type 
_pdbx_audit_revision_group.group 
1 2 'Structure model' 'Version format compliance' 
2 3 'Structure model' 'Derived calculations'      
3 3 'Structure model' 'Version format compliance' 
4 4 'Structure model' 'Database references'       
5 4 'Structure model' 'Derived calculations'      
6 5 'Structure model' 'Data collection'           
7 5 'Structure model' 'Refinement description'    
# 
loop_
_pdbx_audit_revision_category.ordinal 
_pdbx_audit_revision_category.revision_ordinal 
_pdbx_audit_revision_category.data_content_type 
_pdbx_audit_revision_category.category 
1 4 'Structure model' database_2                    
2 4 'Structure model' pdbx_struct_conn_angle        
3 4 'Structure model' struct_conn                   
4 4 'Structure model' struct_ref_seq_dif            
5 4 'Structure model' struct_site                   
6 5 'Structure model' chem_comp_atom                
7 5 'Structure model' chem_comp_bond                
8 5 'Structure model' pdbx_initial_refinement_model 
# 
loop_
_pdbx_audit_revision_item.ordinal 
_pdbx_audit_revision_item.revision_ordinal 
_pdbx_audit_revision_item.data_content_type 
_pdbx_audit_revision_item.item 
1  4 'Structure model' '_database_2.pdbx_DOI'                        
2  4 'Structure model' '_database_2.pdbx_database_accession'         
3  4 'Structure model' '_pdbx_struct_conn_angle.ptnr1_auth_comp_id'  
4  4 'Structure model' '_pdbx_struct_conn_angle.ptnr1_auth_seq_id'   
5  4 'Structure model' '_pdbx_struct_conn_angle.ptnr1_label_atom_id' 
6  4 'Structure model' '_pdbx_struct_conn_angle.ptnr1_label_comp_id' 
7  4 'Structure model' '_pdbx_struct_conn_angle.ptnr1_label_seq_id'  
8  4 'Structure model' '_pdbx_struct_conn_angle.ptnr3_auth_comp_id'  
9  4 'Structure model' '_pdbx_struct_conn_angle.ptnr3_auth_seq_id'   
10 4 'Structure model' '_pdbx_struct_conn_angle.ptnr3_label_atom_id' 
11 4 'Structure model' '_pdbx_struct_conn_angle.ptnr3_label_comp_id' 
12 4 'Structure model' '_pdbx_struct_conn_angle.ptnr3_label_seq_id'  
13 4 'Structure model' '_pdbx_struct_conn_angle.value'               
14 4 'Structure model' '_struct_conn.pdbx_dist_value'                
15 4 'Structure model' '_struct_conn.ptnr1_auth_comp_id'             
16 4 'Structure model' '_struct_conn.ptnr1_auth_seq_id'              
17 4 'Structure model' '_struct_conn.ptnr1_label_asym_id'            
18 4 'Structure model' '_struct_conn.ptnr1_label_atom_id'            
19 4 'Structure model' '_struct_conn.ptnr1_label_comp_id'            
20 4 'Structure model' '_struct_conn.ptnr1_label_seq_id'             
21 4 'Structure model' '_struct_conn.ptnr2_auth_comp_id'             
22 4 'Structure model' '_struct_conn.ptnr2_auth_seq_id'              
23 4 'Structure model' '_struct_conn.ptnr2_label_asym_id'            
24 4 'Structure model' '_struct_conn.ptnr2_label_atom_id'            
25 4 'Structure model' '_struct_conn.ptnr2_label_comp_id'            
26 4 'Structure model' '_struct_conn.ptnr2_label_seq_id'             
27 4 'Structure model' '_struct_ref_seq_dif.details'                 
28 4 'Structure model' '_struct_site.pdbx_auth_asym_id'              
29 4 'Structure model' '_struct_site.pdbx_auth_comp_id'              
30 4 'Structure model' '_struct_site.pdbx_auth_seq_id'               
# 
loop_
_software.name 
_software.classification 
_software.version 
_software.citation_id 
_software.pdbx_ordinal 
CNS    refinement       1.0 ? 1 
d*TREK 'data reduction' .   ? 2 
d*TREK 'data scaling'   .   ? 3 
EPMR   phasing          .   ? 4 
# 
loop_
_pdbx_validate_torsion.id 
_pdbx_validate_torsion.PDB_model_num 
_pdbx_validate_torsion.auth_comp_id 
_pdbx_validate_torsion.auth_asym_id 
_pdbx_validate_torsion.auth_seq_id 
_pdbx_validate_torsion.PDB_ins_code 
_pdbx_validate_torsion.label_alt_id 
_pdbx_validate_torsion.phi 
_pdbx_validate_torsion.psi 
1 1 VAL A 5   ? ? 68.42  -59.34 
2 1 LEU A 138 ? ? -54.85 90.70  
# 
loop_
_chem_comp_atom.comp_id 
_chem_comp_atom.atom_id 
_chem_comp_atom.type_symbol 
_chem_comp_atom.pdbx_aromatic_flag 
_chem_comp_atom.pdbx_stereo_config 
_chem_comp_atom.pdbx_ordinal 
ALA N    N  N N 1   
ALA CA   C  N S 2   
ALA C    C  N N 3   
ALA O    O  N N 4   
ALA CB   C  N N 5   
ALA OXT  O  N N 6   
ALA H    H  N N 7   
ALA H2   H  N N 8   
ALA HA   H  N N 9   
ALA HB1  H  N N 10  
ALA HB2  H  N N 11  
ALA HB3  H  N N 12  
ALA HXT  H  N N 13  
ARG N    N  N N 14  
ARG CA   C  N S 15  
ARG C    C  N N 16  
ARG O    O  N N 17  
ARG CB   C  N N 18  
ARG CG   C  N N 19  
ARG CD   C  N N 20  
ARG NE   N  N N 21  
ARG CZ   C  N N 22  
ARG NH1  N  N N 23  
ARG NH2  N  N N 24  
ARG OXT  O  N N 25  
ARG H    H  N N 26  
ARG H2   H  N N 27  
ARG HA   H  N N 28  
ARG HB2  H  N N 29  
ARG HB3  H  N N 30  
ARG HG2  H  N N 31  
ARG HG3  H  N N 32  
ARG HD2  H  N N 33  
ARG HD3  H  N N 34  
ARG HE   H  N N 35  
ARG HH11 H  N N 36  
ARG HH12 H  N N 37  
ARG HH21 H  N N 38  
ARG HH22 H  N N 39  
ARG HXT  H  N N 40  
ASN N    N  N N 41  
ASN CA   C  N S 42  
ASN C    C  N N 43  
ASN O    O  N N 44  
ASN CB   C  N N 45  
ASN CG   C  N N 46  
ASN OD1  O  N N 47  
ASN ND2  N  N N 48  
ASN OXT  O  N N 49  
ASN H    H  N N 50  
ASN H2   H  N N 51  
ASN HA   H  N N 52  
ASN HB2  H  N N 53  
ASN HB3  H  N N 54  
ASN HD21 H  N N 55  
ASN HD22 H  N N 56  
ASN HXT  H  N N 57  
ASP N    N  N N 58  
ASP CA   C  N S 59  
ASP C    C  N N 60  
ASP O    O  N N 61  
ASP CB   C  N N 62  
ASP CG   C  N N 63  
ASP OD1  O  N N 64  
ASP OD2  O  N N 65  
ASP OXT  O  N N 66  
ASP H    H  N N 67  
ASP H2   H  N N 68  
ASP HA   H  N N 69  
ASP HB2  H  N N 70  
ASP HB3  H  N N 71  
ASP HD2  H  N N 72  
ASP HXT  H  N N 73  
CYS N    N  N N 74  
CYS CA   C  N R 75  
CYS C    C  N N 76  
CYS O    O  N N 77  
CYS CB   C  N N 78  
CYS SG   S  N N 79  
CYS OXT  O  N N 80  
CYS H    H  N N 81  
CYS H2   H  N N 82  
CYS HA   H  N N 83  
CYS HB2  H  N N 84  
CYS HB3  H  N N 85  
CYS HG   H  N N 86  
CYS HXT  H  N N 87  
GLN N    N  N N 88  
GLN CA   C  N S 89  
GLN C    C  N N 90  
GLN O    O  N N 91  
GLN CB   C  N N 92  
GLN CG   C  N N 93  
GLN CD   C  N N 94  
GLN OE1  O  N N 95  
GLN NE2  N  N N 96  
GLN OXT  O  N N 97  
GLN H    H  N N 98  
GLN H2   H  N N 99  
GLN HA   H  N N 100 
GLN HB2  H  N N 101 
GLN HB3  H  N N 102 
GLN HG2  H  N N 103 
GLN HG3  H  N N 104 
GLN HE21 H  N N 105 
GLN HE22 H  N N 106 
GLN HXT  H  N N 107 
GLU N    N  N N 108 
GLU CA   C  N S 109 
GLU C    C  N N 110 
GLU O    O  N N 111 
GLU CB   C  N N 112 
GLU CG   C  N N 113 
GLU CD   C  N N 114 
GLU OE1  O  N N 115 
GLU OE2  O  N N 116 
GLU OXT  O  N N 117 
GLU H    H  N N 118 
GLU H2   H  N N 119 
GLU HA   H  N N 120 
GLU HB2  H  N N 121 
GLU HB3  H  N N 122 
GLU HG2  H  N N 123 
GLU HG3  H  N N 124 
GLU HE2  H  N N 125 
GLU HXT  H  N N 126 
GLY N    N  N N 127 
GLY CA   C  N N 128 
GLY C    C  N N 129 
GLY O    O  N N 130 
GLY OXT  O  N N 131 
GLY H    H  N N 132 
GLY H2   H  N N 133 
GLY HA2  H  N N 134 
GLY HA3  H  N N 135 
GLY HXT  H  N N 136 
HIS N    N  N N 137 
HIS CA   C  N S 138 
HIS C    C  N N 139 
HIS O    O  N N 140 
HIS CB   C  N N 141 
HIS CG   C  Y N 142 
HIS ND1  N  Y N 143 
HIS CD2  C  Y N 144 
HIS CE1  C  Y N 145 
HIS NE2  N  Y N 146 
HIS OXT  O  N N 147 
HIS H    H  N N 148 
HIS H2   H  N N 149 
HIS HA   H  N N 150 
HIS HB2  H  N N 151 
HIS HB3  H  N N 152 
HIS HD1  H  N N 153 
HIS HD2  H  N N 154 
HIS HE1  H  N N 155 
HIS HE2  H  N N 156 
HIS HXT  H  N N 157 
HOH O    O  N N 158 
HOH H1   H  N N 159 
HOH H2   H  N N 160 
ILE N    N  N N 161 
ILE CA   C  N S 162 
ILE C    C  N N 163 
ILE O    O  N N 164 
ILE CB   C  N S 165 
ILE CG1  C  N N 166 
ILE CG2  C  N N 167 
ILE CD1  C  N N 168 
ILE OXT  O  N N 169 
ILE H    H  N N 170 
ILE H2   H  N N 171 
ILE HA   H  N N 172 
ILE HB   H  N N 173 
ILE HG12 H  N N 174 
ILE HG13 H  N N 175 
ILE HG21 H  N N 176 
ILE HG22 H  N N 177 
ILE HG23 H  N N 178 
ILE HD11 H  N N 179 
ILE HD12 H  N N 180 
ILE HD13 H  N N 181 
ILE HXT  H  N N 182 
LEU N    N  N N 183 
LEU CA   C  N S 184 
LEU C    C  N N 185 
LEU O    O  N N 186 
LEU CB   C  N N 187 
LEU CG   C  N N 188 
LEU CD1  C  N N 189 
LEU CD2  C  N N 190 
LEU OXT  O  N N 191 
LEU H    H  N N 192 
LEU H2   H  N N 193 
LEU HA   H  N N 194 
LEU HB2  H  N N 195 
LEU HB3  H  N N 196 
LEU HG   H  N N 197 
LEU HD11 H  N N 198 
LEU HD12 H  N N 199 
LEU HD13 H  N N 200 
LEU HD21 H  N N 201 
LEU HD22 H  N N 202 
LEU HD23 H  N N 203 
LEU HXT  H  N N 204 
LYS N    N  N N 205 
LYS CA   C  N S 206 
LYS C    C  N N 207 
LYS O    O  N N 208 
LYS CB   C  N N 209 
LYS CG   C  N N 210 
LYS CD   C  N N 211 
LYS CE   C  N N 212 
LYS NZ   N  N N 213 
LYS OXT  O  N N 214 
LYS H    H  N N 215 
LYS H2   H  N N 216 
LYS HA   H  N N 217 
LYS HB2  H  N N 218 
LYS HB3  H  N N 219 
LYS HG2  H  N N 220 
LYS HG3  H  N N 221 
LYS HD2  H  N N 222 
LYS HD3  H  N N 223 
LYS HE2  H  N N 224 
LYS HE3  H  N N 225 
LYS HZ1  H  N N 226 
LYS HZ2  H  N N 227 
LYS HZ3  H  N N 228 
LYS HXT  H  N N 229 
MET N    N  N N 230 
MET CA   C  N S 231 
MET C    C  N N 232 
MET O    O  N N 233 
MET CB   C  N N 234 
MET CG   C  N N 235 
MET SD   S  N N 236 
MET CE   C  N N 237 
MET OXT  O  N N 238 
MET H    H  N N 239 
MET H2   H  N N 240 
MET HA   H  N N 241 
MET HB2  H  N N 242 
MET HB3  H  N N 243 
MET HG2  H  N N 244 
MET HG3  H  N N 245 
MET HE1  H  N N 246 
MET HE2  H  N N 247 
MET HE3  H  N N 248 
MET HXT  H  N N 249 
NI  NI   NI N N 250 
PHE N    N  N N 251 
PHE CA   C  N S 252 
PHE C    C  N N 253 
PHE O    O  N N 254 
PHE CB   C  N N 255 
PHE CG   C  Y N 256 
PHE CD1  C  Y N 257 
PHE CD2  C  Y N 258 
PHE CE1  C  Y N 259 
PHE CE2  C  Y N 260 
PHE CZ   C  Y N 261 
PHE OXT  O  N N 262 
PHE H    H  N N 263 
PHE H2   H  N N 264 
PHE HA   H  N N 265 
PHE HB2  H  N N 266 
PHE HB3  H  N N 267 
PHE HD1  H  N N 268 
PHE HD2  H  N N 269 
PHE HE1  H  N N 270 
PHE HE2  H  N N 271 
PHE HZ   H  N N 272 
PHE HXT  H  N N 273 
PRO N    N  N N 274 
PRO CA   C  N S 275 
PRO C    C  N N 276 
PRO O    O  N N 277 
PRO CB   C  N N 278 
PRO CG   C  N N 279 
PRO CD   C  N N 280 
PRO OXT  O  N N 281 
PRO H    H  N N 282 
PRO HA   H  N N 283 
PRO HB2  H  N N 284 
PRO HB3  H  N N 285 
PRO HG2  H  N N 286 
PRO HG3  H  N N 287 
PRO HD2  H  N N 288 
PRO HD3  H  N N 289 
PRO HXT  H  N N 290 
SER N    N  N N 291 
SER CA   C  N S 292 
SER C    C  N N 293 
SER O    O  N N 294 
SER CB   C  N N 295 
SER OG   O  N N 296 
SER OXT  O  N N 297 
SER H    H  N N 298 
SER H2   H  N N 299 
SER HA   H  N N 300 
SER HB2  H  N N 301 
SER HB3  H  N N 302 
SER HG   H  N N 303 
SER HXT  H  N N 304 
THR N    N  N N 305 
THR CA   C  N S 306 
THR C    C  N N 307 
THR O    O  N N 308 
THR CB   C  N R 309 
THR OG1  O  N N 310 
THR CG2  C  N N 311 
THR OXT  O  N N 312 
THR H    H  N N 313 
THR H2   H  N N 314 
THR HA   H  N N 315 
THR HB   H  N N 316 
THR HG1  H  N N 317 
THR HG21 H  N N 318 
THR HG22 H  N N 319 
THR HG23 H  N N 320 
THR HXT  H  N N 321 
TRP N    N  N N 322 
TRP CA   C  N S 323 
TRP C    C  N N 324 
TRP O    O  N N 325 
TRP CB   C  N N 326 
TRP CG   C  Y N 327 
TRP CD1  C  Y N 328 
TRP CD2  C  Y N 329 
TRP NE1  N  Y N 330 
TRP CE2  C  Y N 331 
TRP CE3  C  Y N 332 
TRP CZ2  C  Y N 333 
TRP CZ3  C  Y N 334 
TRP CH2  C  Y N 335 
TRP OXT  O  N N 336 
TRP H    H  N N 337 
TRP H2   H  N N 338 
TRP HA   H  N N 339 
TRP HB2  H  N N 340 
TRP HB3  H  N N 341 
TRP HD1  H  N N 342 
TRP HE1  H  N N 343 
TRP HE3  H  N N 344 
TRP HZ2  H  N N 345 
TRP HZ3  H  N N 346 
TRP HH2  H  N N 347 
TRP HXT  H  N N 348 
TYR N    N  N N 349 
TYR CA   C  N S 350 
TYR C    C  N N 351 
TYR O    O  N N 352 
TYR CB   C  N N 353 
TYR CG   C  Y N 354 
TYR CD1  C  Y N 355 
TYR CD2  C  Y N 356 
TYR CE1  C  Y N 357 
TYR CE2  C  Y N 358 
TYR CZ   C  Y N 359 
TYR OH   O  N N 360 
TYR OXT  O  N N 361 
TYR H    H  N N 362 
TYR H2   H  N N 363 
TYR HA   H  N N 364 
TYR HB2  H  N N 365 
TYR HB3  H  N N 366 
TYR HD1  H  N N 367 
TYR HD2  H  N N 368 
TYR HE1  H  N N 369 
TYR HE2  H  N N 370 
TYR HH   H  N N 371 
TYR HXT  H  N N 372 
VAL N    N  N N 373 
VAL CA   C  N S 374 
VAL C    C  N N 375 
VAL O    O  N N 376 
VAL CB   C  N N 377 
VAL CG1  C  N N 378 
VAL CG2  C  N N 379 
VAL OXT  O  N N 380 
VAL H    H  N N 381 
VAL H2   H  N N 382 
VAL HA   H  N N 383 
VAL HB   H  N N 384 
VAL HG11 H  N N 385 
VAL HG12 H  N N 386 
VAL HG13 H  N N 387 
VAL HG21 H  N N 388 
VAL HG22 H  N N 389 
VAL HG23 H  N N 390 
VAL HXT  H  N N 391 
# 
loop_
_chem_comp_bond.comp_id 
_chem_comp_bond.atom_id_1 
_chem_comp_bond.atom_id_2 
_chem_comp_bond.value_order 
_chem_comp_bond.pdbx_aromatic_flag 
_chem_comp_bond.pdbx_stereo_config 
_chem_comp_bond.pdbx_ordinal 
ALA N   CA   sing N N 1   
ALA N   H    sing N N 2   
ALA N   H2   sing N N 3   
ALA CA  C    sing N N 4   
ALA CA  CB   sing N N 5   
ALA CA  HA   sing N N 6   
ALA C   O    doub N N 7   
ALA C   OXT  sing N N 8   
ALA CB  HB1  sing N N 9   
ALA CB  HB2  sing N N 10  
ALA CB  HB3  sing N N 11  
ALA OXT HXT  sing N N 12  
ARG N   CA   sing N N 13  
ARG N   H    sing N N 14  
ARG N   H2   sing N N 15  
ARG CA  C    sing N N 16  
ARG CA  CB   sing N N 17  
ARG CA  HA   sing N N 18  
ARG C   O    doub N N 19  
ARG C   OXT  sing N N 20  
ARG CB  CG   sing N N 21  
ARG CB  HB2  sing N N 22  
ARG CB  HB3  sing N N 23  
ARG CG  CD   sing N N 24  
ARG CG  HG2  sing N N 25  
ARG CG  HG3  sing N N 26  
ARG CD  NE   sing N N 27  
ARG CD  HD2  sing N N 28  
ARG CD  HD3  sing N N 29  
ARG NE  CZ   sing N N 30  
ARG NE  HE   sing N N 31  
ARG CZ  NH1  sing N N 32  
ARG CZ  NH2  doub N N 33  
ARG NH1 HH11 sing N N 34  
ARG NH1 HH12 sing N N 35  
ARG NH2 HH21 sing N N 36  
ARG NH2 HH22 sing N N 37  
ARG OXT HXT  sing N N 38  
ASN N   CA   sing N N 39  
ASN N   H    sing N N 40  
ASN N   H2   sing N N 41  
ASN CA  C    sing N N 42  
ASN CA  CB   sing N N 43  
ASN CA  HA   sing N N 44  
ASN C   O    doub N N 45  
ASN C   OXT  sing N N 46  
ASN CB  CG   sing N N 47  
ASN CB  HB2  sing N N 48  
ASN CB  HB3  sing N N 49  
ASN CG  OD1  doub N N 50  
ASN CG  ND2  sing N N 51  
ASN ND2 HD21 sing N N 52  
ASN ND2 HD22 sing N N 53  
ASN OXT HXT  sing N N 54  
ASP N   CA   sing N N 55  
ASP N   H    sing N N 56  
ASP N   H2   sing N N 57  
ASP CA  C    sing N N 58  
ASP CA  CB   sing N N 59  
ASP CA  HA   sing N N 60  
ASP C   O    doub N N 61  
ASP C   OXT  sing N N 62  
ASP CB  CG   sing N N 63  
ASP CB  HB2  sing N N 64  
ASP CB  HB3  sing N N 65  
ASP CG  OD1  doub N N 66  
ASP CG  OD2  sing N N 67  
ASP OD2 HD2  sing N N 68  
ASP OXT HXT  sing N N 69  
CYS N   CA   sing N N 70  
CYS N   H    sing N N 71  
CYS N   H2   sing N N 72  
CYS CA  C    sing N N 73  
CYS CA  CB   sing N N 74  
CYS CA  HA   sing N N 75  
CYS C   O    doub N N 76  
CYS C   OXT  sing N N 77  
CYS CB  SG   sing N N 78  
CYS CB  HB2  sing N N 79  
CYS CB  HB3  sing N N 80  
CYS SG  HG   sing N N 81  
CYS OXT HXT  sing N N 82  
GLN N   CA   sing N N 83  
GLN N   H    sing N N 84  
GLN N   H2   sing N N 85  
GLN CA  C    sing N N 86  
GLN CA  CB   sing N N 87  
GLN CA  HA   sing N N 88  
GLN C   O    doub N N 89  
GLN C   OXT  sing N N 90  
GLN CB  CG   sing N N 91  
GLN CB  HB2  sing N N 92  
GLN CB  HB3  sing N N 93  
GLN CG  CD   sing N N 94  
GLN CG  HG2  sing N N 95  
GLN CG  HG3  sing N N 96  
GLN CD  OE1  doub N N 97  
GLN CD  NE2  sing N N 98  
GLN NE2 HE21 sing N N 99  
GLN NE2 HE22 sing N N 100 
GLN OXT HXT  sing N N 101 
GLU N   CA   sing N N 102 
GLU N   H    sing N N 103 
GLU N   H2   sing N N 104 
GLU CA  C    sing N N 105 
GLU CA  CB   sing N N 106 
GLU CA  HA   sing N N 107 
GLU C   O    doub N N 108 
GLU C   OXT  sing N N 109 
GLU CB  CG   sing N N 110 
GLU CB  HB2  sing N N 111 
GLU CB  HB3  sing N N 112 
GLU CG  CD   sing N N 113 
GLU CG  HG2  sing N N 114 
GLU CG  HG3  sing N N 115 
GLU CD  OE1  doub N N 116 
GLU CD  OE2  sing N N 117 
GLU OE2 HE2  sing N N 118 
GLU OXT HXT  sing N N 119 
GLY N   CA   sing N N 120 
GLY N   H    sing N N 121 
GLY N   H2   sing N N 122 
GLY CA  C    sing N N 123 
GLY CA  HA2  sing N N 124 
GLY CA  HA3  sing N N 125 
GLY C   O    doub N N 126 
GLY C   OXT  sing N N 127 
GLY OXT HXT  sing N N 128 
HIS N   CA   sing N N 129 
HIS N   H    sing N N 130 
HIS N   H2   sing N N 131 
HIS CA  C    sing N N 132 
HIS CA  CB   sing N N 133 
HIS CA  HA   sing N N 134 
HIS C   O    doub N N 135 
HIS C   OXT  sing N N 136 
HIS CB  CG   sing N N 137 
HIS CB  HB2  sing N N 138 
HIS CB  HB3  sing N N 139 
HIS CG  ND1  sing Y N 140 
HIS CG  CD2  doub Y N 141 
HIS ND1 CE1  doub Y N 142 
HIS ND1 HD1  sing N N 143 
HIS CD2 NE2  sing Y N 144 
HIS CD2 HD2  sing N N 145 
HIS CE1 NE2  sing Y N 146 
HIS CE1 HE1  sing N N 147 
HIS NE2 HE2  sing N N 148 
HIS OXT HXT  sing N N 149 
HOH O   H1   sing N N 150 
HOH O   H2   sing N N 151 
ILE N   CA   sing N N 152 
ILE N   H    sing N N 153 
ILE N   H2   sing N N 154 
ILE CA  C    sing N N 155 
ILE CA  CB   sing N N 156 
ILE CA  HA   sing N N 157 
ILE C   O    doub N N 158 
ILE C   OXT  sing N N 159 
ILE CB  CG1  sing N N 160 
ILE CB  CG2  sing N N 161 
ILE CB  HB   sing N N 162 
ILE CG1 CD1  sing N N 163 
ILE CG1 HG12 sing N N 164 
ILE CG1 HG13 sing N N 165 
ILE CG2 HG21 sing N N 166 
ILE CG2 HG22 sing N N 167 
ILE CG2 HG23 sing N N 168 
ILE CD1 HD11 sing N N 169 
ILE CD1 HD12 sing N N 170 
ILE CD1 HD13 sing N N 171 
ILE OXT HXT  sing N N 172 
LEU N   CA   sing N N 173 
LEU N   H    sing N N 174 
LEU N   H2   sing N N 175 
LEU CA  C    sing N N 176 
LEU CA  CB   sing N N 177 
LEU CA  HA   sing N N 178 
LEU C   O    doub N N 179 
LEU C   OXT  sing N N 180 
LEU CB  CG   sing N N 181 
LEU CB  HB2  sing N N 182 
LEU CB  HB3  sing N N 183 
LEU CG  CD1  sing N N 184 
LEU CG  CD2  sing N N 185 
LEU CG  HG   sing N N 186 
LEU CD1 HD11 sing N N 187 
LEU CD1 HD12 sing N N 188 
LEU CD1 HD13 sing N N 189 
LEU CD2 HD21 sing N N 190 
LEU CD2 HD22 sing N N 191 
LEU CD2 HD23 sing N N 192 
LEU OXT HXT  sing N N 193 
LYS N   CA   sing N N 194 
LYS N   H    sing N N 195 
LYS N   H2   sing N N 196 
LYS CA  C    sing N N 197 
LYS CA  CB   sing N N 198 
LYS CA  HA   sing N N 199 
LYS C   O    doub N N 200 
LYS C   OXT  sing N N 201 
LYS CB  CG   sing N N 202 
LYS CB  HB2  sing N N 203 
LYS CB  HB3  sing N N 204 
LYS CG  CD   sing N N 205 
LYS CG  HG2  sing N N 206 
LYS CG  HG3  sing N N 207 
LYS CD  CE   sing N N 208 
LYS CD  HD2  sing N N 209 
LYS CD  HD3  sing N N 210 
LYS CE  NZ   sing N N 211 
LYS CE  HE2  sing N N 212 
LYS CE  HE3  sing N N 213 
LYS NZ  HZ1  sing N N 214 
LYS NZ  HZ2  sing N N 215 
LYS NZ  HZ3  sing N N 216 
LYS OXT HXT  sing N N 217 
MET N   CA   sing N N 218 
MET N   H    sing N N 219 
MET N   H2   sing N N 220 
MET CA  C    sing N N 221 
MET CA  CB   sing N N 222 
MET CA  HA   sing N N 223 
MET C   O    doub N N 224 
MET C   OXT  sing N N 225 
MET CB  CG   sing N N 226 
MET CB  HB2  sing N N 227 
MET CB  HB3  sing N N 228 
MET CG  SD   sing N N 229 
MET CG  HG2  sing N N 230 
MET CG  HG3  sing N N 231 
MET SD  CE   sing N N 232 
MET CE  HE1  sing N N 233 
MET CE  HE2  sing N N 234 
MET CE  HE3  sing N N 235 
MET OXT HXT  sing N N 236 
PHE N   CA   sing N N 237 
PHE N   H    sing N N 238 
PHE N   H2   sing N N 239 
PHE CA  C    sing N N 240 
PHE CA  CB   sing N N 241 
PHE CA  HA   sing N N 242 
PHE C   O    doub N N 243 
PHE C   OXT  sing N N 244 
PHE CB  CG   sing N N 245 
PHE CB  HB2  sing N N 246 
PHE CB  HB3  sing N N 247 
PHE CG  CD1  doub Y N 248 
PHE CG  CD2  sing Y N 249 
PHE CD1 CE1  sing Y N 250 
PHE CD1 HD1  sing N N 251 
PHE CD2 CE2  doub Y N 252 
PHE CD2 HD2  sing N N 253 
PHE CE1 CZ   doub Y N 254 
PHE CE1 HE1  sing N N 255 
PHE CE2 CZ   sing Y N 256 
PHE CE2 HE2  sing N N 257 
PHE CZ  HZ   sing N N 258 
PHE OXT HXT  sing N N 259 
PRO N   CA   sing N N 260 
PRO N   CD   sing N N 261 
PRO N   H    sing N N 262 
PRO CA  C    sing N N 263 
PRO CA  CB   sing N N 264 
PRO CA  HA   sing N N 265 
PRO C   O    doub N N 266 
PRO C   OXT  sing N N 267 
PRO CB  CG   sing N N 268 
PRO CB  HB2  sing N N 269 
PRO CB  HB3  sing N N 270 
PRO CG  CD   sing N N 271 
PRO CG  HG2  sing N N 272 
PRO CG  HG3  sing N N 273 
PRO CD  HD2  sing N N 274 
PRO CD  HD3  sing N N 275 
PRO OXT HXT  sing N N 276 
SER N   CA   sing N N 277 
SER N   H    sing N N 278 
SER N   H2   sing N N 279 
SER CA  C    sing N N 280 
SER CA  CB   sing N N 281 
SER CA  HA   sing N N 282 
SER C   O    doub N N 283 
SER C   OXT  sing N N 284 
SER CB  OG   sing N N 285 
SER CB  HB2  sing N N 286 
SER CB  HB3  sing N N 287 
SER OG  HG   sing N N 288 
SER OXT HXT  sing N N 289 
THR N   CA   sing N N 290 
THR N   H    sing N N 291 
THR N   H2   sing N N 292 
THR CA  C    sing N N 293 
THR CA  CB   sing N N 294 
THR CA  HA   sing N N 295 
THR C   O    doub N N 296 
THR C   OXT  sing N N 297 
THR CB  OG1  sing N N 298 
THR CB  CG2  sing N N 299 
THR CB  HB   sing N N 300 
THR OG1 HG1  sing N N 301 
THR CG2 HG21 sing N N 302 
THR CG2 HG22 sing N N 303 
THR CG2 HG23 sing N N 304 
THR OXT HXT  sing N N 305 
TRP N   CA   sing N N 306 
TRP N   H    sing N N 307 
TRP N   H2   sing N N 308 
TRP CA  C    sing N N 309 
TRP CA  CB   sing N N 310 
TRP CA  HA   sing N N 311 
TRP C   O    doub N N 312 
TRP C   OXT  sing N N 313 
TRP CB  CG   sing N N 314 
TRP CB  HB2  sing N N 315 
TRP CB  HB3  sing N N 316 
TRP CG  CD1  doub Y N 317 
TRP CG  CD2  sing Y N 318 
TRP CD1 NE1  sing Y N 319 
TRP CD1 HD1  sing N N 320 
TRP CD2 CE2  doub Y N 321 
TRP CD2 CE3  sing Y N 322 
TRP NE1 CE2  sing Y N 323 
TRP NE1 HE1  sing N N 324 
TRP CE2 CZ2  sing Y N 325 
TRP CE3 CZ3  doub Y N 326 
TRP CE3 HE3  sing N N 327 
TRP CZ2 CH2  doub Y N 328 
TRP CZ2 HZ2  sing N N 329 
TRP CZ3 CH2  sing Y N 330 
TRP CZ3 HZ3  sing N N 331 
TRP CH2 HH2  sing N N 332 
TRP OXT HXT  sing N N 333 
TYR N   CA   sing N N 334 
TYR N   H    sing N N 335 
TYR N   H2   sing N N 336 
TYR CA  C    sing N N 337 
TYR CA  CB   sing N N 338 
TYR CA  HA   sing N N 339 
TYR C   O    doub N N 340 
TYR C   OXT  sing N N 341 
TYR CB  CG   sing N N 342 
TYR CB  HB2  sing N N 343 
TYR CB  HB3  sing N N 344 
TYR CG  CD1  doub Y N 345 
TYR CG  CD2  sing Y N 346 
TYR CD1 CE1  sing Y N 347 
TYR CD1 HD1  sing N N 348 
TYR CD2 CE2  doub Y N 349 
TYR CD2 HD2  sing N N 350 
TYR CE1 CZ   doub Y N 351 
TYR CE1 HE1  sing N N 352 
TYR CE2 CZ   sing Y N 353 
TYR CE2 HE2  sing N N 354 
TYR CZ  OH   sing N N 355 
TYR OH  HH   sing N N 356 
TYR OXT HXT  sing N N 357 
VAL N   CA   sing N N 358 
VAL N   H    sing N N 359 
VAL N   H2   sing N N 360 
VAL CA  C    sing N N 361 
VAL CA  CB   sing N N 362 
VAL CA  HA   sing N N 363 
VAL C   O    doub N N 364 
VAL C   OXT  sing N N 365 
VAL CB  CG1  sing N N 366 
VAL CB  CG2  sing N N 367 
VAL CB  HB   sing N N 368 
VAL CG1 HG11 sing N N 369 
VAL CG1 HG12 sing N N 370 
VAL CG1 HG13 sing N N 371 
VAL CG2 HG21 sing N N 372 
VAL CG2 HG22 sing N N 373 
VAL CG2 HG23 sing N N 374 
VAL OXT HXT  sing N N 375 
# 
loop_
_pdbx_entity_nonpoly.entity_id 
_pdbx_entity_nonpoly.name 
_pdbx_entity_nonpoly.comp_id 
2 'NICKEL (II) ION' NI  
3 water             HOH 
# 
_pdbx_initial_refinement_model.id               1 
_pdbx_initial_refinement_model.entity_id_list   ? 
_pdbx_initial_refinement_model.type             'experimental model' 
_pdbx_initial_refinement_model.source_name      PDB 
_pdbx_initial_refinement_model.accession_code   2TDX 
_pdbx_initial_refinement_model.details          'PDB entry 2TDX' 
# 
